data_8RKS
#
_entry.id   8RKS
#
_cell.length_a   59.267
_cell.length_b   139.095
_cell.length_c   146.147
_cell.angle_alpha   90.00
_cell.angle_beta   90.00
_cell.angle_gamma   90.00
#
_symmetry.space_group_name_H-M   'P 1 21 1'
#
loop_
_entity.id
_entity.type
_entity.pdbx_description
1 polymer 'Vacuolar protein sorting-associated protein 29'
2 polymer 'Vacuolar protein sorting-associated protein 35'
3 polymer 'WASH complex subunit 2A'
#
loop_
_entity_poly.entity_id
_entity_poly.type
_entity_poly.pdbx_seq_one_letter_code
_entity_poly.pdbx_strand_id
1 'polypeptide(L)'
;MLVLVLGDLHIPHRCNSLPAKFKKLLVPGKIQHILCTGNLCTKESYDYLKTLAGDVHIVRGDFDENLNYPEQKVVTVGQF
KIGLIHGHQVIPWGDMASLALLQRQFDVDILISGHTHKFEAFEHENKFYINPGSATGAYNALETNIIPSFVLMDIQASTV
VTYVYQLIGDDVKVERIEYKKP
;
A,C,E,G
2 'polypeptide(L)'
;QPDQPVEDPDPEDFADEQSLVGRFIHLLRSEDPDQQYLILNTARKHFGAGGNQRIRFTLPPLVFAAYQLAFRYKENSKVD
DKWEKKCQKIFSFAHQTISALIKAELAELPLRLFLQGALAAGEIGFENHETVAYEFMSQAFSLYEDEISDSKAQLAAITL
IIGTFERMKCFSEENHEPLRTQCALAASKLLKKPDQGRAVSTCAHLFWSGRNTDKNGEELHGGKRVMECLKKALKIANQC
MDPSLQVQLFIEILNRYIYFYEKENDAVTIQVLNQLIQKIREDLPNLESSEETEQINKHFHNTLEHLRLRR
;
B,D,F,H
3 'polypeptide(L)' DDPLNAF K,I,J,L
#
# COMPACT_ATOMS: atom_id res chain seq x y z
N MET A 1 20.66 11.47 -11.19
CA MET A 1 19.27 11.47 -11.67
C MET A 1 18.83 10.09 -12.14
N LEU A 2 17.81 9.55 -11.47
CA LEU A 2 17.19 8.31 -11.92
C LEU A 2 15.70 8.37 -11.62
N VAL A 3 14.89 7.94 -12.59
CA VAL A 3 13.45 8.08 -12.54
C VAL A 3 12.80 6.71 -12.52
N LEU A 4 11.70 6.60 -11.77
CA LEU A 4 10.89 5.39 -11.73
C LEU A 4 9.68 5.59 -12.64
N VAL A 5 9.44 4.63 -13.54
CA VAL A 5 8.33 4.69 -14.49
C VAL A 5 7.44 3.48 -14.23
N LEU A 6 6.18 3.75 -13.91
CA LEU A 6 5.22 2.69 -13.61
C LEU A 6 3.82 3.25 -13.78
N GLY A 7 2.83 2.37 -13.66
CA GLY A 7 1.44 2.79 -13.74
C GLY A 7 0.54 1.61 -14.00
N ASP A 8 -0.76 1.93 -14.08
CA ASP A 8 -1.81 0.95 -14.34
C ASP A 8 -1.84 -0.13 -13.26
N LEU A 9 -1.82 0.33 -12.01
CA LEU A 9 -1.92 -0.60 -10.89
C LEU A 9 -3.32 -1.19 -10.80
N HIS A 10 -4.34 -0.36 -11.02
CA HIS A 10 -5.75 -0.78 -10.96
C HIS A 10 -6.08 -1.45 -9.63
N ILE A 11 -5.59 -0.87 -8.55
CA ILE A 11 -5.93 -1.28 -7.20
C ILE A 11 -7.04 -0.37 -6.70
N PRO A 12 -8.15 -0.91 -6.17
CA PRO A 12 -8.40 -2.34 -5.99
C PRO A 12 -9.26 -2.97 -7.08
N HIS A 13 -9.44 -2.28 -8.21
CA HIS A 13 -10.34 -2.76 -9.24
C HIS A 13 -9.89 -4.11 -9.80
N ARG A 14 -8.59 -4.27 -10.03
CA ARG A 14 -8.08 -5.47 -10.68
C ARG A 14 -6.98 -6.18 -9.90
N CYS A 15 -6.31 -5.51 -8.96
CA CYS A 15 -5.33 -6.15 -8.10
C CYS A 15 -5.52 -5.59 -6.69
N ASN A 16 -4.58 -5.91 -5.79
CA ASN A 16 -4.68 -5.45 -4.41
C ASN A 16 -3.38 -4.78 -3.96
N SER A 17 -2.26 -5.21 -4.54
CA SER A 17 -0.95 -4.66 -4.19
C SER A 17 0.05 -5.12 -5.24
N LEU A 18 1.23 -4.50 -5.21
CA LEU A 18 2.33 -4.95 -6.03
C LEU A 18 2.79 -6.33 -5.58
N PRO A 19 3.46 -7.08 -6.46
CA PRO A 19 4.04 -8.36 -6.02
C PRO A 19 5.03 -8.16 -4.89
N ALA A 20 5.26 -9.25 -4.15
CA ALA A 20 6.07 -9.16 -2.93
C ALA A 20 7.47 -8.64 -3.21
N LYS A 21 8.09 -9.12 -4.29
CA LYS A 21 9.45 -8.69 -4.60
C LYS A 21 9.52 -7.25 -5.10
N PHE A 22 8.42 -6.73 -5.64
CA PHE A 22 8.41 -5.33 -6.07
C PHE A 22 8.38 -4.38 -4.87
N LYS A 23 7.60 -4.74 -3.84
CA LYS A 23 7.55 -3.93 -2.63
C LYS A 23 8.88 -3.93 -1.89
N LYS A 24 9.67 -4.98 -2.04
CA LYS A 24 10.98 -5.04 -1.39
C LYS A 24 11.97 -4.11 -2.09
N LEU A 25 11.93 -4.07 -3.42
CA LEU A 25 12.85 -3.22 -4.16
C LEU A 25 12.51 -1.74 -4.01
N LEU A 26 11.22 -1.41 -4.08
CA LEU A 26 10.77 -0.03 -4.04
C LEU A 26 10.73 0.44 -2.59
N VAL A 27 11.80 1.11 -2.15
CA VAL A 27 11.89 1.65 -0.79
C VAL A 27 12.44 3.06 -0.85
N PRO A 28 12.07 3.90 0.11
CA PRO A 28 12.37 5.33 0.02
C PRO A 28 13.86 5.63 0.04
N GLY A 29 14.17 6.90 -0.27
CA GLY A 29 15.52 7.42 -0.18
C GLY A 29 16.45 7.06 -1.31
N LYS A 30 15.96 6.37 -2.34
CA LYS A 30 16.82 5.84 -3.40
C LYS A 30 16.51 6.39 -4.78
N ILE A 31 15.31 6.89 -5.03
CA ILE A 31 14.90 7.38 -6.33
C ILE A 31 14.51 8.84 -6.19
N GLN A 32 14.91 9.65 -7.18
CA GLN A 32 14.66 11.08 -7.15
C GLN A 32 13.29 11.44 -7.73
N HIS A 33 12.97 10.95 -8.92
CA HIS A 33 11.75 11.30 -9.62
C HIS A 33 10.93 10.06 -9.92
N ILE A 34 9.60 10.23 -9.95
CA ILE A 34 8.67 9.16 -10.29
C ILE A 34 7.65 9.72 -11.27
N LEU A 35 7.52 9.08 -12.43
CA LEU A 35 6.53 9.44 -13.43
C LEU A 35 5.53 8.30 -13.56
N CYS A 36 4.27 8.59 -13.25
CA CYS A 36 3.21 7.59 -13.23
C CYS A 36 2.26 7.81 -14.41
N THR A 37 1.97 6.73 -15.13
CA THR A 37 1.07 6.83 -16.28
C THR A 37 -0.39 6.95 -15.87
N GLY A 38 -0.76 6.50 -14.68
CA GLY A 38 -2.11 6.63 -14.18
C GLY A 38 -2.70 5.30 -13.77
N ASN A 39 -4.02 5.33 -13.53
CA ASN A 39 -4.75 4.17 -13.01
C ASN A 39 -4.10 3.61 -11.75
N LEU A 40 -4.36 4.26 -10.61
CA LEU A 40 -3.76 3.85 -9.35
C LEU A 40 -4.60 2.84 -8.57
N CYS A 41 -5.89 3.10 -8.31
CA CYS A 41 -6.66 4.28 -8.72
C CYS A 41 -7.19 5.05 -7.51
N THR A 42 -6.41 5.09 -6.43
CA THR A 42 -6.86 5.70 -5.19
C THR A 42 -5.69 6.34 -4.46
N LYS A 43 -6.02 7.09 -3.41
CA LYS A 43 -5.00 7.75 -2.60
C LYS A 43 -4.11 6.76 -1.88
N GLU A 44 -4.63 5.56 -1.57
CA GLU A 44 -3.85 4.55 -0.87
C GLU A 44 -2.58 4.20 -1.64
N SER A 45 -2.65 4.21 -2.97
CA SER A 45 -1.47 4.01 -3.81
C SER A 45 -0.71 5.32 -4.04
N TYR A 46 -1.42 6.46 -4.06
CA TYR A 46 -0.74 7.74 -4.21
C TYR A 46 0.19 8.01 -3.03
N ASP A 47 -0.34 7.88 -1.81
CA ASP A 47 0.48 8.15 -0.62
C ASP A 47 1.66 7.20 -0.52
N TYR A 48 1.51 5.97 -1.03
CA TYR A 48 2.66 5.05 -1.09
C TYR A 48 3.71 5.55 -2.07
N LEU A 49 3.29 6.19 -3.16
CA LEU A 49 4.24 6.72 -4.14
C LEU A 49 4.93 7.97 -3.62
N LYS A 50 4.20 8.81 -2.89
CA LYS A 50 4.79 10.05 -2.36
C LYS A 50 5.88 9.79 -1.35
N THR A 51 5.88 8.63 -0.70
CA THR A 51 6.93 8.28 0.25
C THR A 51 8.14 7.64 -0.41
N LEU A 52 8.06 7.28 -1.69
CA LEU A 52 9.19 6.71 -2.40
C LEU A 52 10.13 7.78 -2.96
N ALA A 53 9.61 8.96 -3.25
CA ALA A 53 10.42 10.05 -3.78
C ALA A 53 9.69 11.37 -3.52
N GLY A 54 10.46 12.46 -3.58
CA GLY A 54 9.87 13.77 -3.34
C GLY A 54 9.06 14.26 -4.52
N ASP A 55 9.63 14.17 -5.73
CA ASP A 55 9.00 14.67 -6.95
C ASP A 55 8.29 13.49 -7.63
N VAL A 56 6.97 13.47 -7.56
CA VAL A 56 6.14 12.44 -8.17
C VAL A 56 5.16 13.12 -9.10
N HIS A 57 5.14 12.69 -10.36
CA HIS A 57 4.25 13.23 -11.38
C HIS A 57 3.28 12.14 -11.82
N ILE A 58 1.99 12.47 -11.81
CA ILE A 58 0.93 11.52 -12.16
C ILE A 58 -0.04 12.20 -13.11
N VAL A 59 -0.36 11.51 -14.21
CA VAL A 59 -1.41 11.93 -15.11
C VAL A 59 -2.66 11.09 -14.83
N ARG A 60 -3.79 11.50 -15.40
CA ARG A 60 -5.06 10.87 -15.11
C ARG A 60 -5.30 9.67 -16.03
N GLY A 61 -5.62 8.52 -15.43
CA GLY A 61 -6.01 7.35 -16.19
C GLY A 61 -7.51 7.31 -16.42
N ASP A 62 -7.94 6.30 -17.17
CA ASP A 62 -9.34 6.18 -17.52
C ASP A 62 -10.21 5.73 -16.34
N PHE A 63 -9.60 5.22 -15.28
CA PHE A 63 -10.33 4.78 -14.09
C PHE A 63 -9.92 5.50 -12.83
N ASP A 64 -9.07 6.52 -12.93
CA ASP A 64 -8.72 7.32 -11.76
C ASP A 64 -9.91 8.18 -11.34
N GLU A 65 -10.22 8.17 -10.05
CA GLU A 65 -11.33 8.96 -9.52
C GLU A 65 -10.93 10.39 -9.22
N ASN A 66 -9.65 10.73 -9.30
CA ASN A 66 -9.16 12.06 -8.96
C ASN A 66 -9.08 12.89 -10.24
N LEU A 67 -9.93 13.91 -10.34
CA LEU A 67 -9.91 14.78 -11.51
C LEU A 67 -8.73 15.75 -11.49
N ASN A 68 -8.15 16.01 -10.31
CA ASN A 68 -7.07 16.99 -10.21
C ASN A 68 -5.83 16.57 -11.00
N TYR A 69 -5.68 15.28 -11.31
CA TYR A 69 -4.60 14.86 -12.17
C TYR A 69 -4.81 15.42 -13.58
N PRO A 70 -3.77 15.93 -14.23
CA PRO A 70 -3.92 16.43 -15.60
C PRO A 70 -4.02 15.29 -16.60
N GLU A 71 -4.55 15.63 -17.77
CA GLU A 71 -4.66 14.65 -18.85
C GLU A 71 -3.28 14.21 -19.32
N GLN A 72 -2.39 15.18 -19.56
CA GLN A 72 -1.02 14.91 -19.94
C GLN A 72 -0.08 15.81 -19.15
N LYS A 73 1.21 15.57 -19.30
CA LYS A 73 2.23 16.36 -18.60
C LYS A 73 3.53 16.27 -19.38
N VAL A 74 4.23 17.40 -19.46
CA VAL A 74 5.56 17.48 -20.04
C VAL A 74 6.52 17.99 -18.97
N VAL A 75 7.53 17.19 -18.64
CA VAL A 75 8.48 17.53 -17.61
C VAL A 75 9.90 17.29 -18.14
N THR A 76 10.83 18.11 -17.67
CA THR A 76 12.23 18.02 -18.06
C THR A 76 13.05 17.43 -16.92
N VAL A 77 13.87 16.43 -17.24
CA VAL A 77 14.78 15.81 -16.29
C VAL A 77 16.16 15.83 -16.93
N GLY A 78 16.98 16.80 -16.55
CA GLY A 78 18.29 16.94 -17.18
C GLY A 78 18.15 17.57 -18.54
N GLN A 79 18.70 16.90 -19.56
CA GLN A 79 18.63 17.39 -20.93
C GLN A 79 17.41 16.89 -21.68
N PHE A 80 16.64 15.95 -21.12
CA PHE A 80 15.56 15.29 -21.83
C PHE A 80 14.22 15.92 -21.49
N LYS A 81 13.55 16.46 -22.50
CA LYS A 81 12.16 16.90 -22.38
C LYS A 81 11.28 15.66 -22.52
N ILE A 82 10.58 15.30 -21.44
CA ILE A 82 9.82 14.07 -21.36
C ILE A 82 8.34 14.40 -21.29
N GLY A 83 7.54 13.70 -22.10
CA GLY A 83 6.10 13.85 -22.10
C GLY A 83 5.43 12.66 -21.43
N LEU A 84 4.42 12.95 -20.61
CA LEU A 84 3.70 11.93 -19.87
C LEU A 84 2.23 11.95 -20.25
N ILE A 85 1.70 10.80 -20.63
CA ILE A 85 0.27 10.65 -20.89
C ILE A 85 -0.09 9.19 -20.66
N HIS A 86 -1.32 8.96 -20.17
CA HIS A 86 -1.74 7.59 -19.87
C HIS A 86 -1.78 6.75 -21.14
N GLY A 87 -2.39 7.27 -22.20
CA GLY A 87 -2.45 6.55 -23.45
C GLY A 87 -3.80 5.98 -23.83
N HIS A 88 -4.86 6.26 -23.06
CA HIS A 88 -6.20 5.92 -23.51
C HIS A 88 -6.78 6.98 -24.43
N GLN A 89 -6.12 8.13 -24.53
CA GLN A 89 -6.49 9.17 -25.48
C GLN A 89 -5.82 8.97 -26.85
N VAL A 90 -4.88 8.03 -26.94
CA VAL A 90 -4.14 7.78 -28.17
C VAL A 90 -4.88 6.70 -28.95
N ILE A 91 -5.56 7.11 -30.01
CA ILE A 91 -6.37 6.21 -30.84
C ILE A 91 -5.65 6.02 -32.18
N PRO A 92 -5.44 4.78 -32.65
CA PRO A 92 -5.73 3.51 -31.96
C PRO A 92 -4.81 3.27 -30.75
N TRP A 93 -5.24 2.42 -29.82
CA TRP A 93 -4.44 2.16 -28.64
C TRP A 93 -3.13 1.46 -29.01
N GLY A 94 -2.03 1.97 -28.47
CA GLY A 94 -0.72 1.39 -28.73
C GLY A 94 -0.22 1.55 -30.14
N ASP A 95 -0.90 2.33 -30.97
CA ASP A 95 -0.48 2.50 -32.35
C ASP A 95 0.78 3.34 -32.43
N MET A 96 1.70 2.96 -33.32
CA MET A 96 2.97 3.66 -33.44
C MET A 96 2.78 5.07 -33.99
N ALA A 97 2.11 5.18 -35.14
CA ALA A 97 1.94 6.48 -35.77
C ALA A 97 1.15 7.44 -34.90
N SER A 98 0.17 6.93 -34.14
CA SER A 98 -0.60 7.79 -33.24
C SER A 98 0.25 8.28 -32.07
N LEU A 99 1.24 7.48 -31.66
CA LEU A 99 2.12 7.91 -30.58
C LEU A 99 3.12 8.95 -31.05
N ALA A 100 3.69 8.76 -32.25
CA ALA A 100 4.59 9.76 -32.80
C ALA A 100 3.87 11.06 -33.11
N LEU A 101 2.58 10.98 -33.43
CA LEU A 101 1.78 12.20 -33.62
C LEU A 101 1.75 13.04 -32.35
N LEU A 102 1.65 12.38 -31.20
CA LEU A 102 1.65 13.10 -29.93
C LEU A 102 3.03 13.61 -29.57
N GLN A 103 4.08 12.89 -29.97
CA GLN A 103 5.45 13.35 -29.72
C GLN A 103 5.73 14.65 -30.45
N ARG A 104 5.11 14.86 -31.61
CA ARG A 104 5.22 16.13 -32.30
C ARG A 104 4.47 17.23 -31.56
N GLN A 105 3.33 16.88 -30.96
CA GLN A 105 2.53 17.88 -30.26
C GLN A 105 3.21 18.35 -28.99
N PHE A 106 3.73 17.42 -28.19
CA PHE A 106 4.41 17.78 -26.95
C PHE A 106 5.82 18.29 -27.17
N ASP A 107 6.44 17.95 -28.29
CA ASP A 107 7.84 18.29 -28.58
C ASP A 107 8.75 17.76 -27.47
N VAL A 108 8.75 16.45 -27.31
CA VAL A 108 9.46 15.79 -26.23
C VAL A 108 10.48 14.83 -26.83
N ASP A 109 11.59 14.64 -26.10
CA ASP A 109 12.59 13.66 -26.50
C ASP A 109 12.16 12.24 -26.16
N ILE A 110 11.40 12.08 -25.08
CA ILE A 110 10.90 10.78 -24.62
C ILE A 110 9.41 10.92 -24.35
N LEU A 111 8.63 9.95 -24.82
CA LEU A 111 7.19 9.94 -24.61
C LEU A 111 6.81 8.71 -23.81
N ILE A 112 5.96 8.90 -22.81
CA ILE A 112 5.56 7.84 -21.90
C ILE A 112 4.06 7.59 -22.09
N SER A 113 3.70 6.37 -22.49
CA SER A 113 2.33 5.93 -22.63
C SER A 113 2.16 4.60 -21.88
N GLY A 114 0.94 4.32 -21.44
CA GLY A 114 0.75 3.18 -20.55
C GLY A 114 -0.48 2.31 -20.71
N HIS A 115 -1.44 2.69 -21.56
CA HIS A 115 -2.72 1.98 -21.58
C HIS A 115 -2.57 0.51 -21.96
N THR A 116 -1.54 0.16 -22.74
CA THR A 116 -1.49 -1.18 -23.32
C THR A 116 -1.43 -2.28 -22.27
N HIS A 117 -0.86 -1.98 -21.10
CA HIS A 117 -0.46 -2.99 -20.11
C HIS A 117 0.57 -3.96 -20.71
N LYS A 118 1.37 -3.46 -21.65
CA LYS A 118 2.43 -4.21 -22.27
C LYS A 118 3.69 -3.35 -22.23
N PHE A 119 4.78 -3.92 -21.70
CA PHE A 119 6.03 -3.17 -21.65
C PHE A 119 6.59 -2.98 -23.05
N GLU A 120 6.98 -1.76 -23.37
CA GLU A 120 7.68 -1.45 -24.61
C GLU A 120 8.71 -0.36 -24.36
N ALA A 121 9.84 -0.46 -25.04
CA ALA A 121 10.91 0.54 -24.95
C ALA A 121 11.72 0.45 -26.23
N PHE A 122 11.73 1.52 -27.02
CA PHE A 122 12.35 1.49 -28.32
C PHE A 122 12.56 2.91 -28.82
N GLU A 123 13.42 3.04 -29.83
CA GLU A 123 13.68 4.31 -30.50
C GLU A 123 12.99 4.32 -31.85
N HIS A 124 12.42 5.47 -32.20
CA HIS A 124 11.73 5.63 -33.48
C HIS A 124 11.83 7.08 -33.92
N GLU A 125 12.26 7.29 -35.17
CA GLU A 125 12.49 8.63 -35.71
C GLU A 125 13.43 9.44 -34.81
N ASN A 126 14.47 8.76 -34.32
CA ASN A 126 15.42 9.34 -33.38
C ASN A 126 14.74 9.90 -32.14
N LYS A 127 13.66 9.23 -31.71
CA LYS A 127 12.92 9.61 -30.52
C LYS A 127 12.59 8.35 -29.74
N PHE A 128 12.59 8.47 -28.41
CA PHE A 128 12.45 7.31 -27.54
C PHE A 128 11.04 7.25 -26.97
N TYR A 129 10.54 6.03 -26.77
CA TYR A 129 9.17 5.81 -26.32
C TYR A 129 9.17 4.72 -25.24
N ILE A 130 8.48 4.99 -24.14
CA ILE A 130 8.41 4.07 -23.01
C ILE A 130 6.97 3.65 -22.76
N ASN A 131 6.78 2.38 -22.44
CA ASN A 131 5.55 1.88 -21.87
C ASN A 131 5.94 0.92 -20.74
N PRO A 132 5.74 1.32 -19.48
CA PRO A 132 6.18 0.46 -18.38
C PRO A 132 5.31 -0.76 -18.17
N GLY A 133 4.11 -0.79 -18.74
CA GLY A 133 3.16 -1.85 -18.48
C GLY A 133 2.53 -1.70 -17.10
N SER A 134 1.73 -2.69 -16.74
CA SER A 134 1.08 -2.71 -15.44
C SER A 134 2.05 -3.23 -14.39
N ALA A 135 2.38 -2.38 -13.42
CA ALA A 135 3.32 -2.79 -12.37
C ALA A 135 2.73 -3.90 -11.51
N THR A 136 1.41 -3.97 -11.40
CA THR A 136 0.75 -5.05 -10.67
C THR A 136 0.45 -6.25 -11.55
N GLY A 137 0.66 -6.15 -12.86
CA GLY A 137 0.26 -7.20 -13.77
C GLY A 137 -1.25 -7.33 -13.82
N ALA A 138 -1.93 -6.18 -13.92
CA ALA A 138 -3.38 -6.15 -13.80
C ALA A 138 -4.04 -6.73 -15.04
N TYR A 139 -5.33 -7.02 -14.90
CA TYR A 139 -6.11 -7.59 -16.00
C TYR A 139 -6.27 -6.58 -17.13
N ASN A 140 -6.15 -7.08 -18.37
CA ASN A 140 -6.43 -6.31 -19.56
C ASN A 140 -7.21 -7.19 -20.52
N ALA A 141 -8.27 -6.63 -21.11
CA ALA A 141 -9.15 -7.44 -21.93
C ALA A 141 -8.51 -7.86 -23.24
N LEU A 142 -7.54 -7.08 -23.74
CA LEU A 142 -6.91 -7.35 -25.03
C LEU A 142 -5.60 -8.12 -24.92
N GLU A 143 -5.07 -8.32 -23.72
CA GLU A 143 -3.85 -9.11 -23.54
C GLU A 143 -4.04 -10.01 -22.33
N THR A 144 -3.81 -11.31 -22.52
CA THR A 144 -4.16 -12.30 -21.52
C THR A 144 -2.98 -12.73 -20.64
N ASN A 145 -1.74 -12.52 -21.09
CA ASN A 145 -0.56 -12.94 -20.34
C ASN A 145 0.21 -11.68 -19.93
N ILE A 146 -0.31 -11.00 -18.91
CA ILE A 146 0.30 -9.76 -18.43
C ILE A 146 1.46 -10.10 -17.50
N ILE A 147 2.61 -9.50 -17.76
CA ILE A 147 3.79 -9.65 -16.92
C ILE A 147 3.91 -8.40 -16.04
N PRO A 148 3.79 -8.52 -14.72
CA PRO A 148 3.98 -7.34 -13.85
C PRO A 148 5.36 -6.73 -14.07
N SER A 149 5.37 -5.45 -14.44
CA SER A 149 6.61 -4.82 -14.86
C SER A 149 6.58 -3.32 -14.60
N PHE A 150 7.76 -2.77 -14.28
CA PHE A 150 7.97 -1.33 -14.20
C PHE A 150 9.30 -1.02 -14.88
N VAL A 151 9.67 0.26 -14.88
CA VAL A 151 10.84 0.73 -15.60
C VAL A 151 11.61 1.73 -14.73
N LEU A 152 12.93 1.58 -14.70
CA LEU A 152 13.81 2.51 -14.02
C LEU A 152 14.72 3.17 -15.05
N MET A 153 14.69 4.49 -15.10
CA MET A 153 15.51 5.27 -16.03
C MET A 153 16.72 5.83 -15.29
N ASP A 154 17.90 5.70 -15.88
CA ASP A 154 19.12 6.26 -15.33
C ASP A 154 19.59 7.34 -16.31
N ILE A 155 19.31 8.59 -15.98
CA ILE A 155 19.59 9.73 -16.86
C ILE A 155 20.91 10.35 -16.44
N GLN A 156 21.80 10.58 -17.42
CA GLN A 156 23.09 11.21 -17.18
C GLN A 156 23.39 12.12 -18.36
N ALA A 157 23.37 13.43 -18.12
CA ALA A 157 23.62 14.43 -19.16
C ALA A 157 22.73 14.21 -20.38
N SER A 158 23.33 13.75 -21.47
CA SER A 158 22.62 13.53 -22.72
C SER A 158 22.47 12.04 -23.05
N THR A 159 22.29 11.21 -22.02
CA THR A 159 22.17 9.77 -22.22
C THR A 159 21.23 9.20 -21.16
N VAL A 160 20.30 8.36 -21.59
CA VAL A 160 19.36 7.71 -20.69
C VAL A 160 19.54 6.20 -20.80
N VAL A 161 19.47 5.52 -19.67
CA VAL A 161 19.58 4.06 -19.60
C VAL A 161 18.33 3.56 -18.88
N THR A 162 17.50 2.81 -19.59
CA THR A 162 16.23 2.31 -19.06
C THR A 162 16.36 0.85 -18.69
N TYR A 163 15.96 0.51 -17.47
CA TYR A 163 15.96 -0.86 -16.97
C TYR A 163 14.52 -1.32 -16.81
N VAL A 164 14.17 -2.41 -17.49
CA VAL A 164 12.86 -3.02 -17.34
C VAL A 164 12.94 -4.13 -16.30
N TYR A 165 12.08 -4.05 -15.29
CA TYR A 165 11.97 -5.06 -14.25
C TYR A 165 10.70 -5.85 -14.49
N GLN A 166 10.81 -7.17 -14.52
CA GLN A 166 9.67 -8.03 -14.82
C GLN A 166 9.59 -9.18 -13.82
N LEU A 167 8.38 -9.48 -13.38
CA LEU A 167 8.13 -10.64 -12.53
C LEU A 167 7.73 -11.80 -13.43
N ILE A 168 8.70 -12.63 -13.79
CA ILE A 168 8.47 -13.81 -14.61
C ILE A 168 8.41 -15.00 -13.66
N GLY A 169 7.19 -15.48 -13.40
CA GLY A 169 6.98 -16.48 -12.37
C GLY A 169 7.18 -15.89 -10.99
N ASP A 170 8.18 -16.39 -10.26
CA ASP A 170 8.55 -15.83 -8.97
C ASP A 170 9.75 -14.90 -9.04
N ASP A 171 10.60 -15.04 -10.06
CA ASP A 171 11.83 -14.28 -10.14
C ASP A 171 11.59 -12.89 -10.70
N VAL A 172 12.41 -11.94 -10.26
CA VAL A 172 12.49 -10.61 -10.85
C VAL A 172 13.67 -10.61 -11.81
N LYS A 173 13.41 -10.31 -13.08
CA LYS A 173 14.43 -10.34 -14.12
C LYS A 173 14.50 -8.98 -14.79
N VAL A 174 15.72 -8.56 -15.11
CA VAL A 174 16.01 -7.21 -15.57
C VAL A 174 16.66 -7.26 -16.95
N GLU A 175 16.21 -6.38 -17.83
CA GLU A 175 16.87 -6.13 -19.11
C GLU A 175 17.19 -4.64 -19.20
N ARG A 176 18.12 -4.31 -20.10
CA ARG A 176 18.64 -2.95 -20.20
C ARG A 176 18.61 -2.46 -21.64
N ILE A 177 18.06 -1.28 -21.85
CA ILE A 177 18.04 -0.61 -23.15
C ILE A 177 18.55 0.81 -22.96
N GLU A 178 19.44 1.24 -23.85
CA GLU A 178 20.10 2.55 -23.74
C GLU A 178 19.73 3.42 -24.94
N TYR A 179 19.60 4.71 -24.68
CA TYR A 179 19.26 5.69 -25.72
C TYR A 179 20.09 6.96 -25.49
N LYS A 180 20.67 7.47 -26.58
CA LYS A 180 21.43 8.71 -26.55
C LYS A 180 20.73 9.74 -27.41
N LYS A 181 20.60 10.96 -26.91
CA LYS A 181 19.95 12.02 -27.67
C LYS A 181 20.86 12.45 -28.82
N PRO A 182 20.34 12.57 -30.06
CA PRO A 182 21.09 13.03 -31.22
C PRO A 182 21.73 14.40 -31.00
N GLU B 12 -12.75 3.04 8.01
CA GLU B 12 -13.62 4.00 7.36
C GLU B 12 -14.28 3.33 6.15
N ASP B 13 -15.58 3.63 5.94
CA ASP B 13 -16.39 2.87 4.99
C ASP B 13 -15.81 2.90 3.59
N PHE B 14 -15.35 4.07 3.13
CA PHE B 14 -14.76 4.16 1.80
C PHE B 14 -13.52 3.28 1.68
N ALA B 15 -12.53 3.52 2.54
CA ALA B 15 -11.24 2.86 2.41
C ALA B 15 -11.30 1.39 2.80
N ASP B 16 -12.00 1.08 3.91
CA ASP B 16 -12.09 -0.31 4.35
C ASP B 16 -12.69 -1.21 3.28
N GLU B 17 -13.62 -0.67 2.49
CA GLU B 17 -14.29 -1.47 1.47
C GLU B 17 -13.46 -1.60 0.22
N GLN B 18 -12.70 -0.56 -0.13
CA GLN B 18 -11.77 -0.65 -1.24
C GLN B 18 -10.81 -1.81 -1.06
N SER B 19 -10.23 -1.92 0.14
CA SER B 19 -9.26 -2.96 0.43
C SER B 19 -9.89 -4.23 0.99
N LEU B 20 -11.19 -4.23 1.28
CA LEU B 20 -11.84 -5.48 1.70
C LEU B 20 -12.04 -6.43 0.54
N VAL B 21 -12.43 -5.90 -0.62
CA VAL B 21 -12.56 -6.75 -1.80
C VAL B 21 -11.20 -6.99 -2.44
N GLY B 22 -10.32 -5.98 -2.42
CA GLY B 22 -8.98 -6.17 -2.93
C GLY B 22 -8.30 -7.38 -2.35
N ARG B 23 -8.40 -7.57 -1.03
CA ARG B 23 -7.92 -8.80 -0.43
C ARG B 23 -8.76 -9.99 -0.87
N PHE B 24 -10.08 -9.82 -0.92
CA PHE B 24 -10.98 -10.91 -1.29
C PHE B 24 -10.83 -11.34 -2.74
N ILE B 25 -10.19 -10.54 -3.58
CA ILE B 25 -9.88 -10.97 -4.94
C ILE B 25 -8.54 -11.69 -5.00
N HIS B 26 -7.54 -11.21 -4.24
CA HIS B 26 -6.25 -11.89 -4.20
C HIS B 26 -6.38 -13.24 -3.49
N LEU B 27 -7.20 -13.30 -2.44
CA LEU B 27 -7.44 -14.56 -1.75
C LEU B 27 -8.36 -15.48 -2.55
N LEU B 28 -9.05 -14.96 -3.55
CA LEU B 28 -9.96 -15.75 -4.37
C LEU B 28 -9.26 -16.49 -5.51
N ARG B 29 -8.09 -15.99 -5.95
CA ARG B 29 -7.36 -16.69 -7.00
C ARG B 29 -6.96 -18.10 -6.57
N SER B 30 -6.95 -18.37 -5.27
CA SER B 30 -6.75 -19.74 -4.79
C SER B 30 -7.87 -20.65 -5.25
N GLU B 31 -9.05 -20.10 -5.46
CA GLU B 31 -10.22 -20.89 -5.85
C GLU B 31 -10.13 -21.30 -7.32
N ASP B 32 -10.49 -22.56 -7.59
CA ASP B 32 -10.59 -23.02 -8.95
C ASP B 32 -11.82 -22.40 -9.62
N PRO B 33 -11.85 -22.36 -10.96
CA PRO B 33 -12.89 -21.58 -11.66
C PRO B 33 -14.32 -21.93 -11.27
N ASP B 34 -14.65 -23.21 -11.12
CA ASP B 34 -16.02 -23.58 -10.78
C ASP B 34 -16.45 -23.05 -9.42
N GLN B 35 -15.51 -22.98 -8.47
CA GLN B 35 -15.85 -22.46 -7.15
C GLN B 35 -15.79 -20.94 -7.09
N GLN B 36 -14.99 -20.30 -7.96
CA GLN B 36 -14.87 -18.85 -7.93
C GLN B 36 -16.21 -18.18 -8.20
N TYR B 37 -16.98 -18.70 -9.16
CA TYR B 37 -18.28 -18.11 -9.47
C TYR B 37 -19.22 -18.19 -8.27
N LEU B 38 -19.22 -19.33 -7.57
CA LEU B 38 -20.11 -19.49 -6.42
C LEU B 38 -19.82 -18.45 -5.36
N ILE B 39 -18.60 -17.94 -5.29
CA ILE B 39 -18.18 -17.03 -4.23
C ILE B 39 -18.48 -15.59 -4.60
N LEU B 40 -18.13 -15.21 -5.82
CA LEU B 40 -18.47 -13.88 -6.31
C LEU B 40 -19.97 -13.63 -6.20
N ASN B 41 -20.77 -14.68 -6.29
CA ASN B 41 -22.22 -14.54 -6.15
C ASN B 41 -22.62 -14.28 -4.70
N THR B 42 -21.92 -14.88 -3.74
CA THR B 42 -22.15 -14.55 -2.34
C THR B 42 -21.39 -13.30 -1.90
N ALA B 43 -20.32 -12.94 -2.61
CA ALA B 43 -19.62 -11.70 -2.31
C ALA B 43 -20.52 -10.49 -2.56
N ARG B 44 -21.11 -10.41 -3.75
CA ARG B 44 -21.98 -9.28 -4.08
C ARG B 44 -23.24 -9.29 -3.22
N LYS B 45 -23.68 -10.47 -2.76
CA LYS B 45 -24.80 -10.51 -1.83
C LYS B 45 -24.42 -9.92 -0.47
N HIS B 46 -23.16 -10.14 -0.06
CA HIS B 46 -22.68 -9.53 1.16
C HIS B 46 -22.36 -8.05 0.95
N PHE B 47 -21.69 -7.72 -0.15
CA PHE B 47 -21.31 -6.35 -0.43
C PHE B 47 -22.45 -5.51 -0.97
N GLY B 48 -23.55 -6.14 -1.38
CA GLY B 48 -24.73 -5.39 -1.80
C GLY B 48 -25.55 -4.82 -0.68
N ALA B 49 -25.41 -5.38 0.53
CA ALA B 49 -26.11 -4.87 1.70
C ALA B 49 -25.49 -3.59 2.25
N GLY B 50 -24.38 -3.14 1.67
CA GLY B 50 -23.70 -1.96 2.22
C GLY B 50 -24.45 -0.66 1.93
N GLY B 51 -24.97 -0.53 0.72
CA GLY B 51 -25.70 0.66 0.32
C GLY B 51 -25.03 1.36 -0.85
N ASN B 52 -25.58 2.52 -1.20
CA ASN B 52 -25.17 3.20 -2.43
C ASN B 52 -23.76 3.76 -2.32
N GLN B 53 -23.53 4.66 -1.37
CA GLN B 53 -22.21 5.29 -1.21
C GLN B 53 -21.12 4.28 -0.88
N ARG B 54 -21.47 3.06 -0.48
CA ARG B 54 -20.51 2.01 -0.20
C ARG B 54 -20.13 1.22 -1.46
N ILE B 55 -21.11 0.74 -2.22
CA ILE B 55 -20.88 -0.17 -3.33
C ILE B 55 -20.09 0.49 -4.46
N ARG B 56 -19.79 1.79 -4.32
CA ARG B 56 -18.93 2.45 -5.29
C ARG B 56 -17.55 1.82 -5.37
N PHE B 57 -17.18 1.02 -4.37
CA PHE B 57 -15.81 0.55 -4.23
C PHE B 57 -15.66 -0.95 -4.10
N THR B 58 -16.74 -1.70 -3.86
CA THR B 58 -16.69 -3.15 -3.74
C THR B 58 -17.12 -3.87 -5.01
N LEU B 59 -18.18 -3.40 -5.65
CA LEU B 59 -18.73 -4.03 -6.85
C LEU B 59 -17.81 -3.98 -8.06
N PRO B 60 -17.09 -2.88 -8.33
CA PRO B 60 -16.22 -2.85 -9.52
C PRO B 60 -15.14 -3.93 -9.50
N PRO B 61 -14.47 -4.19 -8.37
CA PRO B 61 -13.52 -5.32 -8.38
C PRO B 61 -14.17 -6.67 -8.65
N LEU B 62 -15.41 -6.87 -8.19
CA LEU B 62 -16.11 -8.11 -8.51
C LEU B 62 -16.39 -8.24 -10.00
N VAL B 63 -16.65 -7.12 -10.68
CA VAL B 63 -16.89 -7.17 -12.11
C VAL B 63 -15.61 -7.53 -12.87
N PHE B 64 -14.47 -6.97 -12.44
CA PHE B 64 -13.20 -7.33 -13.07
C PHE B 64 -12.79 -8.76 -12.73
N ALA B 65 -13.12 -9.24 -11.54
CA ALA B 65 -12.92 -10.65 -11.24
C ALA B 65 -13.83 -11.53 -12.08
N ALA B 66 -15.00 -11.02 -12.46
CA ALA B 66 -15.87 -11.77 -13.35
C ALA B 66 -15.26 -11.91 -14.74
N TYR B 67 -14.67 -10.82 -15.26
CA TYR B 67 -14.03 -10.88 -16.57
C TYR B 67 -12.84 -11.82 -16.56
N GLN B 68 -12.06 -11.80 -15.47
CA GLN B 68 -10.94 -12.73 -15.35
C GLN B 68 -11.41 -14.18 -15.28
N LEU B 69 -12.58 -14.41 -14.67
CA LEU B 69 -13.10 -15.77 -14.56
C LEU B 69 -13.49 -16.33 -15.92
N ALA B 70 -14.10 -15.50 -16.77
CA ALA B 70 -14.52 -15.97 -18.08
C ALA B 70 -13.32 -16.33 -18.95
N PHE B 71 -12.22 -15.60 -18.82
CA PHE B 71 -10.99 -15.98 -19.52
C PHE B 71 -10.44 -17.28 -18.96
N ARG B 72 -10.56 -17.50 -17.65
CA ARG B 72 -10.06 -18.73 -17.05
C ARG B 72 -10.82 -19.96 -17.56
N TYR B 73 -12.11 -19.81 -17.82
CA TYR B 73 -12.88 -20.92 -18.39
C TYR B 73 -12.45 -21.23 -19.82
N LYS B 74 -11.99 -20.22 -20.56
CA LYS B 74 -11.52 -20.48 -21.93
C LYS B 74 -10.21 -21.25 -21.93
N GLU B 75 -9.41 -21.12 -20.86
CA GLU B 75 -8.23 -21.97 -20.74
C GLU B 75 -8.62 -23.42 -20.53
N ASN B 76 -9.68 -23.66 -19.76
CA ASN B 76 -10.23 -25.00 -19.55
C ASN B 76 -11.29 -25.34 -20.58
N SER B 77 -11.09 -24.96 -21.85
CA SER B 77 -12.08 -25.22 -22.87
C SER B 77 -12.09 -26.69 -23.27
N LYS B 78 -10.92 -27.27 -23.51
CA LYS B 78 -10.82 -28.67 -23.90
C LYS B 78 -10.97 -29.63 -22.71
N VAL B 79 -10.97 -29.12 -21.48
CA VAL B 79 -11.23 -29.95 -20.32
C VAL B 79 -12.70 -29.92 -19.93
N ASP B 80 -13.33 -28.74 -19.97
CA ASP B 80 -14.72 -28.56 -19.61
C ASP B 80 -15.49 -28.13 -20.85
N ASP B 81 -16.44 -28.97 -21.28
CA ASP B 81 -17.22 -28.70 -22.47
C ASP B 81 -18.43 -27.81 -22.23
N LYS B 82 -18.74 -27.49 -20.98
CA LYS B 82 -19.82 -26.56 -20.64
C LYS B 82 -19.28 -25.16 -20.37
N TRP B 83 -18.12 -24.82 -20.95
CA TRP B 83 -17.47 -23.55 -20.63
C TRP B 83 -18.16 -22.35 -21.30
N GLU B 84 -18.82 -22.58 -22.44
CA GLU B 84 -19.49 -21.47 -23.10
C GLU B 84 -20.76 -21.04 -22.36
N LYS B 85 -21.48 -22.00 -21.77
CA LYS B 85 -22.62 -21.64 -20.93
C LYS B 85 -22.18 -20.89 -19.68
N LYS B 86 -21.02 -21.26 -19.13
CA LYS B 86 -20.51 -20.59 -17.94
C LYS B 86 -20.14 -19.14 -18.23
N CYS B 87 -19.53 -18.88 -19.39
CA CYS B 87 -19.18 -17.52 -19.76
C CYS B 87 -20.44 -16.66 -19.91
N GLN B 88 -21.50 -17.23 -20.48
CA GLN B 88 -22.77 -16.51 -20.56
C GLN B 88 -23.30 -16.16 -19.17
N LYS B 89 -23.07 -17.03 -18.20
CA LYS B 89 -23.56 -16.80 -16.84
C LYS B 89 -22.77 -15.71 -16.14
N ILE B 90 -21.46 -15.60 -16.43
CA ILE B 90 -20.62 -14.60 -15.78
C ILE B 90 -20.97 -13.21 -16.30
N PHE B 91 -21.10 -13.07 -17.62
CA PHE B 91 -21.40 -11.76 -18.19
C PHE B 91 -22.82 -11.31 -17.81
N SER B 92 -23.71 -12.26 -17.54
CA SER B 92 -25.00 -11.91 -16.94
C SER B 92 -24.82 -11.49 -15.48
N PHE B 93 -23.86 -12.10 -14.78
CA PHE B 93 -23.53 -11.67 -13.43
C PHE B 93 -22.93 -10.26 -13.44
N ALA B 94 -22.03 -9.98 -14.38
CA ALA B 94 -21.43 -8.66 -14.46
C ALA B 94 -22.46 -7.60 -14.86
N HIS B 95 -23.36 -7.94 -15.78
CA HIS B 95 -24.40 -7.00 -16.18
C HIS B 95 -25.28 -6.62 -14.99
N GLN B 96 -25.59 -7.59 -14.13
CA GLN B 96 -26.40 -7.29 -12.95
C GLN B 96 -25.59 -6.54 -11.89
N THR B 97 -24.29 -6.83 -11.80
CA THR B 97 -23.46 -6.13 -10.82
C THR B 97 -23.23 -4.67 -11.21
N ILE B 98 -23.07 -4.41 -12.52
CA ILE B 98 -22.89 -3.03 -12.96
C ILE B 98 -24.22 -2.28 -12.92
N SER B 99 -25.33 -2.97 -13.19
CA SER B 99 -26.63 -2.33 -13.10
C SER B 99 -26.96 -1.92 -11.67
N ALA B 100 -26.41 -2.64 -10.68
CA ALA B 100 -26.62 -2.24 -9.29
C ALA B 100 -25.93 -0.91 -8.99
N LEU B 101 -24.87 -0.58 -9.73
CA LEU B 101 -24.21 0.71 -9.57
C LEU B 101 -25.00 1.84 -10.21
N ILE B 102 -25.83 1.55 -11.21
CA ILE B 102 -26.60 2.59 -11.87
C ILE B 102 -27.76 3.04 -10.98
N LYS B 103 -28.39 2.10 -10.27
CA LYS B 103 -29.46 2.47 -9.35
C LYS B 103 -28.94 3.36 -8.22
N ALA B 104 -27.64 3.27 -7.91
CA ALA B 104 -27.01 4.13 -6.94
C ALA B 104 -26.64 5.50 -7.51
N GLU B 105 -27.17 5.84 -8.68
CA GLU B 105 -26.96 7.14 -9.33
C GLU B 105 -25.47 7.35 -9.66
N LEU B 106 -24.95 6.44 -10.48
CA LEU B 106 -23.61 6.55 -11.04
C LEU B 106 -23.69 6.40 -12.54
N ALA B 107 -22.69 6.98 -13.23
CA ALA B 107 -22.69 6.95 -14.69
C ALA B 107 -21.29 6.79 -15.25
N GLU B 108 -20.33 7.56 -14.71
CA GLU B 108 -18.97 7.54 -15.24
C GLU B 108 -18.33 6.17 -15.06
N LEU B 109 -18.49 5.57 -13.87
CA LEU B 109 -17.87 4.26 -13.63
C LEU B 109 -18.59 3.13 -14.32
N PRO B 110 -19.92 2.98 -14.22
CA PRO B 110 -20.58 1.87 -14.92
C PRO B 110 -20.40 1.91 -16.43
N LEU B 111 -20.33 3.10 -17.02
CA LEU B 111 -20.06 3.20 -18.45
C LEU B 111 -18.71 2.59 -18.79
N ARG B 112 -17.69 2.87 -17.99
CA ARG B 112 -16.35 2.33 -18.25
C ARG B 112 -16.29 0.83 -17.95
N LEU B 113 -17.13 0.35 -17.03
CA LEU B 113 -17.19 -1.09 -16.77
C LEU B 113 -17.88 -1.82 -17.92
N PHE B 114 -18.95 -1.22 -18.47
CA PHE B 114 -19.62 -1.82 -19.61
C PHE B 114 -18.71 -1.90 -20.83
N LEU B 115 -17.77 -0.96 -20.95
CA LEU B 115 -16.83 -0.99 -22.06
C LEU B 115 -15.82 -2.11 -21.89
N GLN B 116 -15.39 -2.37 -20.65
CA GLN B 116 -14.44 -3.45 -20.42
C GLN B 116 -15.08 -4.82 -20.64
N GLY B 117 -16.38 -4.93 -20.43
CA GLY B 117 -17.08 -6.18 -20.62
C GLY B 117 -17.26 -6.52 -22.09
N ALA B 118 -17.57 -5.51 -22.91
CA ALA B 118 -17.67 -5.72 -24.35
C ALA B 118 -16.33 -6.08 -24.95
N LEU B 119 -15.24 -5.57 -24.38
CA LEU B 119 -13.90 -5.92 -24.87
C LEU B 119 -13.58 -7.38 -24.59
N ALA B 120 -13.86 -7.83 -23.37
CA ALA B 120 -13.56 -9.21 -23.00
C ALA B 120 -14.43 -10.19 -23.77
N ALA B 121 -15.71 -9.86 -23.96
CA ALA B 121 -16.61 -10.76 -24.67
C ALA B 121 -16.15 -10.96 -26.11
N GLY B 122 -15.70 -9.90 -26.76
CA GLY B 122 -15.21 -10.03 -28.13
C GLY B 122 -13.90 -10.77 -28.23
N GLU B 123 -13.11 -10.75 -27.15
CA GLU B 123 -11.82 -11.44 -27.17
C GLU B 123 -11.95 -12.92 -26.84
N ILE B 124 -12.88 -13.30 -25.96
CA ILE B 124 -13.01 -14.69 -25.55
C ILE B 124 -13.56 -15.53 -26.70
N GLY B 125 -14.76 -15.20 -27.18
CA GLY B 125 -15.34 -15.90 -28.31
C GLY B 125 -16.26 -17.03 -27.98
N PHE B 126 -16.85 -17.05 -26.78
CA PHE B 126 -17.86 -18.05 -26.46
C PHE B 126 -19.08 -17.86 -27.37
N GLU B 127 -19.90 -18.90 -27.47
CA GLU B 127 -21.08 -18.81 -28.31
C GLU B 127 -22.02 -17.74 -27.80
N ASN B 128 -22.60 -16.97 -28.72
CA ASN B 128 -23.45 -15.82 -28.41
C ASN B 128 -22.67 -14.69 -27.74
N HIS B 129 -21.40 -14.50 -28.12
CA HIS B 129 -20.61 -13.43 -27.54
C HIS B 129 -20.84 -12.10 -28.24
N GLU B 130 -21.16 -12.14 -29.54
CA GLU B 130 -21.44 -10.89 -30.26
C GLU B 130 -22.65 -10.17 -29.68
N THR B 131 -23.65 -10.94 -29.24
CA THR B 131 -24.81 -10.33 -28.60
C THR B 131 -24.44 -9.73 -27.25
N VAL B 132 -23.59 -10.41 -26.48
CA VAL B 132 -23.18 -9.90 -25.19
C VAL B 132 -22.36 -8.62 -25.36
N ALA B 133 -21.44 -8.60 -26.33
CA ALA B 133 -20.64 -7.41 -26.57
C ALA B 133 -21.49 -6.25 -27.07
N TYR B 134 -22.56 -6.55 -27.83
CA TYR B 134 -23.43 -5.47 -28.30
C TYR B 134 -24.26 -4.89 -27.15
N GLU B 135 -24.77 -5.74 -26.28
CA GLU B 135 -25.58 -5.25 -25.16
C GLU B 135 -24.73 -4.40 -24.22
N PHE B 136 -23.48 -4.78 -24.01
CA PHE B 136 -22.60 -4.00 -23.14
C PHE B 136 -22.24 -2.67 -23.76
N MET B 137 -22.04 -2.65 -25.09
CA MET B 137 -21.73 -1.39 -25.77
C MET B 137 -22.94 -0.46 -25.80
N SER B 138 -24.11 -1.00 -26.18
CA SER B 138 -25.31 -0.18 -26.22
C SER B 138 -25.70 0.33 -24.84
N GLN B 139 -25.36 -0.42 -23.79
CA GLN B 139 -25.64 0.04 -22.44
C GLN B 139 -24.73 1.19 -22.05
N ALA B 140 -23.48 1.18 -22.52
CA ALA B 140 -22.58 2.30 -22.26
C ALA B 140 -23.04 3.55 -22.99
N PHE B 141 -23.61 3.39 -24.19
CA PHE B 141 -24.18 4.53 -24.90
C PHE B 141 -25.38 5.10 -24.16
N SER B 142 -26.18 4.24 -23.53
CA SER B 142 -27.33 4.71 -22.78
C SER B 142 -26.92 5.59 -21.61
N LEU B 143 -25.84 5.21 -20.91
CA LEU B 143 -25.35 6.03 -19.81
C LEU B 143 -24.71 7.32 -20.32
N TYR B 144 -24.07 7.28 -21.48
CA TYR B 144 -23.48 8.49 -22.05
C TYR B 144 -24.56 9.48 -22.47
N GLU B 145 -25.63 9.00 -23.10
CA GLU B 145 -26.66 9.89 -23.60
C GLU B 145 -27.54 10.41 -22.46
N ASP B 146 -27.97 9.51 -21.57
CA ASP B 146 -28.98 9.85 -20.58
C ASP B 146 -28.41 10.47 -19.30
N GLU B 147 -27.12 10.29 -19.02
CA GLU B 147 -26.60 10.61 -17.70
C GLU B 147 -25.33 11.47 -17.67
N ILE B 148 -24.81 11.89 -18.82
CA ILE B 148 -23.56 12.66 -18.88
C ILE B 148 -23.81 13.92 -19.70
N SER B 149 -23.44 15.09 -19.14
CA SER B 149 -23.62 16.38 -19.80
C SER B 149 -22.62 17.36 -19.19
N ASP B 150 -21.34 17.17 -19.53
CA ASP B 150 -20.30 18.14 -19.19
C ASP B 150 -19.23 18.01 -20.27
N SER B 151 -18.95 19.12 -20.95
CA SER B 151 -18.23 19.08 -22.22
C SER B 151 -16.93 18.29 -22.11
N LYS B 152 -16.13 18.57 -21.08
CA LYS B 152 -14.87 17.86 -20.90
C LYS B 152 -15.08 16.47 -20.31
N ALA B 153 -16.20 16.22 -19.65
CA ALA B 153 -16.54 14.87 -19.22
C ALA B 153 -17.18 14.07 -20.34
N GLN B 154 -17.96 14.73 -21.21
CA GLN B 154 -18.50 14.05 -22.38
C GLN B 154 -17.37 13.68 -23.33
N LEU B 155 -16.44 14.61 -23.58
CA LEU B 155 -15.32 14.33 -24.48
C LEU B 155 -14.47 13.18 -23.95
N ALA B 156 -14.29 13.10 -22.63
CA ALA B 156 -13.53 12.01 -22.06
C ALA B 156 -14.30 10.70 -22.09
N ALA B 157 -15.64 10.77 -22.12
CA ALA B 157 -16.43 9.54 -22.16
C ALA B 157 -16.54 9.00 -23.58
N ILE B 158 -16.70 9.88 -24.57
CA ILE B 158 -16.86 9.41 -25.95
C ILE B 158 -15.52 8.97 -26.53
N THR B 159 -14.40 9.51 -26.06
CA THR B 159 -13.11 9.06 -26.56
C THR B 159 -12.77 7.67 -26.05
N LEU B 160 -13.34 7.26 -24.91
CA LEU B 160 -13.19 5.89 -24.45
C LEU B 160 -14.08 4.96 -25.27
N ILE B 161 -15.31 5.39 -25.58
CA ILE B 161 -16.21 4.58 -26.39
C ILE B 161 -15.63 4.35 -27.77
N ILE B 162 -15.07 5.41 -28.38
CA ILE B 162 -14.48 5.27 -29.71
C ILE B 162 -13.24 4.40 -29.67
N GLY B 163 -12.34 4.68 -28.72
CA GLY B 163 -11.12 3.88 -28.61
C GLY B 163 -11.40 2.43 -28.30
N THR B 164 -12.40 2.17 -27.46
CA THR B 164 -12.80 0.80 -27.19
C THR B 164 -13.41 0.16 -28.43
N PHE B 165 -14.32 0.87 -29.09
CA PHE B 165 -14.96 0.34 -30.31
C PHE B 165 -13.94 0.16 -31.43
N GLU B 166 -12.86 0.94 -31.43
CA GLU B 166 -11.84 0.81 -32.47
C GLU B 166 -11.14 -0.53 -32.38
N ARG B 167 -10.90 -1.03 -31.17
CA ARG B 167 -10.19 -2.29 -30.98
C ARG B 167 -11.06 -3.52 -31.19
N MET B 168 -12.38 -3.36 -31.30
CA MET B 168 -13.26 -4.50 -31.45
C MET B 168 -13.16 -5.09 -32.85
N LYS B 169 -13.35 -6.41 -32.94
CA LYS B 169 -13.32 -7.12 -34.21
C LYS B 169 -14.33 -8.25 -34.28
N CYS B 170 -15.28 -8.31 -33.35
CA CYS B 170 -16.23 -9.41 -33.28
C CYS B 170 -17.59 -9.08 -33.91
N PHE B 171 -17.86 -7.83 -34.24
CA PHE B 171 -19.14 -7.45 -34.81
C PHE B 171 -19.18 -7.73 -36.30
N SER B 172 -20.31 -8.26 -36.75
CA SER B 172 -20.58 -8.31 -38.19
C SER B 172 -20.93 -6.91 -38.68
N GLU B 173 -21.04 -6.78 -40.01
CA GLU B 173 -21.30 -5.47 -40.58
C GLU B 173 -22.67 -4.93 -40.18
N GLU B 174 -23.65 -5.82 -40.01
CA GLU B 174 -24.99 -5.38 -39.62
C GLU B 174 -25.03 -4.81 -38.21
N ASN B 175 -24.05 -5.17 -37.36
CA ASN B 175 -23.95 -4.59 -36.03
C ASN B 175 -22.85 -3.54 -35.93
N HIS B 176 -21.82 -3.62 -36.76
CA HIS B 176 -20.75 -2.64 -36.74
C HIS B 176 -21.21 -1.29 -37.28
N GLU B 177 -22.08 -1.30 -38.30
CA GLU B 177 -22.49 -0.04 -38.92
C GLU B 177 -23.32 0.83 -38.00
N PRO B 178 -24.33 0.31 -37.27
CA PRO B 178 -25.08 1.19 -36.35
C PRO B 178 -24.18 1.81 -35.29
N LEU B 179 -23.27 1.04 -34.70
CA LEU B 179 -22.35 1.59 -33.71
C LEU B 179 -21.38 2.58 -34.36
N ARG B 180 -20.98 2.32 -35.60
CA ARG B 180 -20.05 3.21 -36.28
C ARG B 180 -20.68 4.59 -36.51
N THR B 181 -21.90 4.61 -37.04
CA THR B 181 -22.60 5.86 -37.27
C THR B 181 -23.16 6.47 -35.99
N GLN B 182 -23.24 5.70 -34.91
CA GLN B 182 -23.67 6.25 -33.63
C GLN B 182 -22.55 7.04 -32.97
N CYS B 183 -21.31 6.60 -33.12
CA CYS B 183 -20.18 7.34 -32.56
C CYS B 183 -19.98 8.66 -33.29
N ALA B 184 -20.19 8.68 -34.60
CA ALA B 184 -20.03 9.91 -35.37
C ALA B 184 -21.16 10.89 -35.08
N LEU B 185 -22.37 10.39 -34.89
CA LEU B 185 -23.50 11.26 -34.59
C LEU B 185 -23.33 11.92 -33.23
N ALA B 186 -22.96 11.15 -32.22
CA ALA B 186 -22.76 11.70 -30.88
C ALA B 186 -21.53 12.58 -30.79
N ALA B 187 -20.55 12.38 -31.67
CA ALA B 187 -19.35 13.22 -31.66
C ALA B 187 -19.61 14.58 -32.29
N SER B 188 -20.33 14.61 -33.40
CA SER B 188 -20.66 15.87 -34.07
C SER B 188 -21.68 16.69 -33.31
N LYS B 189 -22.16 16.21 -32.16
CA LYS B 189 -23.18 16.90 -31.39
C LYS B 189 -22.72 17.18 -29.97
N LEU B 190 -21.41 17.32 -29.77
CA LEU B 190 -20.90 17.68 -28.46
C LEU B 190 -21.28 19.11 -28.11
N LEU B 191 -20.85 19.55 -26.93
CA LEU B 191 -21.29 20.82 -26.37
C LEU B 191 -20.59 22.01 -27.00
N LYS B 192 -19.29 21.88 -27.28
CA LYS B 192 -18.49 22.96 -27.82
C LYS B 192 -17.94 22.58 -29.19
N LYS B 193 -17.72 23.59 -30.03
CA LYS B 193 -17.12 23.35 -31.34
C LYS B 193 -15.72 22.74 -31.26
N PRO B 194 -14.79 23.27 -30.45
CA PRO B 194 -13.46 22.63 -30.39
C PRO B 194 -13.51 21.18 -29.97
N ASP B 195 -14.38 20.82 -29.01
CA ASP B 195 -14.52 19.43 -28.63
C ASP B 195 -15.21 18.62 -29.72
N GLN B 196 -16.11 19.24 -30.48
CA GLN B 196 -16.70 18.56 -31.62
C GLN B 196 -15.65 18.23 -32.67
N GLY B 197 -14.78 19.20 -32.98
CA GLY B 197 -13.76 18.96 -33.98
C GLY B 197 -12.80 17.85 -33.62
N ARG B 198 -12.46 17.74 -32.34
CA ARG B 198 -11.58 16.66 -31.90
C ARG B 198 -12.27 15.31 -31.99
N ALA B 199 -13.52 15.23 -31.51
CA ALA B 199 -14.20 13.95 -31.44
C ALA B 199 -14.55 13.43 -32.82
N VAL B 200 -14.93 14.31 -33.75
CA VAL B 200 -15.24 13.88 -35.11
C VAL B 200 -13.97 13.39 -35.80
N SER B 201 -12.87 14.12 -35.64
CA SER B 201 -11.61 13.70 -36.25
C SER B 201 -11.08 12.43 -35.61
N THR B 202 -11.44 12.16 -34.35
CA THR B 202 -11.05 10.91 -33.71
C THR B 202 -11.86 9.74 -34.26
N CYS B 203 -13.07 10.00 -34.73
CA CYS B 203 -13.92 8.95 -35.29
C CYS B 203 -13.41 8.42 -36.61
N ALA B 204 -12.42 9.08 -37.23
CA ALA B 204 -11.90 8.62 -38.51
C ALA B 204 -11.19 7.28 -38.40
N HIS B 205 -10.67 6.96 -37.21
CA HIS B 205 -10.03 5.67 -37.01
C HIS B 205 -11.02 4.52 -37.01
N LEU B 206 -12.30 4.78 -36.76
CA LEU B 206 -13.29 3.72 -36.78
C LEU B 206 -13.51 3.21 -38.20
N PHE B 207 -13.53 4.11 -39.18
CA PHE B 207 -13.75 3.74 -40.57
C PHE B 207 -12.51 3.14 -41.23
N TRP B 208 -11.32 3.45 -40.72
CA TRP B 208 -10.07 2.97 -41.30
C TRP B 208 -9.59 1.68 -40.65
N SER B 209 -9.28 1.74 -39.35
CA SER B 209 -8.68 0.62 -38.64
C SER B 209 -9.70 -0.21 -37.86
N GLY B 210 -11.00 -0.02 -38.10
CA GLY B 210 -12.01 -0.85 -37.48
C GLY B 210 -12.22 -2.13 -38.28
N ARG B 211 -12.45 -3.22 -37.55
CA ARG B 211 -12.60 -4.53 -38.17
C ARG B 211 -13.99 -5.09 -37.92
N ASN B 212 -14.59 -5.65 -38.97
CA ASN B 212 -15.79 -6.47 -38.87
C ASN B 212 -15.49 -7.88 -39.34
N THR B 213 -16.40 -8.79 -39.08
CA THR B 213 -16.19 -10.21 -39.37
C THR B 213 -16.55 -10.58 -40.81
N ASP B 214 -16.71 -9.60 -41.69
CA ASP B 214 -17.01 -9.87 -43.09
C ASP B 214 -15.79 -9.76 -44.00
N LYS B 215 -14.70 -9.16 -43.51
CA LYS B 215 -13.52 -8.88 -44.32
C LYS B 215 -12.40 -9.89 -44.11
N ASN B 216 -12.73 -11.07 -43.60
CA ASN B 216 -11.73 -12.08 -43.21
C ASN B 216 -10.75 -11.49 -42.19
N GLY B 217 -11.28 -10.72 -41.24
CA GLY B 217 -10.46 -10.11 -40.21
C GLY B 217 -9.59 -8.96 -40.69
N GLU B 218 -9.92 -8.36 -41.81
CA GLU B 218 -9.14 -7.26 -42.36
C GLU B 218 -9.77 -5.91 -42.01
N GLU B 219 -8.95 -4.88 -42.07
CA GLU B 219 -9.42 -3.53 -41.75
C GLU B 219 -10.30 -3.00 -42.87
N LEU B 220 -11.20 -2.08 -42.50
CA LEU B 220 -12.19 -1.57 -43.46
C LEU B 220 -11.53 -0.73 -44.53
N HIS B 221 -10.69 0.23 -44.13
CA HIS B 221 -9.99 1.12 -45.07
C HIS B 221 -10.95 1.93 -45.91
N GLY B 222 -12.02 2.44 -45.29
CA GLY B 222 -12.96 3.29 -45.97
C GLY B 222 -12.41 4.69 -46.19
N GLY B 223 -11.63 4.87 -47.26
CA GLY B 223 -10.91 6.11 -47.45
C GLY B 223 -11.80 7.32 -47.59
N LYS B 224 -12.94 7.17 -48.27
CA LYS B 224 -13.85 8.30 -48.46
C LYS B 224 -14.47 8.74 -47.14
N ARG B 225 -14.93 7.77 -46.33
CA ARG B 225 -15.49 8.11 -45.03
C ARG B 225 -14.45 8.71 -44.10
N VAL B 226 -13.18 8.30 -44.25
CA VAL B 226 -12.11 8.90 -43.47
C VAL B 226 -12.01 10.39 -43.77
N MET B 227 -12.19 10.77 -45.03
CA MET B 227 -12.15 12.19 -45.38
C MET B 227 -13.40 12.92 -44.89
N GLU B 228 -14.58 12.31 -45.04
CA GLU B 228 -15.82 12.94 -44.63
C GLU B 228 -15.75 13.41 -43.19
N CYS B 229 -15.08 12.65 -42.32
CA CYS B 229 -14.90 13.09 -40.94
C CYS B 229 -13.97 14.29 -40.86
N LEU B 230 -12.87 14.26 -41.61
CA LEU B 230 -11.89 15.34 -41.53
C LEU B 230 -12.40 16.60 -42.24
N LYS B 231 -13.12 16.44 -43.35
CA LYS B 231 -13.79 17.58 -43.95
C LYS B 231 -14.81 18.18 -42.99
N LYS B 232 -15.58 17.32 -42.31
CA LYS B 232 -16.54 17.80 -41.32
C LYS B 232 -15.84 18.35 -40.09
N ALA B 233 -14.64 17.87 -39.79
CA ALA B 233 -13.89 18.41 -38.65
C ALA B 233 -13.32 19.79 -38.96
N LEU B 234 -12.98 20.05 -40.22
CA LEU B 234 -12.50 21.38 -40.59
C LEU B 234 -13.65 22.38 -40.64
N LYS B 235 -14.83 21.95 -41.06
CA LYS B 235 -16.00 22.81 -41.05
C LYS B 235 -16.30 23.29 -39.64
N ILE B 236 -16.26 22.39 -38.66
CA ILE B 236 -16.45 22.77 -37.26
C ILE B 236 -15.32 23.68 -36.80
N ALA B 237 -14.11 23.47 -37.34
CA ALA B 237 -12.97 24.29 -36.92
C ALA B 237 -13.14 25.74 -37.36
N ASN B 238 -13.69 25.98 -38.55
CA ASN B 238 -13.88 27.35 -39.01
C ASN B 238 -14.85 28.11 -38.11
N GLN B 239 -15.96 27.47 -37.74
CA GLN B 239 -16.97 28.08 -36.89
C GLN B 239 -16.59 28.07 -35.41
N CYS B 240 -15.31 27.87 -35.08
CA CYS B 240 -14.90 27.77 -33.69
C CYS B 240 -14.97 29.12 -33.01
N MET B 241 -14.41 29.19 -31.81
CA MET B 241 -14.69 30.25 -30.86
C MET B 241 -13.51 31.13 -30.51
N ASP B 242 -12.29 30.59 -30.52
CA ASP B 242 -11.10 31.31 -30.12
C ASP B 242 -10.09 31.18 -31.26
N PRO B 243 -9.57 32.29 -31.80
CA PRO B 243 -8.53 32.16 -32.84
C PRO B 243 -7.36 31.30 -32.40
N SER B 244 -7.08 31.23 -31.10
CA SER B 244 -6.13 30.25 -30.59
C SER B 244 -6.64 28.83 -30.78
N LEU B 245 -7.83 28.54 -30.21
CA LEU B 245 -8.42 27.21 -30.36
C LEU B 245 -8.73 26.89 -31.81
N GLN B 246 -9.05 27.91 -32.62
CA GLN B 246 -9.32 27.67 -34.04
C GLN B 246 -8.08 27.13 -34.74
N VAL B 247 -6.95 27.84 -34.62
CA VAL B 247 -5.71 27.38 -35.24
C VAL B 247 -5.20 26.12 -34.55
N GLN B 248 -5.37 26.04 -33.23
CA GLN B 248 -4.97 24.83 -32.51
C GLN B 248 -5.69 23.60 -33.04
N LEU B 249 -6.94 23.75 -33.46
CA LEU B 249 -7.66 22.65 -34.08
C LEU B 249 -7.25 22.45 -35.54
N PHE B 250 -6.84 23.52 -36.22
CA PHE B 250 -6.38 23.37 -37.60
C PHE B 250 -5.09 22.58 -37.67
N ILE B 251 -4.21 22.71 -36.68
CA ILE B 251 -2.96 21.96 -36.69
C ILE B 251 -3.21 20.51 -36.28
N GLU B 252 -4.16 20.26 -35.38
CA GLU B 252 -4.49 18.91 -34.98
C GLU B 252 -5.03 18.10 -36.16
N ILE B 253 -5.96 18.70 -36.90
CA ILE B 253 -6.54 18.02 -38.07
C ILE B 253 -5.47 17.81 -39.13
N LEU B 254 -4.48 18.71 -39.21
CA LEU B 254 -3.39 18.54 -40.16
C LEU B 254 -2.62 17.26 -39.90
N ASN B 255 -2.25 17.03 -38.62
CA ASN B 255 -1.55 15.80 -38.27
C ASN B 255 -2.43 14.58 -38.49
N ARG B 256 -3.75 14.74 -38.39
CA ARG B 256 -4.65 13.61 -38.63
C ARG B 256 -4.66 13.22 -40.10
N TYR B 257 -4.57 14.22 -40.99
CA TYR B 257 -4.40 13.92 -42.41
C TYR B 257 -3.07 13.20 -42.65
N ILE B 258 -2.01 13.64 -41.97
CA ILE B 258 -0.69 13.04 -42.15
C ILE B 258 -0.70 11.58 -41.70
N TYR B 259 -1.49 11.26 -40.67
CA TYR B 259 -1.60 9.88 -40.22
C TYR B 259 -2.07 8.97 -41.36
N PHE B 260 -3.23 9.29 -41.93
CA PHE B 260 -3.76 8.48 -43.02
C PHE B 260 -2.91 8.62 -44.29
N TYR B 261 -2.27 9.77 -44.48
CA TYR B 261 -1.38 9.94 -45.62
C TYR B 261 -0.24 8.93 -45.58
N GLU B 262 0.34 8.71 -44.41
CA GLU B 262 1.43 7.74 -44.27
C GLU B 262 0.92 6.31 -44.19
N LYS B 263 -0.35 6.11 -43.87
CA LYS B 263 -0.96 4.78 -43.85
C LYS B 263 -1.49 4.37 -45.22
N GLU B 264 -1.09 5.08 -46.28
CA GLU B 264 -1.48 4.76 -47.66
C GLU B 264 -2.99 4.88 -47.85
N ASN B 265 -3.53 6.04 -47.52
CA ASN B 265 -4.92 6.37 -47.82
C ASN B 265 -4.94 7.14 -49.14
N ASP B 266 -5.64 6.59 -50.14
CA ASP B 266 -5.64 7.20 -51.46
C ASP B 266 -6.28 8.58 -51.45
N ALA B 267 -7.34 8.75 -50.66
CA ALA B 267 -8.11 9.99 -50.66
C ALA B 267 -7.37 11.17 -50.04
N VAL B 268 -6.19 10.95 -49.47
CA VAL B 268 -5.39 12.02 -48.89
C VAL B 268 -4.30 12.39 -49.90
N THR B 269 -4.42 13.55 -50.52
CA THR B 269 -3.46 14.03 -51.49
C THR B 269 -2.71 15.24 -50.94
N ILE B 270 -1.51 15.47 -51.47
CA ILE B 270 -0.65 16.56 -50.99
C ILE B 270 -1.30 17.92 -51.21
N GLN B 271 -2.28 18.00 -52.13
CA GLN B 271 -2.99 19.26 -52.32
C GLN B 271 -3.81 19.62 -51.09
N VAL B 272 -4.40 18.61 -50.43
CA VAL B 272 -5.17 18.87 -49.21
C VAL B 272 -4.26 19.36 -48.09
N LEU B 273 -3.04 18.82 -48.02
CA LEU B 273 -2.11 19.24 -46.97
C LEU B 273 -1.67 20.69 -47.18
N ASN B 274 -1.27 21.04 -48.40
CA ASN B 274 -0.78 22.39 -48.67
C ASN B 274 -1.87 23.44 -48.46
N GLN B 275 -3.13 23.08 -48.69
CA GLN B 275 -4.24 24.00 -48.45
C GLN B 275 -4.32 24.38 -46.97
N LEU B 276 -4.00 23.44 -46.08
CA LEU B 276 -4.14 23.66 -44.64
C LEU B 276 -2.93 24.35 -44.03
N ILE B 277 -1.73 24.03 -44.49
CA ILE B 277 -0.54 24.70 -43.96
C ILE B 277 -0.53 26.16 -44.37
N GLN B 278 -1.12 26.50 -45.51
CA GLN B 278 -1.24 27.91 -45.89
C GLN B 278 -2.32 28.60 -45.07
N LYS B 279 -3.42 27.90 -44.79
CA LYS B 279 -4.47 28.46 -43.94
C LYS B 279 -3.95 28.73 -42.54
N ILE B 280 -3.07 27.86 -42.04
CA ILE B 280 -2.47 28.08 -40.73
C ILE B 280 -1.45 29.22 -40.79
N ARG B 281 -0.71 29.32 -41.90
CA ARG B 281 0.24 30.41 -42.05
C ARG B 281 -0.43 31.77 -42.04
N GLU B 282 -1.70 31.83 -42.43
CA GLU B 282 -2.39 33.11 -42.50
C GLU B 282 -2.92 33.56 -41.13
N ASP B 283 -3.50 32.63 -40.37
CA ASP B 283 -4.17 32.98 -39.12
C ASP B 283 -3.27 32.92 -37.91
N LEU B 284 -2.11 32.26 -38.00
CA LEU B 284 -1.23 32.07 -36.85
C LEU B 284 -0.63 33.39 -36.36
N PRO B 285 -0.16 34.29 -37.23
CA PRO B 285 0.31 35.59 -36.73
C PRO B 285 -0.78 36.43 -36.10
N ASN B 286 -2.06 36.14 -36.37
CA ASN B 286 -3.18 36.89 -35.80
C ASN B 286 -3.61 36.34 -34.45
N LEU B 287 -2.67 35.94 -33.62
CA LEU B 287 -2.95 35.44 -32.28
C LEU B 287 -2.28 36.32 -31.24
N GLU B 288 -2.74 36.19 -30.00
CA GLU B 288 -2.12 36.91 -28.90
C GLU B 288 -0.77 36.30 -28.55
N SER B 289 0.20 37.14 -28.19
CA SER B 289 1.50 36.66 -27.75
C SER B 289 1.36 36.08 -26.35
N SER B 290 1.44 34.75 -26.24
CA SER B 290 1.19 34.09 -24.97
C SER B 290 1.94 32.76 -24.92
N GLU B 291 1.92 32.14 -23.74
CA GLU B 291 2.40 30.78 -23.59
C GLU B 291 1.60 29.82 -24.46
N GLU B 292 0.29 30.09 -24.63
CA GLU B 292 -0.56 29.21 -25.41
C GLU B 292 -0.16 29.17 -26.88
N THR B 293 0.07 30.36 -27.46
CA THR B 293 0.40 30.42 -28.88
C THR B 293 1.87 30.16 -29.17
N GLU B 294 2.73 30.23 -28.15
CA GLU B 294 4.10 29.77 -28.34
C GLU B 294 4.15 28.26 -28.54
N GLN B 295 3.40 27.51 -27.73
CA GLN B 295 3.31 26.08 -27.91
C GLN B 295 2.58 25.71 -29.19
N ILE B 296 1.58 26.51 -29.59
CA ILE B 296 0.92 26.30 -30.86
C ILE B 296 1.89 26.54 -32.01
N ASN B 297 2.80 27.49 -31.86
CA ASN B 297 3.82 27.72 -32.88
C ASN B 297 4.76 26.52 -32.99
N LYS B 298 5.25 26.03 -31.85
CA LYS B 298 6.16 24.88 -31.87
C LYS B 298 5.48 23.63 -32.42
N HIS B 299 4.18 23.48 -32.14
CA HIS B 299 3.44 22.33 -32.65
C HIS B 299 3.39 22.34 -34.17
N PHE B 300 3.14 23.51 -34.76
CA PHE B 300 3.15 23.62 -36.22
C PHE B 300 4.55 23.48 -36.80
N HIS B 301 5.57 23.93 -36.04
CA HIS B 301 6.94 23.76 -36.49
C HIS B 301 7.33 22.29 -36.53
N ASN B 302 6.90 21.52 -35.53
CA ASN B 302 7.19 20.08 -35.51
C ASN B 302 6.46 19.36 -36.62
N THR B 303 5.21 19.76 -36.90
CA THR B 303 4.44 19.14 -37.96
C THR B 303 5.10 19.36 -39.32
N LEU B 304 5.60 20.57 -39.58
CA LEU B 304 6.30 20.83 -40.83
C LEU B 304 7.64 20.10 -40.88
N GLU B 305 8.30 19.95 -39.74
CA GLU B 305 9.57 19.23 -39.70
C GLU B 305 9.38 17.74 -39.98
N HIS B 306 8.26 17.17 -39.53
CA HIS B 306 7.98 15.77 -39.79
C HIS B 306 7.70 15.52 -41.26
N LEU B 307 6.99 16.44 -41.92
CA LEU B 307 6.65 16.26 -43.32
C LEU B 307 7.87 16.37 -44.22
N ARG B 308 8.88 17.12 -43.80
CA ARG B 308 10.07 17.35 -44.61
C ARG B 308 10.90 16.07 -44.76
N MET C 1 20.51 -47.61 1.74
CA MET C 1 19.36 -47.35 2.60
C MET C 1 19.39 -45.93 3.14
N LEU C 2 18.42 -45.11 2.74
CA LEU C 2 18.26 -43.77 3.29
C LEU C 2 16.79 -43.49 3.52
N VAL C 3 16.47 -42.95 4.70
CA VAL C 3 15.10 -42.80 5.17
C VAL C 3 14.80 -41.31 5.36
N LEU C 4 13.65 -40.87 4.86
CA LEU C 4 13.17 -39.51 5.09
C LEU C 4 12.35 -39.48 6.37
N VAL C 5 12.62 -38.51 7.23
CA VAL C 5 11.91 -38.34 8.49
C VAL C 5 11.29 -36.96 8.51
N LEU C 6 9.97 -36.90 8.62
CA LEU C 6 9.24 -35.64 8.59
C LEU C 6 7.91 -35.84 9.31
N GLY C 7 7.15 -34.76 9.42
CA GLY C 7 5.85 -34.82 10.05
C GLY C 7 5.40 -33.44 10.50
N ASP C 8 4.19 -33.43 11.08
CA ASP C 8 3.57 -32.21 11.60
C ASP C 8 3.40 -31.17 10.51
N LEU C 9 2.83 -31.60 9.39
CA LEU C 9 2.58 -30.70 8.27
C LEU C 9 1.40 -29.78 8.56
N HIS C 10 0.35 -30.33 9.17
CA HIS C 10 -0.85 -29.57 9.56
C HIS C 10 -1.45 -28.82 8.38
N ILE C 11 -1.59 -29.53 7.27
CA ILE C 11 -2.22 -29.00 6.06
C ILE C 11 -3.61 -29.61 5.96
N PRO C 12 -4.67 -28.81 5.78
CA PRO C 12 -4.62 -27.35 5.64
C PRO C 12 -4.87 -26.58 6.94
N HIS C 13 -4.81 -27.28 8.07
CA HIS C 13 -5.17 -26.66 9.34
C HIS C 13 -4.30 -25.45 9.65
N ARG C 14 -2.98 -25.60 9.50
CA ARG C 14 -2.04 -24.56 9.88
C ARG C 14 -1.12 -24.11 8.75
N CYS C 15 -1.01 -24.86 7.67
CA CYS C 15 -0.22 -24.47 6.51
C CYS C 15 -0.97 -24.89 5.25
N ASN C 16 -0.35 -24.66 4.10
CA ASN C 16 -0.92 -25.02 2.82
C ASN C 16 -0.05 -25.95 1.98
N SER C 17 1.26 -25.90 2.17
CA SER C 17 2.19 -26.75 1.43
C SER C 17 3.55 -26.63 2.10
N LEU C 18 4.45 -27.53 1.72
CA LEU C 18 5.84 -27.41 2.14
C LEU C 18 6.44 -26.14 1.52
N PRO C 19 7.49 -25.59 2.14
CA PRO C 19 8.17 -24.45 1.52
C PRO C 19 8.67 -24.82 0.13
N ALA C 20 8.81 -23.79 -0.72
CA ALA C 20 9.06 -24.01 -2.14
C ALA C 20 10.32 -24.82 -2.37
N LYS C 21 11.38 -24.55 -1.60
CA LYS C 21 12.64 -25.26 -1.79
C LYS C 21 12.57 -26.70 -1.30
N PHE C 22 11.67 -27.00 -0.35
CA PHE C 22 11.52 -28.38 0.09
C PHE C 22 10.89 -29.25 -0.98
N LYS C 23 9.90 -28.71 -1.69
CA LYS C 23 9.24 -29.48 -2.76
C LYS C 23 10.18 -29.74 -3.92
N LYS C 24 11.15 -28.86 -4.16
CA LYS C 24 12.13 -29.10 -5.20
C LYS C 24 13.10 -30.20 -4.80
N LEU C 25 13.48 -30.25 -3.52
CA LEU C 25 14.37 -31.29 -3.05
C LEU C 25 13.67 -32.65 -3.00
N LEU C 26 12.44 -32.68 -2.46
CA LEU C 26 11.71 -33.93 -2.29
C LEU C 26 11.08 -34.33 -3.63
N VAL C 27 11.75 -35.24 -4.34
CA VAL C 27 11.25 -35.73 -5.63
C VAL C 27 11.45 -37.23 -5.69
N PRO C 28 10.60 -37.92 -6.46
CA PRO C 28 10.59 -39.39 -6.43
C PRO C 28 11.90 -40.00 -6.93
N GLY C 29 12.03 -41.30 -6.70
CA GLY C 29 13.13 -42.09 -7.21
C GLY C 29 14.43 -41.98 -6.46
N LYS C 30 14.48 -41.21 -5.37
CA LYS C 30 15.73 -40.96 -4.65
C LYS C 30 15.74 -41.48 -3.22
N ILE C 31 14.58 -41.80 -2.65
CA ILE C 31 14.47 -42.19 -1.25
C ILE C 31 13.75 -43.53 -1.18
N GLN C 32 14.27 -44.45 -0.36
CA GLN C 32 13.71 -45.78 -0.23
C GLN C 32 12.58 -45.84 0.78
N HIS C 33 12.80 -45.32 1.99
CA HIS C 33 11.82 -45.41 3.07
C HIS C 33 11.45 -44.02 3.57
N ILE C 34 10.22 -43.88 4.05
CA ILE C 34 9.73 -42.65 4.64
C ILE C 34 9.06 -42.99 5.96
N LEU C 35 9.52 -42.37 7.05
CA LEU C 35 8.89 -42.47 8.36
C LEU C 35 8.30 -41.11 8.71
N CYS C 36 6.99 -41.06 8.90
CA CYS C 36 6.28 -39.82 9.19
C CYS C 36 5.74 -39.86 10.62
N THR C 37 5.89 -38.75 11.33
CA THR C 37 5.43 -38.67 12.72
C THR C 37 3.94 -38.35 12.82
N GLY C 38 3.28 -38.00 11.73
CA GLY C 38 1.85 -37.77 11.73
C GLY C 38 1.50 -36.32 11.49
N ASN C 39 0.21 -36.02 11.69
CA ASN C 39 -0.37 -34.71 11.43
C ASN C 39 -0.06 -34.24 10.00
N LEU C 40 -0.75 -34.89 9.06
CA LEU C 40 -0.56 -34.59 7.65
C LEU C 40 -1.33 -33.34 7.20
N CYS C 41 -2.64 -33.25 7.45
CA CYS C 41 -3.49 -34.21 8.16
C CYS C 41 -4.54 -34.79 7.23
N THR C 42 -4.13 -35.16 6.01
CA THR C 42 -5.09 -35.54 4.98
C THR C 42 -4.41 -36.45 3.97
N LYS C 43 -5.24 -37.01 3.08
CA LYS C 43 -4.76 -37.90 2.04
C LYS C 43 -4.08 -37.14 0.89
N GLU C 44 -4.36 -35.84 0.75
CA GLU C 44 -3.61 -35.04 -0.21
C GLU C 44 -2.12 -35.07 0.09
N SER C 45 -1.76 -34.98 1.37
CA SER C 45 -0.36 -35.09 1.77
C SER C 45 0.11 -36.54 1.74
N TYR C 46 -0.78 -37.48 2.09
CA TYR C 46 -0.42 -38.89 2.06
C TYR C 46 -0.07 -39.33 0.65
N ASP C 47 -0.95 -39.04 -0.32
CA ASP C 47 -0.70 -39.44 -1.70
C ASP C 47 0.56 -38.79 -2.26
N TYR C 48 0.89 -37.59 -1.78
CA TYR C 48 2.16 -36.98 -2.15
C TYR C 48 3.33 -37.75 -1.57
N LEU C 49 3.21 -38.23 -0.32
CA LEU C 49 4.26 -39.02 0.28
C LEU C 49 4.38 -40.38 -0.39
N LYS C 50 3.25 -40.97 -0.80
CA LYS C 50 3.27 -42.29 -1.44
C LYS C 50 4.01 -42.26 -2.78
N THR C 51 4.07 -41.10 -3.43
CA THR C 51 4.82 -40.96 -4.67
C THR C 51 6.27 -40.57 -4.45
N LEU C 52 6.70 -40.40 -3.20
CA LEU C 52 8.10 -40.10 -2.92
C LEU C 52 8.92 -41.35 -2.62
N ALA C 53 8.28 -42.41 -2.13
CA ALA C 53 8.96 -43.67 -1.86
C ALA C 53 7.93 -44.78 -1.80
N GLY C 54 8.41 -46.01 -1.92
CA GLY C 54 7.54 -47.17 -1.89
C GLY C 54 7.06 -47.51 -0.48
N ASP C 55 8.01 -47.70 0.44
CA ASP C 55 7.69 -48.04 1.83
C ASP C 55 7.51 -46.74 2.62
N VAL C 56 6.26 -46.41 2.92
CA VAL C 56 5.93 -45.21 3.67
C VAL C 56 5.18 -45.64 4.93
N HIS C 57 5.78 -45.41 6.09
CA HIS C 57 5.18 -45.73 7.38
C HIS C 57 4.72 -44.44 8.04
N ILE C 58 3.47 -44.42 8.51
CA ILE C 58 2.90 -43.26 9.18
C ILE C 58 2.18 -43.72 10.45
N VAL C 59 2.36 -42.97 11.52
CA VAL C 59 1.61 -43.16 12.75
C VAL C 59 0.59 -42.03 12.86
N ARG C 60 -0.38 -42.21 13.76
CA ARG C 60 -1.50 -41.27 13.87
C ARG C 60 -1.12 -40.08 14.73
N GLY C 61 -1.26 -38.87 14.17
CA GLY C 61 -1.12 -37.67 14.94
C GLY C 61 -2.42 -37.26 15.61
N ASP C 62 -2.35 -36.24 16.47
CA ASP C 62 -3.51 -35.83 17.24
C ASP C 62 -4.58 -35.19 16.38
N PHE C 63 -4.25 -34.72 15.17
CA PHE C 63 -5.22 -34.10 14.28
C PHE C 63 -5.39 -34.88 12.97
N ASP C 64 -4.93 -36.13 12.92
CA ASP C 64 -5.12 -36.95 11.74
C ASP C 64 -6.51 -37.57 11.76
N GLU C 65 -7.31 -37.26 10.74
CA GLU C 65 -8.67 -37.79 10.66
C GLU C 65 -8.71 -39.27 10.34
N ASN C 66 -7.58 -39.88 9.98
CA ASN C 66 -7.53 -41.29 9.62
C ASN C 66 -7.23 -42.11 10.87
N LEU C 67 -8.10 -43.06 11.17
CA LEU C 67 -7.90 -43.96 12.30
C LEU C 67 -7.08 -45.20 11.92
N ASN C 68 -7.04 -45.55 10.63
CA ASN C 68 -6.30 -46.73 10.20
C ASN C 68 -4.81 -46.63 10.50
N TYR C 69 -4.29 -45.42 10.69
CA TYR C 69 -2.91 -45.26 11.12
C TYR C 69 -2.75 -45.82 12.53
N PRO C 70 -1.73 -46.63 12.79
CA PRO C 70 -1.52 -47.12 14.16
C PRO C 70 -1.01 -46.00 15.06
N GLU C 71 -1.23 -46.20 16.36
CA GLU C 71 -0.77 -45.21 17.34
C GLU C 71 0.75 -45.09 17.33
N GLN C 72 1.45 -46.22 17.28
CA GLN C 72 2.90 -46.25 17.16
C GLN C 72 3.28 -47.32 16.13
N LYS C 73 4.57 -47.42 15.85
CA LYS C 73 5.07 -48.40 14.89
C LYS C 73 6.55 -48.65 15.16
N VAL C 74 6.94 -49.93 15.11
CA VAL C 74 8.34 -50.33 15.22
C VAL C 74 8.72 -51.01 13.92
N VAL C 75 9.68 -50.43 13.20
CA VAL C 75 10.13 -50.96 11.93
C VAL C 75 11.65 -51.07 11.95
N THR C 76 12.17 -52.07 11.24
CA THR C 76 13.60 -52.33 11.18
C THR C 76 14.13 -51.94 9.80
N VAL C 77 15.18 -51.13 9.78
CA VAL C 77 15.87 -50.73 8.56
C VAL C 77 17.34 -51.06 8.76
N GLY C 78 17.80 -52.13 8.12
CA GLY C 78 19.19 -52.55 8.31
C GLY C 78 19.36 -53.19 9.67
N GLN C 79 20.34 -52.69 10.43
CA GLN C 79 20.63 -53.21 11.76
C GLN C 79 19.89 -52.46 12.86
N PHE C 80 19.12 -51.42 12.52
CA PHE C 80 18.51 -50.55 13.51
C PHE C 80 17.03 -50.88 13.67
N LYS C 81 16.62 -51.15 14.91
CA LYS C 81 15.22 -51.24 15.28
C LYS C 81 14.72 -49.84 15.61
N ILE C 82 13.77 -49.33 14.83
CA ILE C 82 13.34 -47.94 14.89
C ILE C 82 11.91 -47.89 15.42
N GLY C 83 11.68 -47.06 16.44
CA GLY C 83 10.36 -46.83 16.97
C GLY C 83 9.79 -45.52 16.43
N LEU C 84 8.49 -45.52 16.15
CA LEU C 84 7.83 -44.37 15.55
C LEU C 84 6.58 -44.02 16.35
N ILE C 85 6.42 -42.73 16.68
CA ILE C 85 5.25 -42.24 17.37
C ILE C 85 5.22 -40.73 17.19
N HIS C 86 4.03 -40.14 17.36
CA HIS C 86 3.94 -38.69 17.15
C HIS C 86 4.54 -37.92 18.32
N GLY C 87 4.23 -38.32 19.54
CA GLY C 87 4.76 -37.67 20.73
C GLY C 87 3.72 -37.06 21.65
N HIS C 88 2.48 -36.86 21.17
CA HIS C 88 1.44 -36.32 22.04
C HIS C 88 1.07 -37.28 23.16
N GLN C 89 1.34 -38.57 23.00
CA GLN C 89 1.10 -39.56 24.04
C GLN C 89 2.15 -39.54 25.12
N VAL C 90 3.29 -38.88 24.89
CA VAL C 90 4.40 -38.86 25.82
C VAL C 90 4.24 -37.64 26.73
N ILE C 91 3.86 -37.88 27.98
CA ILE C 91 3.59 -36.82 28.95
C ILE C 91 4.71 -36.83 29.99
N PRO C 92 5.33 -35.68 30.30
CA PRO C 92 5.12 -34.37 29.67
C PRO C 92 5.63 -34.34 28.23
N TRP C 93 5.11 -33.42 27.43
CA TRP C 93 5.47 -33.36 26.01
C TRP C 93 6.94 -33.02 25.85
N GLY C 94 7.66 -33.86 25.11
CA GLY C 94 9.07 -33.65 24.85
C GLY C 94 10.00 -33.88 26.01
N ASP C 95 9.54 -34.57 27.07
CA ASP C 95 10.39 -34.81 28.23
C ASP C 95 11.42 -35.89 27.93
N MET C 96 12.64 -35.67 28.43
CA MET C 96 13.73 -36.62 28.20
C MET C 96 13.42 -37.97 28.84
N ALA C 97 13.13 -37.97 30.14
CA ALA C 97 12.88 -39.21 30.85
C ALA C 97 11.64 -39.92 30.31
N SER C 98 10.59 -39.15 29.97
CA SER C 98 9.39 -39.76 29.42
C SER C 98 9.63 -40.37 28.06
N LEU C 99 10.62 -39.85 27.31
CA LEU C 99 10.95 -40.42 26.01
C LEU C 99 11.80 -41.67 26.15
N ALA C 100 12.74 -41.67 27.09
CA ALA C 100 13.54 -42.86 27.34
C ALA C 100 12.70 -44.00 27.91
N LEU C 101 11.64 -43.67 28.64
CA LEU C 101 10.72 -44.69 29.11
C LEU C 101 10.07 -45.43 27.95
N LEU C 102 9.66 -44.70 26.91
CA LEU C 102 9.07 -45.32 25.74
C LEU C 102 10.09 -46.11 24.92
N GLN C 103 11.38 -45.75 25.04
CA GLN C 103 12.42 -46.53 24.35
C GLN C 103 12.53 -47.93 24.94
N ARG C 104 12.35 -48.06 26.26
CA ARG C 104 12.41 -49.37 26.89
C ARG C 104 11.21 -50.22 26.51
N GLN C 105 10.05 -49.60 26.34
CA GLN C 105 8.85 -50.34 25.95
C GLN C 105 8.99 -50.93 24.56
N PHE C 106 9.37 -50.11 23.59
CA PHE C 106 9.51 -50.59 22.21
C PHE C 106 10.76 -51.45 22.04
N ASP C 107 11.78 -51.23 22.88
CA ASP C 107 13.10 -51.83 22.71
C ASP C 107 13.63 -51.55 21.30
N VAL C 108 13.90 -50.26 21.07
CA VAL C 108 14.36 -49.78 19.78
C VAL C 108 15.70 -49.09 19.97
N ASP C 109 16.55 -49.17 18.95
CA ASP C 109 17.80 -48.42 18.94
C ASP C 109 17.56 -46.95 18.66
N ILE C 110 16.43 -46.60 18.05
CA ILE C 110 16.15 -45.24 17.62
C ILE C 110 14.66 -44.97 17.81
N LEU C 111 14.33 -43.97 18.64
CA LEU C 111 12.95 -43.54 18.83
C LEU C 111 12.81 -42.13 18.31
N ILE C 112 11.78 -41.89 17.50
CA ILE C 112 11.56 -40.60 16.85
C ILE C 112 10.13 -40.15 17.14
N SER C 113 9.97 -38.88 17.52
CA SER C 113 8.67 -38.29 17.83
C SER C 113 8.70 -36.83 17.38
N GLY C 114 7.52 -36.22 17.26
CA GLY C 114 7.49 -34.90 16.65
C GLY C 114 6.50 -33.86 17.17
N HIS C 115 5.81 -34.17 18.27
CA HIS C 115 4.76 -33.27 18.75
C HIS C 115 5.27 -31.84 18.99
N THR C 116 6.57 -31.68 19.28
CA THR C 116 7.05 -30.39 19.75
C THR C 116 7.20 -29.38 18.62
N HIS C 117 7.36 -29.84 17.38
CA HIS C 117 7.76 -29.01 16.23
C HIS C 117 9.15 -28.43 16.43
N LYS C 118 9.94 -29.00 17.32
CA LYS C 118 11.30 -28.56 17.62
C LYS C 118 12.25 -29.64 17.12
N PHE C 119 13.11 -29.30 16.15
CA PHE C 119 14.07 -30.30 15.68
C PHE C 119 15.01 -30.69 16.80
N GLU C 120 15.12 -31.99 17.05
CA GLU C 120 16.07 -32.52 18.01
C GLU C 120 16.64 -33.83 17.48
N ALA C 121 17.94 -33.99 17.64
CA ALA C 121 18.64 -35.22 17.25
C ALA C 121 19.83 -35.38 18.18
N PHE C 122 19.82 -36.42 18.99
CA PHE C 122 20.83 -36.53 20.05
C PHE C 122 20.92 -37.98 20.52
N GLU C 123 22.05 -38.29 21.16
CA GLU C 123 22.29 -39.58 21.76
C GLU C 123 22.08 -39.49 23.27
N HIS C 124 21.49 -40.52 23.85
CA HIS C 124 21.24 -40.55 25.28
C HIS C 124 21.12 -42.01 25.73
N GLU C 125 21.90 -42.38 26.75
CA GLU C 125 21.95 -43.76 27.24
C GLU C 125 22.28 -44.73 26.12
N ASN C 126 23.21 -44.33 25.24
CA ASN C 126 23.60 -45.10 24.07
C ASN C 126 22.39 -45.42 23.18
N LYS C 127 21.42 -44.53 23.15
CA LYS C 127 20.23 -44.68 22.33
C LYS C 127 19.90 -43.34 21.69
N PHE C 128 19.52 -43.37 20.41
CA PHE C 128 19.39 -42.17 19.61
C PHE C 128 17.93 -41.72 19.55
N TYR C 129 17.73 -40.41 19.45
CA TYR C 129 16.39 -39.83 19.46
C TYR C 129 16.33 -38.74 18.40
N ILE C 130 15.31 -38.79 17.55
CA ILE C 130 15.10 -37.77 16.51
C ILE C 130 13.76 -37.07 16.77
N ASN C 131 13.74 -35.78 16.48
CA ASN C 131 12.50 -35.02 16.35
C ASN C 131 12.66 -34.18 15.10
N PRO C 132 11.97 -34.52 14.00
CA PRO C 132 12.20 -33.79 12.75
C PRO C 132 11.59 -32.40 12.72
N GLY C 133 10.81 -32.02 13.73
CA GLY C 133 10.11 -30.76 13.70
C GLY C 133 9.01 -30.76 12.65
N SER C 134 8.47 -29.58 12.42
CA SER C 134 7.40 -29.39 11.44
C SER C 134 8.05 -29.07 10.10
N ALA C 135 7.88 -29.97 9.12
CA ALA C 135 8.41 -29.73 7.79
C ALA C 135 7.76 -28.53 7.12
N THR C 136 6.54 -28.18 7.54
CA THR C 136 5.86 -26.99 7.06
C THR C 136 6.10 -25.78 7.95
N GLY C 137 6.82 -25.94 9.05
CA GLY C 137 6.96 -24.87 10.02
C GLY C 137 5.62 -24.45 10.61
N ALA C 138 4.75 -25.41 10.89
CA ALA C 138 3.38 -25.13 11.26
C ALA C 138 3.30 -24.43 12.62
N TYR C 139 2.13 -23.85 12.88
CA TYR C 139 1.89 -23.14 14.12
C TYR C 139 1.96 -24.09 15.32
N ASN C 140 2.56 -23.61 16.41
CA ASN C 140 2.58 -24.33 17.67
C ASN C 140 2.40 -23.32 18.80
N ALA C 141 1.54 -23.66 19.76
CA ALA C 141 1.19 -22.70 20.80
C ALA C 141 2.28 -22.50 21.83
N LEU C 142 3.23 -23.42 21.94
CA LEU C 142 4.27 -23.35 22.96
C LEU C 142 5.63 -22.95 22.40
N GLU C 143 5.72 -22.66 21.10
CA GLU C 143 6.94 -22.12 20.53
C GLU C 143 6.58 -21.18 19.39
N THR C 144 7.18 -19.99 19.42
CA THR C 144 6.76 -18.89 18.56
C THR C 144 7.60 -18.74 17.30
N ASN C 145 8.77 -19.36 17.23
CA ASN C 145 9.67 -19.23 16.07
C ASN C 145 9.95 -20.62 15.52
N ILE C 146 8.99 -21.16 14.78
CA ILE C 146 9.12 -22.50 14.23
C ILE C 146 9.93 -22.45 12.94
N ILE C 147 10.90 -23.34 12.83
CA ILE C 147 11.76 -23.43 11.65
C ILE C 147 11.30 -24.64 10.83
N PRO C 148 10.79 -24.44 9.62
CA PRO C 148 10.42 -25.59 8.77
C PRO C 148 11.62 -26.51 8.55
N SER C 149 11.50 -27.75 9.00
CA SER C 149 12.65 -28.64 9.00
C SER C 149 12.19 -30.09 8.83
N PHE C 150 13.02 -30.86 8.13
CA PHE C 150 12.87 -32.31 8.02
C PHE C 150 14.24 -32.95 8.16
N VAL C 151 14.25 -34.27 8.29
CA VAL C 151 15.46 -35.02 8.58
C VAL C 151 15.62 -36.15 7.57
N LEU C 152 16.83 -36.30 7.05
CA LEU C 152 17.18 -37.43 6.19
C LEU C 152 18.18 -38.31 6.91
N MET C 153 17.92 -39.62 6.90
CA MET C 153 18.78 -40.61 7.52
C MET C 153 19.54 -41.36 6.45
N ASP C 154 20.83 -41.62 6.69
CA ASP C 154 21.65 -42.42 5.77
C ASP C 154 22.19 -43.59 6.59
N ILE C 155 21.55 -44.74 6.45
CA ILE C 155 21.88 -45.93 7.23
C ILE C 155 22.81 -46.82 6.41
N GLN C 156 23.93 -47.22 7.01
CA GLN C 156 24.86 -48.16 6.39
C GLN C 156 25.35 -49.13 7.47
N ALA C 157 24.92 -50.38 7.36
CA ALA C 157 25.26 -51.43 8.32
C ALA C 157 24.93 -51.02 9.74
N SER C 158 25.95 -50.79 10.56
CA SER C 158 25.79 -50.42 11.97
C SER C 158 26.10 -48.96 12.21
N THR C 159 25.71 -48.09 11.27
CA THR C 159 25.99 -46.66 11.38
C THR C 159 24.88 -45.90 10.69
N VAL C 160 24.44 -44.80 11.30
CA VAL C 160 23.43 -43.92 10.74
C VAL C 160 23.99 -42.50 10.69
N VAL C 161 23.67 -41.79 9.60
CA VAL C 161 24.10 -40.40 9.41
C VAL C 161 22.83 -39.59 9.19
N THR C 162 22.44 -38.80 10.18
CA THR C 162 21.22 -38.01 10.12
C THR C 162 21.54 -36.61 9.64
N TYR C 163 20.87 -36.19 8.57
CA TYR C 163 20.97 -34.84 8.04
C TYR C 163 19.71 -34.06 8.39
N VAL C 164 19.88 -32.85 8.90
CA VAL C 164 18.76 -31.97 9.22
C VAL C 164 18.73 -30.84 8.20
N TYR C 165 17.58 -30.67 7.56
CA TYR C 165 17.35 -29.62 6.57
C TYR C 165 16.45 -28.57 7.20
N GLN C 166 16.90 -27.31 7.20
CA GLN C 166 16.15 -26.23 7.83
C GLN C 166 16.04 -25.06 6.86
N LEU C 167 14.84 -24.52 6.73
CA LEU C 167 14.61 -23.31 5.93
C LEU C 167 14.81 -22.11 6.85
N ILE C 168 15.97 -21.48 6.74
CA ILE C 168 16.32 -20.31 7.52
C ILE C 168 16.20 -19.10 6.61
N GLY C 169 15.22 -18.23 6.90
CA GLY C 169 14.92 -17.12 6.02
C GLY C 169 14.44 -17.60 4.66
N ASP C 170 15.29 -17.51 3.64
CA ASP C 170 15.02 -18.08 2.34
C ASP C 170 15.91 -19.27 2.01
N ASP C 171 16.96 -19.51 2.78
CA ASP C 171 17.96 -20.50 2.44
C ASP C 171 17.68 -21.84 3.11
N VAL C 172 18.00 -22.92 2.40
CA VAL C 172 17.98 -24.26 2.97
C VAL C 172 19.39 -24.57 3.49
N LYS C 173 19.50 -24.80 4.79
CA LYS C 173 20.78 -25.02 5.43
C LYS C 173 20.78 -26.38 6.12
N VAL C 174 21.89 -27.11 5.97
CA VAL C 174 21.99 -28.51 6.36
C VAL C 174 23.06 -28.66 7.42
N GLU C 175 22.78 -29.47 8.43
CA GLU C 175 23.77 -29.93 9.39
C GLU C 175 23.77 -31.46 9.42
N ARG C 176 24.84 -32.04 9.96
CA ARG C 176 25.04 -33.48 9.91
C ARG C 176 25.37 -34.01 11.31
N ILE C 177 24.72 -35.10 11.69
CA ILE C 177 24.97 -35.78 12.95
C ILE C 177 25.11 -37.27 12.67
N GLU C 178 26.11 -37.90 13.28
CA GLU C 178 26.40 -39.31 13.08
C GLU C 178 26.25 -40.06 14.39
N TYR C 179 25.74 -41.29 14.30
CA TYR C 179 25.51 -42.14 15.46
C TYR C 179 25.86 -43.58 15.10
N LYS C 180 26.63 -44.23 15.96
CA LYS C 180 27.04 -45.62 15.77
C LYS C 180 26.49 -46.47 16.90
N LYS C 181 25.83 -47.57 16.53
CA LYS C 181 25.28 -48.46 17.54
C LYS C 181 26.40 -49.13 18.32
N PRO C 182 26.27 -49.21 19.67
CA PRO C 182 27.25 -49.90 20.51
C PRO C 182 27.44 -51.36 20.11
N GLU D 12 -8.76 -36.80 -3.83
CA GLU D 12 -10.21 -36.85 -3.80
C GLU D 12 -10.85 -35.48 -3.99
N ASP D 13 -12.17 -35.43 -3.82
CA ASP D 13 -12.91 -34.20 -4.09
C ASP D 13 -12.52 -33.08 -3.14
N PHE D 14 -12.47 -33.36 -1.84
CA PHE D 14 -12.12 -32.35 -0.86
C PHE D 14 -10.62 -32.21 -0.63
N ALA D 15 -9.80 -32.99 -1.36
CA ALA D 15 -8.39 -32.62 -1.48
C ALA D 15 -8.21 -31.38 -2.35
N ASP D 16 -9.22 -31.06 -3.18
CA ASP D 16 -9.21 -29.84 -3.96
C ASP D 16 -9.53 -28.64 -3.08
N GLU D 17 -10.60 -28.75 -2.29
CA GLU D 17 -11.03 -27.66 -1.41
C GLU D 17 -10.12 -27.48 -0.20
N GLN D 18 -9.12 -28.34 -0.01
CA GLN D 18 -8.20 -28.23 1.12
C GLN D 18 -6.97 -27.38 0.78
N SER D 19 -6.26 -27.74 -0.29
CA SER D 19 -5.23 -26.87 -0.85
C SER D 19 -5.81 -25.51 -1.20
N LEU D 20 -7.14 -25.44 -1.27
CA LEU D 20 -7.84 -24.19 -1.48
C LEU D 20 -7.76 -23.31 -0.24
N VAL D 21 -8.38 -23.75 0.86
CA VAL D 21 -8.41 -22.95 2.08
C VAL D 21 -7.00 -22.74 2.62
N GLY D 22 -6.10 -23.68 2.35
CA GLY D 22 -4.71 -23.51 2.70
C GLY D 22 -4.10 -22.29 2.02
N ARG D 23 -4.21 -22.22 0.69
CA ARG D 23 -3.75 -21.04 -0.04
C ARG D 23 -4.37 -19.77 0.53
N PHE D 24 -5.63 -19.85 0.96
CA PHE D 24 -6.27 -18.69 1.58
C PHE D 24 -5.50 -18.21 2.80
N ILE D 25 -5.07 -19.15 3.66
CA ILE D 25 -4.37 -18.77 4.88
C ILE D 25 -2.96 -18.28 4.55
N HIS D 26 -2.28 -18.94 3.62
CA HIS D 26 -0.93 -18.52 3.25
C HIS D 26 -0.94 -17.10 2.70
N LEU D 27 -1.81 -16.83 1.72
CA LEU D 27 -1.91 -15.49 1.17
C LEU D 27 -2.50 -14.49 2.17
N LEU D 28 -3.19 -14.98 3.20
CA LEU D 28 -3.74 -14.10 4.23
C LEU D 28 -2.65 -13.44 5.06
N ARG D 29 -1.47 -14.06 5.13
CA ARG D 29 -0.37 -13.51 5.94
C ARG D 29 0.15 -12.19 5.38
N SER D 30 -0.10 -11.89 4.12
CA SER D 30 0.42 -10.69 3.49
C SER D 30 -0.25 -9.42 4.00
N GLU D 31 -1.30 -9.53 4.80
CA GLU D 31 -2.08 -8.38 5.23
C GLU D 31 -1.97 -8.18 6.74
N ASP D 32 -2.08 -6.91 7.16
CA ASP D 32 -1.81 -6.52 8.53
C ASP D 32 -2.90 -7.02 9.48
N PRO D 33 -2.60 -7.12 10.77
CA PRO D 33 -3.53 -7.81 11.70
C PRO D 33 -4.91 -7.18 11.80
N ASP D 34 -4.98 -5.85 11.93
CA ASP D 34 -6.28 -5.20 12.10
C ASP D 34 -7.25 -5.57 10.97
N GLN D 35 -6.73 -5.70 9.75
CA GLN D 35 -7.55 -6.16 8.63
C GLN D 35 -7.81 -7.65 8.68
N GLN D 36 -6.86 -8.43 9.22
CA GLN D 36 -6.96 -9.89 9.18
C GLN D 36 -8.23 -10.40 9.85
N TYR D 37 -8.64 -9.78 10.94
CA TYR D 37 -9.87 -10.18 11.61
C TYR D 37 -11.09 -10.00 10.72
N LEU D 38 -11.07 -9.00 9.84
CA LEU D 38 -12.29 -8.60 9.17
C LEU D 38 -12.70 -9.59 8.08
N ILE D 39 -11.74 -10.24 7.41
CA ILE D 39 -12.09 -11.23 6.41
C ILE D 39 -12.35 -12.59 7.04
N LEU D 40 -11.57 -12.96 8.05
CA LEU D 40 -11.83 -14.23 8.74
C LEU D 40 -13.28 -14.31 9.20
N ASN D 41 -13.92 -13.17 9.44
CA ASN D 41 -15.36 -13.14 9.69
C ASN D 41 -16.15 -13.39 8.41
N THR D 42 -15.79 -12.69 7.33
CA THR D 42 -16.44 -12.92 6.05
C THR D 42 -16.00 -14.22 5.37
N ALA D 43 -14.88 -14.79 5.81
CA ALA D 43 -14.47 -16.09 5.28
C ALA D 43 -15.37 -17.20 5.82
N ARG D 44 -15.59 -17.22 7.14
CA ARG D 44 -16.48 -18.22 7.72
C ARG D 44 -17.93 -17.97 7.30
N LYS D 45 -18.28 -16.72 7.01
CA LYS D 45 -19.62 -16.46 6.47
C LYS D 45 -19.80 -17.13 5.11
N HIS D 46 -18.74 -17.17 4.31
CA HIS D 46 -18.81 -17.88 3.03
C HIS D 46 -18.72 -19.39 3.23
N PHE D 47 -17.66 -19.86 3.89
CA PHE D 47 -17.46 -21.29 4.04
C PHE D 47 -18.58 -21.95 4.84
N GLY D 48 -19.33 -21.18 5.63
CA GLY D 48 -20.48 -21.73 6.33
C GLY D 48 -21.62 -22.10 5.41
N ALA D 49 -21.67 -21.51 4.21
CA ALA D 49 -22.70 -21.84 3.24
C ALA D 49 -22.47 -23.16 2.53
N GLY D 50 -21.31 -23.79 2.72
CA GLY D 50 -20.95 -25.01 2.03
C GLY D 50 -21.55 -26.29 2.58
N GLY D 51 -22.33 -26.22 3.65
CA GLY D 51 -22.93 -27.42 4.21
C GLY D 51 -22.08 -28.05 5.29
N ASN D 52 -22.61 -29.13 5.85
CA ASN D 52 -21.99 -29.75 7.02
C ASN D 52 -20.77 -30.59 6.67
N GLN D 53 -20.70 -31.15 5.46
CA GLN D 53 -19.57 -32.00 5.12
C GLN D 53 -18.37 -31.21 4.59
N ARG D 54 -18.60 -30.04 3.99
CA ARG D 54 -17.48 -29.22 3.52
C ARG D 54 -16.77 -28.53 4.67
N ILE D 55 -17.52 -28.01 5.64
CA ILE D 55 -16.93 -27.30 6.77
C ILE D 55 -16.06 -28.19 7.64
N ARG D 56 -16.10 -29.51 7.44
CA ARG D 56 -15.17 -30.40 8.12
C ARG D 56 -13.72 -30.06 7.77
N PHE D 57 -13.50 -29.47 6.60
CA PHE D 57 -12.16 -29.23 6.09
C PHE D 57 -11.82 -27.76 5.89
N THR D 58 -12.80 -26.86 5.87
CA THR D 58 -12.57 -25.45 5.58
C THR D 58 -12.49 -24.59 6.83
N LEU D 59 -13.33 -24.87 7.84
CA LEU D 59 -13.37 -24.07 9.06
C LEU D 59 -12.16 -24.24 9.98
N PRO D 60 -11.66 -25.44 10.23
CA PRO D 60 -10.54 -25.61 11.19
C PRO D 60 -9.32 -24.76 10.84
N PRO D 61 -8.98 -24.59 9.56
CA PRO D 61 -7.90 -23.63 9.25
C PRO D 61 -8.22 -22.21 9.72
N LEU D 62 -9.48 -21.79 9.67
CA LEU D 62 -9.83 -20.46 10.14
C LEU D 62 -9.64 -20.34 11.65
N VAL D 63 -9.89 -21.43 12.38
CA VAL D 63 -9.71 -21.41 13.83
C VAL D 63 -8.23 -21.28 14.17
N PHE D 64 -7.37 -21.96 13.40
CA PHE D 64 -5.93 -21.83 13.64
C PHE D 64 -5.42 -20.48 13.19
N ALA D 65 -5.98 -19.93 12.11
CA ALA D 65 -5.64 -18.57 11.71
C ALA D 65 -6.06 -17.57 12.77
N ALA D 66 -7.14 -17.87 13.50
CA ALA D 66 -7.54 -17.02 14.61
C ALA D 66 -6.52 -17.06 15.74
N TYR D 67 -6.00 -18.25 16.06
CA TYR D 67 -5.02 -18.37 17.13
C TYR D 67 -3.72 -17.66 16.77
N GLN D 68 -3.27 -17.79 15.52
CA GLN D 68 -2.07 -17.08 15.09
C GLN D 68 -2.28 -15.58 15.10
N LEU D 69 -3.47 -15.12 14.74
CA LEU D 69 -3.77 -13.69 14.77
C LEU D 69 -3.70 -13.16 16.19
N ALA D 70 -4.15 -13.94 17.16
CA ALA D 70 -4.08 -13.51 18.56
C ALA D 70 -2.64 -13.42 19.04
N PHE D 71 -1.75 -14.26 18.51
CA PHE D 71 -0.32 -14.11 18.80
C PHE D 71 0.25 -12.88 18.13
N ARG D 72 -0.24 -12.53 16.95
CA ARG D 72 0.27 -11.37 16.23
C ARG D 72 -0.07 -10.07 16.94
N TYR D 73 -1.22 -10.02 17.62
CA TYR D 73 -1.60 -8.80 18.34
C TYR D 73 -0.74 -8.59 19.57
N LYS D 74 -0.29 -9.67 20.22
CA LYS D 74 0.61 -9.50 21.36
C LYS D 74 1.98 -8.98 20.93
N GLU D 75 2.36 -9.18 19.67
CA GLU D 75 3.59 -8.57 19.16
C GLU D 75 3.44 -7.06 19.07
N ASN D 76 2.30 -6.58 18.57
CA ASN D 76 1.98 -5.16 18.54
C ASN D 76 1.37 -4.67 19.85
N SER D 77 1.87 -5.16 20.98
CA SER D 77 1.32 -4.78 22.28
C SER D 77 1.64 -3.33 22.60
N LYS D 78 2.87 -2.90 22.36
CA LYS D 78 3.29 -1.54 22.69
C LYS D 78 2.95 -0.53 21.60
N VAL D 79 2.55 -0.99 20.41
CA VAL D 79 2.10 -0.09 19.35
C VAL D 79 0.61 0.15 19.43
N ASP D 80 -0.17 -0.91 19.62
CA ASP D 80 -1.62 -0.84 19.71
C ASP D 80 -2.05 -1.13 21.13
N ASP D 81 -2.67 -0.14 21.78
CA ASP D 81 -3.10 -0.28 23.17
C ASP D 81 -4.45 -0.99 23.30
N LYS D 82 -5.14 -1.27 22.19
CA LYS D 82 -6.39 -2.00 22.21
C LYS D 82 -6.21 -3.47 21.82
N TRP D 83 -5.06 -4.04 22.14
CA TRP D 83 -4.74 -5.41 21.69
C TRP D 83 -5.41 -6.48 22.53
N GLU D 84 -5.70 -6.19 23.81
CA GLU D 84 -6.35 -7.18 24.65
C GLU D 84 -7.82 -7.34 24.28
N LYS D 85 -8.49 -6.24 23.94
CA LYS D 85 -9.86 -6.33 23.47
C LYS D 85 -9.95 -7.09 22.16
N LYS D 86 -8.96 -6.91 21.28
CA LYS D 86 -8.95 -7.63 20.00
C LYS D 86 -8.77 -9.12 20.21
N CYS D 87 -7.86 -9.50 21.12
CA CYS D 87 -7.65 -10.92 21.39
C CYS D 87 -8.92 -11.56 21.97
N GLN D 88 -9.65 -10.83 22.81
CA GLN D 88 -10.93 -11.32 23.30
C GLN D 88 -11.91 -11.54 22.15
N LYS D 89 -11.89 -10.64 21.16
CA LYS D 89 -12.80 -10.75 20.03
C LYS D 89 -12.45 -11.95 19.16
N ILE D 90 -11.16 -12.30 19.07
CA ILE D 90 -10.76 -13.45 18.25
C ILE D 90 -11.22 -14.74 18.90
N PHE D 91 -10.91 -14.94 20.18
CA PHE D 91 -11.27 -16.18 20.85
C PHE D 91 -12.78 -16.34 20.96
N SER D 92 -13.55 -15.27 20.82
CA SER D 92 -14.99 -15.39 20.64
C SER D 92 -15.32 -15.84 19.22
N PHE D 93 -14.62 -15.31 18.23
CA PHE D 93 -14.76 -15.78 16.86
C PHE D 93 -14.41 -17.26 16.75
N ALA D 94 -13.28 -17.67 17.34
CA ALA D 94 -12.89 -19.07 17.32
C ALA D 94 -13.89 -19.94 18.08
N HIS D 95 -14.49 -19.40 19.14
CA HIS D 95 -15.49 -20.14 19.89
C HIS D 95 -16.73 -20.40 19.04
N GLN D 96 -17.14 -19.42 18.24
CA GLN D 96 -18.33 -19.59 17.40
C GLN D 96 -18.03 -20.50 16.21
N THR D 97 -16.83 -20.41 15.66
CA THR D 97 -16.50 -21.23 14.49
C THR D 97 -16.39 -22.70 14.86
N ILE D 98 -15.83 -23.02 16.03
CA ILE D 98 -15.76 -24.41 16.46
C ILE D 98 -17.16 -24.93 16.81
N SER D 99 -18.02 -24.06 17.33
CA SER D 99 -19.38 -24.47 17.67
C SER D 99 -20.18 -24.84 16.43
N ALA D 100 -19.89 -24.22 15.29
CA ALA D 100 -20.55 -24.59 14.04
C ALA D 100 -20.21 -26.01 13.64
N LEU D 101 -19.00 -26.48 13.98
CA LEU D 101 -18.65 -27.86 13.71
C LEU D 101 -19.43 -28.82 14.60
N ILE D 102 -19.84 -28.36 15.78
CA ILE D 102 -20.61 -29.22 16.67
C ILE D 102 -22.03 -29.41 16.15
N LYS D 103 -22.63 -28.34 15.61
CA LYS D 103 -23.96 -28.47 15.01
C LYS D 103 -23.94 -29.39 13.81
N ALA D 104 -22.79 -29.52 13.14
CA ALA D 104 -22.60 -30.48 12.07
C ALA D 104 -22.31 -31.89 12.59
N GLU D 105 -22.52 -32.12 13.89
CA GLU D 105 -22.35 -33.43 14.52
C GLU D 105 -20.90 -33.91 14.41
N LEU D 106 -19.98 -33.09 14.91
CA LEU D 106 -18.58 -33.44 15.03
C LEU D 106 -18.16 -33.33 16.49
N ALA D 107 -17.25 -34.22 16.91
CA ALA D 107 -16.84 -34.25 18.30
C ALA D 107 -15.32 -34.35 18.43
N GLU D 108 -14.70 -35.25 17.68
CA GLU D 108 -13.25 -35.46 17.78
C GLU D 108 -12.49 -34.20 17.43
N LEU D 109 -12.81 -33.59 16.30
CA LEU D 109 -12.06 -32.41 15.86
C LEU D 109 -12.37 -31.18 16.70
N PRO D 110 -13.63 -30.80 16.97
CA PRO D 110 -13.87 -29.61 17.80
C PRO D 110 -13.28 -29.73 19.20
N LEU D 111 -13.26 -30.93 19.78
CA LEU D 111 -12.63 -31.11 21.09
C LEU D 111 -11.15 -30.75 21.02
N ARG D 112 -10.45 -31.26 20.00
CA ARG D 112 -9.04 -30.96 19.85
C ARG D 112 -8.81 -29.50 19.47
N LEU D 113 -9.77 -28.89 18.77
CA LEU D 113 -9.66 -27.46 18.46
C LEU D 113 -9.86 -26.62 19.72
N PHE D 114 -10.76 -27.07 20.61
CA PHE D 114 -10.95 -26.35 21.87
C PHE D 114 -9.72 -26.44 22.76
N LEU D 115 -9.03 -27.59 22.74
CA LEU D 115 -7.82 -27.74 23.53
C LEU D 115 -6.71 -26.82 23.03
N GLN D 116 -6.64 -26.61 21.71
CA GLN D 116 -5.62 -25.72 21.16
C GLN D 116 -5.88 -24.27 21.56
N GLY D 117 -7.15 -23.87 21.66
CA GLY D 117 -7.45 -22.51 22.06
C GLY D 117 -7.11 -22.24 23.52
N ALA D 118 -7.30 -23.25 24.38
CA ALA D 118 -6.93 -23.09 25.78
C ALA D 118 -5.42 -22.91 25.94
N LEU D 119 -4.64 -23.59 25.09
CA LEU D 119 -3.19 -23.41 25.11
C LEU D 119 -2.81 -22.01 24.66
N ALA D 120 -3.41 -21.54 23.56
CA ALA D 120 -3.07 -20.22 23.04
C ALA D 120 -3.52 -19.11 24.00
N ALA D 121 -4.71 -19.25 24.59
CA ALA D 121 -5.19 -18.23 25.50
C ALA D 121 -4.33 -18.16 26.76
N GLY D 122 -3.82 -19.30 27.22
CA GLY D 122 -2.96 -19.30 28.39
C GLY D 122 -1.55 -18.81 28.14
N GLU D 123 -1.10 -18.83 26.88
CA GLU D 123 0.25 -18.41 26.55
C GLU D 123 0.34 -16.94 26.19
N ILE D 124 -0.75 -16.34 25.69
CA ILE D 124 -0.72 -14.94 25.29
C ILE D 124 -0.80 -14.02 26.50
N GLY D 125 -1.85 -14.16 27.29
CA GLY D 125 -1.96 -13.42 28.53
C GLY D 125 -2.74 -12.12 28.47
N PHE D 126 -3.57 -11.94 27.45
CA PHE D 126 -4.44 -10.77 27.41
C PHE D 126 -5.39 -10.80 28.60
N GLU D 127 -5.94 -9.64 28.95
CA GLU D 127 -6.83 -9.57 30.10
C GLU D 127 -8.05 -10.44 29.88
N ASN D 128 -8.48 -11.14 30.94
CA ASN D 128 -9.57 -12.12 30.90
C ASN D 128 -9.20 -13.33 30.03
N HIS D 129 -7.94 -13.77 30.12
CA HIS D 129 -7.51 -14.95 29.38
C HIS D 129 -7.77 -16.23 30.15
N GLU D 130 -7.60 -16.20 31.48
CA GLU D 130 -7.86 -17.39 32.29
C GLU D 130 -9.32 -17.81 32.19
N THR D 131 -10.23 -16.84 32.05
CA THR D 131 -11.64 -17.17 31.81
C THR D 131 -11.80 -17.89 30.48
N VAL D 132 -11.22 -17.34 29.41
CA VAL D 132 -11.31 -17.97 28.10
C VAL D 132 -10.60 -19.32 28.11
N ALA D 133 -9.46 -19.41 28.81
CA ALA D 133 -8.74 -20.67 28.90
C ALA D 133 -9.56 -21.72 29.64
N TYR D 134 -10.18 -21.35 30.76
CA TYR D 134 -11.08 -22.26 31.45
C TYR D 134 -12.28 -22.60 30.59
N GLU D 135 -12.77 -21.61 29.82
CA GLU D 135 -13.93 -21.85 28.97
C GLU D 135 -13.63 -22.87 27.88
N PHE D 136 -12.50 -22.70 27.20
CA PHE D 136 -12.15 -23.63 26.12
C PHE D 136 -11.89 -25.04 26.64
N MET D 137 -11.45 -25.16 27.90
CA MET D 137 -11.20 -26.48 28.48
C MET D 137 -12.49 -27.16 28.87
N SER D 138 -13.41 -26.43 29.52
CA SER D 138 -14.66 -27.03 29.97
C SER D 138 -15.52 -27.49 28.80
N GLN D 139 -15.41 -26.82 27.66
CA GLN D 139 -16.12 -27.28 26.47
C GLN D 139 -15.45 -28.51 25.85
N ALA D 140 -14.14 -28.66 26.05
CA ALA D 140 -13.46 -29.88 25.61
C ALA D 140 -13.89 -31.07 26.46
N PHE D 141 -14.23 -30.83 27.73
CA PHE D 141 -14.76 -31.91 28.56
C PHE D 141 -16.18 -32.27 28.19
N SER D 142 -16.96 -31.29 27.72
CA SER D 142 -18.35 -31.55 27.35
C SER D 142 -18.41 -32.49 26.14
N LEU D 143 -17.64 -32.21 25.11
CA LEU D 143 -17.59 -33.08 23.94
C LEU D 143 -17.03 -34.45 24.28
N TYR D 144 -16.22 -34.55 25.34
CA TYR D 144 -15.72 -35.86 25.76
C TYR D 144 -16.81 -36.67 26.44
N GLU D 145 -17.53 -36.05 27.38
CA GLU D 145 -18.55 -36.78 28.13
C GLU D 145 -19.78 -37.06 27.27
N ASP D 146 -20.29 -36.04 26.59
CA ASP D 146 -21.60 -36.12 25.94
C ASP D 146 -21.55 -36.85 24.60
N GLU D 147 -20.41 -36.88 23.91
CA GLU D 147 -20.37 -37.32 22.52
C GLU D 147 -19.33 -38.38 22.22
N ILE D 148 -18.54 -38.82 23.19
CA ILE D 148 -17.51 -39.81 22.95
C ILE D 148 -17.74 -41.01 23.86
N SER D 149 -17.86 -42.20 23.26
CA SER D 149 -18.04 -43.42 24.04
C SER D 149 -17.50 -44.63 23.29
N ASP D 150 -16.21 -44.63 23.01
CA ASP D 150 -15.52 -45.78 22.43
C ASP D 150 -14.20 -45.93 23.18
N SER D 151 -13.94 -47.14 23.69
CA SER D 151 -12.91 -47.34 24.70
C SER D 151 -11.55 -46.79 24.25
N LYS D 152 -11.11 -47.14 23.05
CA LYS D 152 -9.83 -46.64 22.57
C LYS D 152 -9.92 -45.23 22.00
N ALA D 153 -11.12 -44.76 21.66
CA ALA D 153 -11.29 -43.36 21.29
C ALA D 153 -11.41 -42.47 22.51
N GLN D 154 -11.99 -42.99 23.60
CA GLN D 154 -12.03 -42.24 24.85
C GLN D 154 -10.62 -42.04 25.40
N LEU D 155 -9.80 -43.10 25.38
CA LEU D 155 -8.44 -43.00 25.87
C LEU D 155 -7.62 -42.02 25.04
N ALA D 156 -7.89 -41.93 23.74
CA ALA D 156 -7.16 -40.98 22.90
C ALA D 156 -7.61 -39.55 23.14
N ALA D 157 -8.85 -39.36 23.61
CA ALA D 157 -9.33 -38.01 23.88
C ALA D 157 -8.88 -37.49 25.24
N ILE D 158 -8.82 -38.37 26.24
CA ILE D 158 -8.44 -37.94 27.58
C ILE D 158 -6.93 -37.75 27.69
N THR D 159 -6.14 -38.48 26.90
CA THR D 159 -4.70 -38.28 26.93
C THR D 159 -4.30 -36.95 26.29
N LEU D 160 -5.14 -36.40 25.43
CA LEU D 160 -4.88 -35.08 24.87
C LEU D 160 -5.30 -33.99 25.85
N ILE D 161 -6.42 -34.18 26.54
CA ILE D 161 -6.86 -33.22 27.54
C ILE D 161 -5.87 -33.15 28.70
N ILE D 162 -5.42 -34.31 29.18
CA ILE D 162 -4.46 -34.33 30.28
C ILE D 162 -3.13 -33.75 29.85
N GLY D 163 -2.64 -34.15 28.67
CA GLY D 163 -1.37 -33.62 28.18
C GLY D 163 -1.44 -32.13 27.92
N THR D 164 -2.59 -31.63 27.46
CA THR D 164 -2.75 -30.20 27.27
C THR D 164 -2.86 -29.48 28.62
N PHE D 165 -3.66 -30.02 29.53
CA PHE D 165 -3.81 -29.42 30.86
C PHE D 165 -2.49 -29.42 31.62
N GLU D 166 -1.62 -30.38 31.34
CA GLU D 166 -0.34 -30.44 32.04
C GLU D 166 0.56 -29.27 31.66
N ARG D 167 0.45 -28.77 30.43
CA ARG D 167 1.28 -27.67 29.96
C ARG D 167 0.72 -26.30 30.31
N MET D 168 -0.49 -26.23 30.86
CA MET D 168 -1.08 -24.94 31.21
C MET D 168 -0.50 -24.42 32.51
N LYS D 169 -0.39 -23.09 32.60
CA LYS D 169 0.10 -22.46 33.82
C LYS D 169 -0.64 -21.16 34.13
N CYS D 170 -1.75 -20.87 33.45
CA CYS D 170 -2.47 -19.63 33.66
C CYS D 170 -3.60 -19.74 34.68
N PHE D 171 -3.91 -20.94 35.14
CA PHE D 171 -5.01 -21.16 36.07
C PHE D 171 -4.55 -20.95 37.51
N SER D 172 -5.39 -20.28 38.29
CA SER D 172 -5.21 -20.25 39.73
C SER D 172 -5.66 -21.57 40.34
N GLU D 173 -5.40 -21.73 41.64
CA GLU D 173 -5.75 -22.99 42.30
C GLU D 173 -7.26 -23.21 42.31
N GLU D 174 -8.05 -22.13 42.35
CA GLU D 174 -9.50 -22.28 42.37
C GLU D 174 -10.04 -22.81 41.04
N ASN D 175 -9.30 -22.65 39.95
CA ASN D 175 -9.68 -23.24 38.66
C ASN D 175 -8.86 -24.47 38.30
N HIS D 176 -7.63 -24.58 38.82
CA HIS D 176 -6.81 -25.75 38.53
C HIS D 176 -7.36 -26.99 39.24
N GLU D 177 -7.85 -26.83 40.47
CA GLU D 177 -8.31 -28.00 41.23
C GLU D 177 -9.52 -28.67 40.60
N PRO D 178 -10.58 -27.95 40.17
CA PRO D 178 -11.70 -28.66 39.52
C PRO D 178 -11.29 -29.38 38.26
N LEU D 179 -10.43 -28.77 37.44
CA LEU D 179 -9.93 -29.44 36.24
C LEU D 179 -9.01 -30.60 36.60
N ARG D 180 -8.26 -30.48 37.69
CA ARG D 180 -7.34 -31.55 38.09
C ARG D 180 -8.12 -32.78 38.53
N THR D 181 -9.03 -32.61 39.50
CA THR D 181 -9.77 -33.76 40.02
C THR D 181 -10.72 -34.35 38.99
N GLN D 182 -11.18 -33.56 38.03
CA GLN D 182 -12.00 -34.12 36.96
C GLN D 182 -11.19 -35.04 36.06
N CYS D 183 -9.96 -34.66 35.74
CA CYS D 183 -9.11 -35.54 34.95
C CYS D 183 -8.90 -36.88 35.64
N ALA D 184 -8.80 -36.86 36.97
CA ALA D 184 -8.68 -38.12 37.72
C ALA D 184 -10.00 -38.87 37.75
N LEU D 185 -11.12 -38.15 37.87
CA LEU D 185 -12.43 -38.80 37.89
C LEU D 185 -12.73 -39.46 36.54
N ALA D 186 -12.52 -38.73 35.45
CA ALA D 186 -12.80 -39.28 34.12
C ALA D 186 -11.80 -40.35 33.71
N ALA D 187 -10.59 -40.33 34.27
CA ALA D 187 -9.61 -41.36 33.94
C ALA D 187 -9.96 -42.70 34.56
N SER D 188 -10.65 -42.69 35.69
CA SER D 188 -11.01 -43.92 36.39
C SER D 188 -12.34 -44.50 35.93
N LYS D 189 -13.00 -43.88 34.95
CA LYS D 189 -14.30 -44.33 34.48
C LYS D 189 -14.31 -44.65 33.00
N LEU D 190 -13.16 -45.09 32.47
CA LEU D 190 -13.13 -45.54 31.08
C LEU D 190 -13.84 -46.89 30.97
N LEU D 191 -14.16 -47.25 29.72
CA LEU D 191 -14.95 -48.46 29.48
C LEU D 191 -14.23 -49.70 29.96
N LYS D 192 -13.00 -49.92 29.50
CA LYS D 192 -12.26 -51.13 29.82
C LYS D 192 -11.28 -50.88 30.96
N LYS D 193 -11.04 -51.94 31.74
CA LYS D 193 -10.16 -51.82 32.90
C LYS D 193 -8.71 -51.50 32.53
N PRO D 194 -8.09 -52.16 31.55
CA PRO D 194 -6.69 -51.80 31.22
C PRO D 194 -6.52 -50.34 30.81
N ASP D 195 -7.52 -49.77 30.12
CA ASP D 195 -7.41 -48.36 29.74
C ASP D 195 -7.55 -47.45 30.95
N GLN D 196 -8.22 -47.90 32.02
CA GLN D 196 -8.33 -47.09 33.22
C GLN D 196 -6.98 -46.97 33.93
N GLY D 197 -6.28 -48.09 34.10
CA GLY D 197 -5.00 -48.06 34.80
C GLY D 197 -3.97 -47.19 34.12
N ARG D 198 -4.00 -47.12 32.79
CA ARG D 198 -3.08 -46.25 32.07
C ARG D 198 -3.42 -44.78 32.30
N ALA D 199 -4.70 -44.44 32.20
CA ALA D 199 -5.11 -43.04 32.29
C ALA D 199 -4.94 -42.49 33.70
N VAL D 200 -5.21 -43.31 34.72
CA VAL D 200 -5.06 -42.86 36.10
C VAL D 200 -3.58 -42.63 36.42
N SER D 201 -2.71 -43.54 35.98
CA SER D 201 -1.28 -43.32 36.14
C SER D 201 -0.79 -42.14 35.31
N THR D 202 -1.44 -41.86 34.19
CA THR D 202 -1.11 -40.69 33.40
C THR D 202 -1.45 -39.41 34.15
N CYS D 203 -2.52 -39.42 34.95
CA CYS D 203 -2.96 -38.25 35.69
C CYS D 203 -2.01 -37.85 36.80
N ALA D 204 -1.04 -38.71 37.14
CA ALA D 204 -0.11 -38.37 38.22
C ALA D 204 0.77 -37.18 37.85
N HIS D 205 1.00 -36.95 36.57
CA HIS D 205 1.81 -35.81 36.15
C HIS D 205 1.08 -34.49 36.35
N LEU D 206 -0.25 -34.51 36.44
CA LEU D 206 -0.99 -33.28 36.72
C LEU D 206 -0.75 -32.80 38.14
N PHE D 207 -0.56 -33.73 39.08
CA PHE D 207 -0.32 -33.39 40.47
C PHE D 207 1.14 -33.09 40.76
N TRP D 208 2.06 -33.50 39.88
CA TRP D 208 3.48 -33.28 40.08
C TRP D 208 3.97 -32.06 39.31
N SER D 209 3.96 -32.15 37.98
CA SER D 209 4.51 -31.11 37.13
C SER D 209 3.50 -30.05 36.73
N GLY D 210 2.24 -30.17 37.17
CA GLY D 210 1.27 -29.13 36.89
C GLY D 210 1.57 -27.87 37.67
N ARG D 211 1.25 -26.72 37.07
CA ARG D 211 1.51 -25.43 37.67
C ARG D 211 0.24 -24.62 37.81
N ASN D 212 0.09 -23.97 38.96
CA ASN D 212 -0.92 -22.95 39.18
C ASN D 212 -0.24 -21.63 39.53
N THR D 213 -1.01 -20.55 39.47
CA THR D 213 -0.45 -19.22 39.65
C THR D 213 -0.25 -18.84 41.12
N ASP D 214 -0.44 -19.77 42.05
CA ASP D 214 -0.22 -19.49 43.46
C ASP D 214 1.18 -19.87 43.93
N LYS D 215 1.91 -20.68 43.17
CA LYS D 215 3.19 -21.23 43.57
C LYS D 215 4.38 -20.42 43.04
N ASN D 216 4.14 -19.18 42.60
CA ASN D 216 5.16 -18.37 41.94
C ASN D 216 5.69 -19.09 40.70
N GLY D 217 4.78 -19.68 39.93
CA GLY D 217 5.16 -20.40 38.73
C GLY D 217 5.89 -21.70 38.96
N GLU D 218 5.84 -22.23 40.17
CA GLU D 218 6.54 -23.47 40.51
C GLU D 218 5.60 -24.67 40.34
N GLU D 219 6.20 -25.83 40.15
CA GLU D 219 5.42 -27.06 40.00
C GLU D 219 4.81 -27.46 41.34
N LEU D 220 3.68 -28.17 41.26
CA LEU D 220 2.93 -28.52 42.47
C LEU D 220 3.71 -29.51 43.34
N HIS D 221 4.24 -30.57 42.72
CA HIS D 221 5.00 -31.60 43.43
C HIS D 221 4.18 -32.28 44.51
N GLY D 222 2.91 -32.55 44.21
CA GLY D 222 2.05 -33.26 45.14
C GLY D 222 2.37 -34.74 45.20
N GLY D 223 3.39 -35.09 46.00
CA GLY D 223 3.88 -36.46 45.97
C GLY D 223 2.86 -37.49 46.44
N LYS D 224 2.04 -37.13 47.42
CA LYS D 224 1.04 -38.07 47.93
C LYS D 224 -0.04 -38.34 46.89
N ARG D 225 -0.53 -37.28 46.22
CA ARG D 225 -1.50 -37.49 45.16
C ARG D 225 -0.90 -38.23 43.98
N VAL D 226 0.41 -38.09 43.76
CA VAL D 226 1.08 -38.88 42.73
C VAL D 226 0.98 -40.36 43.06
N MET D 227 1.17 -40.72 44.33
CA MET D 227 1.06 -42.13 44.72
C MET D 227 -0.38 -42.60 44.66
N GLU D 228 -1.33 -41.80 45.16
CA GLU D 228 -2.73 -42.19 45.16
C GLU D 228 -3.19 -42.62 43.77
N CYS D 229 -2.73 -41.92 42.73
CA CYS D 229 -3.06 -42.33 41.37
C CYS D 229 -2.39 -43.65 41.01
N LEU D 230 -1.14 -43.84 41.43
CA LEU D 230 -0.44 -45.08 41.13
C LEU D 230 -0.93 -46.25 41.98
N LYS D 231 -1.30 -46.00 43.23
CA LYS D 231 -1.94 -47.04 44.02
C LYS D 231 -3.30 -47.41 43.44
N LYS D 232 -4.05 -46.40 42.98
CA LYS D 232 -5.33 -46.67 42.33
C LYS D 232 -5.13 -47.32 40.96
N ALA D 233 -3.97 -47.08 40.33
CA ALA D 233 -3.68 -47.73 39.05
C ALA D 233 -3.33 -49.19 39.27
N LEU D 234 -2.62 -49.50 40.35
CA LEU D 234 -2.31 -50.90 40.67
C LEU D 234 -3.57 -51.67 41.03
N LYS D 235 -4.51 -51.02 41.72
CA LYS D 235 -5.78 -51.66 42.06
C LYS D 235 -6.54 -52.07 40.81
N ILE D 236 -6.56 -51.19 39.80
CA ILE D 236 -7.30 -51.49 38.57
C ILE D 236 -6.58 -52.57 37.77
N ALA D 237 -5.25 -52.61 37.84
CA ALA D 237 -4.49 -53.61 37.09
C ALA D 237 -4.77 -55.02 37.60
N ASN D 238 -5.08 -55.18 38.89
CA ASN D 238 -5.30 -56.50 39.45
C ASN D 238 -6.59 -57.13 38.92
N GLN D 239 -7.57 -56.32 38.51
CA GLN D 239 -8.89 -56.80 38.15
C GLN D 239 -9.08 -56.94 36.65
N CYS D 240 -7.99 -57.01 35.89
CA CYS D 240 -8.11 -57.08 34.43
C CYS D 240 -8.57 -58.47 34.00
N MET D 241 -8.98 -58.55 32.73
CA MET D 241 -9.54 -59.77 32.16
C MET D 241 -8.56 -60.52 31.28
N ASP D 242 -7.27 -60.20 31.38
CA ASP D 242 -6.26 -60.84 30.54
C ASP D 242 -4.93 -60.87 31.30
N PRO D 243 -4.36 -62.05 31.55
CA PRO D 243 -3.04 -62.10 32.19
C PRO D 243 -1.96 -61.38 31.39
N SER D 244 -2.08 -61.35 30.07
CA SER D 244 -1.13 -60.59 29.25
C SER D 244 -1.27 -59.10 29.50
N LEU D 245 -2.51 -58.59 29.45
CA LEU D 245 -2.75 -57.19 29.75
C LEU D 245 -2.55 -56.87 31.23
N GLN D 246 -2.69 -57.86 32.11
CA GLN D 246 -2.47 -57.64 33.53
C GLN D 246 -1.01 -57.32 33.82
N VAL D 247 -0.10 -58.14 33.30
CA VAL D 247 1.33 -57.94 33.54
C VAL D 247 1.83 -56.74 32.73
N GLN D 248 1.29 -56.54 31.53
CA GLN D 248 1.69 -55.39 30.72
C GLN D 248 1.44 -54.08 31.44
N LEU D 249 0.35 -54.00 32.20
CA LEU D 249 0.05 -52.79 32.95
C LEU D 249 0.87 -52.70 34.23
N PHE D 250 1.29 -53.84 34.79
CA PHE D 250 2.15 -53.81 35.96
C PHE D 250 3.51 -53.20 35.63
N ILE D 251 4.07 -53.53 34.47
CA ILE D 251 5.37 -53.00 34.08
C ILE D 251 5.26 -51.53 33.70
N GLU D 252 4.13 -51.12 33.13
CA GLU D 252 3.94 -49.72 32.78
C GLU D 252 3.87 -48.84 34.03
N ILE D 253 3.11 -49.27 35.04
CA ILE D 253 3.03 -48.52 36.28
C ILE D 253 4.37 -48.55 37.00
N LEU D 254 5.10 -49.65 36.90
CA LEU D 254 6.44 -49.73 37.49
C LEU D 254 7.35 -48.64 36.94
N ASN D 255 7.38 -48.47 35.62
CA ASN D 255 8.17 -47.41 35.01
C ASN D 255 7.64 -46.03 35.37
N ARG D 256 6.35 -45.91 35.70
CA ARG D 256 5.82 -44.63 36.16
C ARG D 256 6.36 -44.28 37.54
N TYR D 257 6.48 -45.28 38.42
CA TYR D 257 7.14 -45.07 39.70
C TYR D 257 8.58 -44.61 39.51
N ILE D 258 9.28 -45.21 38.55
CA ILE D 258 10.70 -44.89 38.34
C ILE D 258 10.85 -43.43 37.91
N TYR D 259 9.89 -42.93 37.12
CA TYR D 259 9.91 -41.53 36.71
C TYR D 259 9.94 -40.62 37.94
N PHE D 260 8.92 -40.71 38.79
CA PHE D 260 8.86 -39.86 39.97
C PHE D 260 9.97 -40.19 40.95
N TYR D 261 10.43 -41.44 40.97
CA TYR D 261 11.58 -41.80 41.81
C TYR D 261 12.81 -41.00 41.41
N GLU D 262 13.07 -40.89 40.11
CA GLU D 262 14.22 -40.14 39.61
C GLU D 262 14.01 -38.64 39.62
N LYS D 263 12.78 -38.17 39.80
CA LYS D 263 12.47 -36.75 39.90
C LYS D 263 12.46 -36.27 41.35
N GLU D 264 12.99 -37.05 42.27
CA GLU D 264 13.07 -36.72 43.69
C GLU D 264 11.67 -36.55 44.30
N ASN D 265 10.88 -37.62 44.19
CA ASN D 265 9.61 -37.72 44.90
C ASN D 265 9.84 -38.53 46.17
N ASP D 266 9.58 -37.90 47.32
CA ASP D 266 9.87 -38.54 48.59
C ASP D 266 9.00 -39.77 48.83
N ALA D 267 7.77 -39.76 48.31
CA ALA D 267 6.82 -40.83 48.58
C ALA D 267 7.12 -42.12 47.81
N VAL D 268 8.09 -42.11 46.90
CA VAL D 268 8.47 -43.29 46.15
C VAL D 268 9.70 -43.88 46.81
N THR D 269 9.55 -45.04 47.44
CA THR D 269 10.62 -45.72 48.15
C THR D 269 10.96 -47.02 47.44
N ILE D 270 12.21 -47.47 47.64
CA ILE D 270 12.69 -48.68 46.99
C ILE D 270 11.91 -49.92 47.42
N GLN D 271 11.21 -49.85 48.55
CA GLN D 271 10.38 -50.96 48.98
C GLN D 271 9.21 -51.18 48.03
N VAL D 272 8.58 -50.10 47.58
CA VAL D 272 7.45 -50.22 46.66
C VAL D 272 7.90 -50.78 45.31
N LEU D 273 9.11 -50.44 44.88
CA LEU D 273 9.60 -50.96 43.60
C LEU D 273 9.88 -52.46 43.71
N ASN D 274 10.60 -52.89 44.75
CA ASN D 274 10.92 -54.30 44.90
C ASN D 274 9.67 -55.15 45.06
N GLN D 275 8.60 -54.58 45.60
CA GLN D 275 7.34 -55.31 45.71
C GLN D 275 6.77 -55.63 44.34
N LEU D 276 6.91 -54.71 43.39
CA LEU D 276 6.27 -54.87 42.08
C LEU D 276 7.09 -55.72 41.13
N ILE D 277 8.43 -55.67 41.23
CA ILE D 277 9.24 -56.50 40.36
C ILE D 277 9.15 -57.96 40.76
N GLN D 278 8.88 -58.24 42.04
CA GLN D 278 8.66 -59.62 42.46
C GLN D 278 7.26 -60.09 42.04
N LYS D 279 6.28 -59.19 42.12
CA LYS D 279 4.93 -59.52 41.64
C LYS D 279 4.95 -59.88 40.17
N ILE D 280 5.75 -59.18 39.37
CA ILE D 280 5.85 -59.49 37.95
C ILE D 280 6.67 -60.76 37.75
N ARG D 281 7.73 -60.94 38.54
CA ARG D 281 8.49 -62.19 38.49
C ARG D 281 7.60 -63.40 38.74
N GLU D 282 6.49 -63.22 39.46
CA GLU D 282 5.58 -64.31 39.75
C GLU D 282 4.63 -64.57 38.58
N ASP D 283 4.01 -63.51 38.05
CA ASP D 283 2.95 -63.66 37.06
C ASP D 283 3.45 -63.75 35.64
N LEU D 284 4.67 -63.30 35.37
CA LEU D 284 5.21 -63.24 34.01
C LEU D 284 5.39 -64.63 33.38
N PRO D 285 5.95 -65.62 34.09
CA PRO D 285 6.04 -66.96 33.50
C PRO D 285 4.70 -67.59 33.19
N ASN D 286 3.61 -67.14 33.83
CA ASN D 286 2.31 -67.74 33.63
C ASN D 286 1.56 -67.05 32.48
N LEU D 287 2.28 -66.62 31.46
CA LEU D 287 1.69 -66.02 30.27
C LEU D 287 1.82 -66.98 29.09
N GLU D 288 1.41 -66.50 27.92
CA GLU D 288 1.47 -67.29 26.71
C GLU D 288 2.83 -67.14 26.04
N SER D 289 3.23 -68.17 25.31
CA SER D 289 4.43 -68.10 24.48
C SER D 289 4.03 -67.47 23.14
N SER D 290 4.20 -66.17 23.04
CA SER D 290 3.68 -65.43 21.88
C SER D 290 4.60 -64.26 21.57
N GLU D 291 4.29 -63.58 20.46
CA GLU D 291 4.95 -62.32 20.14
C GLU D 291 4.64 -61.26 21.19
N GLU D 292 3.47 -61.33 21.81
CA GLU D 292 3.07 -60.31 22.77
C GLU D 292 3.89 -60.39 24.05
N THR D 293 3.98 -61.58 24.64
CA THR D 293 4.69 -61.75 25.90
C THR D 293 6.20 -61.77 25.71
N GLU D 294 6.71 -61.92 24.49
CA GLU D 294 8.14 -61.73 24.26
C GLU D 294 8.52 -60.26 24.35
N GLN D 295 7.71 -59.38 23.75
CA GLN D 295 7.92 -57.95 23.91
C GLN D 295 7.71 -57.51 25.35
N ILE D 296 6.79 -58.18 26.06
CA ILE D 296 6.59 -57.88 27.48
C ILE D 296 7.82 -58.29 28.29
N ASN D 297 8.44 -59.41 27.92
CA ASN D 297 9.66 -59.85 28.59
C ASN D 297 10.79 -58.85 28.37
N LYS D 298 10.99 -58.40 27.13
CA LYS D 298 12.04 -57.44 26.84
C LYS D 298 11.78 -56.11 27.52
N HIS D 299 10.51 -55.71 27.62
CA HIS D 299 10.17 -54.46 28.30
C HIS D 299 10.56 -54.52 29.77
N PHE D 300 10.31 -55.65 30.43
CA PHE D 300 10.71 -55.80 31.82
C PHE D 300 12.22 -55.91 31.96
N HIS D 301 12.89 -56.53 30.99
CA HIS D 301 14.34 -56.61 31.02
C HIS D 301 14.98 -55.22 30.87
N ASN D 302 14.43 -54.40 29.98
CA ASN D 302 14.90 -53.03 29.83
C ASN D 302 14.60 -52.21 31.09
N THR D 303 13.51 -52.51 31.77
CA THR D 303 13.19 -51.81 33.02
C THR D 303 14.20 -52.15 34.11
N LEU D 304 14.58 -53.42 34.21
CA LEU D 304 15.55 -53.83 35.23
C LEU D 304 16.94 -53.30 34.90
N GLU D 305 17.30 -53.28 33.61
CA GLU D 305 18.61 -52.78 33.22
C GLU D 305 18.72 -51.27 33.45
N HIS D 306 17.61 -50.55 33.36
CA HIS D 306 17.63 -49.11 33.63
C HIS D 306 17.88 -48.82 35.10
N LEU D 307 17.28 -49.62 35.99
CA LEU D 307 17.41 -49.42 37.42
C LEU D 307 18.85 -49.68 37.88
N MET E 1 -54.77 56.43 -3.06
CA MET E 1 -53.84 55.36 -3.43
C MET E 1 -53.45 55.44 -4.90
N LEU E 2 -52.22 55.86 -5.17
CA LEU E 2 -51.69 55.87 -6.53
C LEU E 2 -50.28 55.29 -6.51
N VAL E 3 -50.00 54.41 -7.47
CA VAL E 3 -48.78 53.61 -7.48
C VAL E 3 -47.99 53.94 -8.74
N LEU E 4 -46.68 54.18 -8.57
CA LEU E 4 -45.76 54.35 -9.68
C LEU E 4 -45.22 53.00 -10.10
N VAL E 5 -45.28 52.71 -11.39
CA VAL E 5 -44.77 51.46 -11.95
C VAL E 5 -43.72 51.80 -13.00
N LEU E 6 -42.49 51.36 -12.75
CA LEU E 6 -41.37 51.64 -13.65
C LEU E 6 -40.37 50.50 -13.53
N GLY E 7 -39.25 50.63 -14.23
CA GLY E 7 -38.19 49.66 -14.14
C GLY E 7 -37.35 49.62 -15.41
N ASP E 8 -36.34 48.77 -15.38
CA ASP E 8 -35.45 48.54 -16.51
C ASP E 8 -34.73 49.82 -16.91
N LEU E 9 -34.13 50.47 -15.91
CA LEU E 9 -33.38 51.69 -16.16
C LEU E 9 -32.01 51.39 -16.76
N HIS E 10 -31.38 50.31 -16.31
CA HIS E 10 -30.09 49.87 -16.84
C HIS E 10 -29.03 50.97 -16.76
N ILE E 11 -29.03 51.69 -15.64
CA ILE E 11 -27.99 52.68 -15.35
C ILE E 11 -26.92 51.99 -14.54
N PRO E 12 -25.64 52.04 -14.94
CA PRO E 12 -25.10 52.80 -16.07
C PRO E 12 -24.97 51.97 -17.35
N HIS E 13 -25.40 50.70 -17.29
CA HIS E 13 -25.05 49.74 -18.33
C HIS E 13 -25.53 50.18 -19.70
N ARG E 14 -26.72 50.79 -19.76
CA ARG E 14 -27.31 51.19 -21.03
C ARG E 14 -27.77 52.64 -21.07
N CYS E 15 -27.91 53.32 -19.93
CA CYS E 15 -28.28 54.73 -19.89
C CYS E 15 -27.48 55.39 -18.77
N ASN E 16 -27.78 56.66 -18.50
CA ASN E 16 -27.14 57.40 -17.42
C ASN E 16 -28.12 58.07 -16.47
N SER E 17 -29.34 58.36 -16.90
CA SER E 17 -30.37 58.96 -16.05
C SER E 17 -31.68 58.90 -16.81
N LEU E 18 -32.77 59.16 -16.09
CA LEU E 18 -34.07 59.30 -16.73
C LEU E 18 -34.06 60.54 -17.62
N PRO E 19 -34.93 60.59 -18.63
CA PRO E 19 -35.04 61.80 -19.45
C PRO E 19 -35.38 63.01 -18.59
N ALA E 20 -35.07 64.19 -19.13
CA ALA E 20 -35.16 65.43 -18.35
C ALA E 20 -36.57 65.65 -17.83
N LYS E 21 -37.59 65.45 -18.68
CA LYS E 21 -38.94 65.75 -18.25
C LYS E 21 -39.49 64.70 -17.29
N PHE E 22 -38.93 63.49 -17.31
CA PHE E 22 -39.34 62.47 -16.35
C PHE E 22 -38.89 62.83 -14.94
N LYS E 23 -37.65 63.33 -14.80
CA LYS E 23 -37.16 63.72 -13.49
C LYS E 23 -37.94 64.90 -12.93
N LYS E 24 -38.51 65.74 -13.79
CA LYS E 24 -39.32 66.85 -13.32
C LYS E 24 -40.67 66.37 -12.80
N LEU E 25 -41.29 65.43 -13.49
CA LEU E 25 -42.57 64.90 -13.03
C LEU E 25 -42.41 64.08 -11.75
N LEU E 26 -41.35 63.29 -11.66
CA LEU E 26 -41.12 62.42 -10.51
C LEU E 26 -40.47 63.22 -9.40
N VAL E 27 -41.29 63.73 -8.48
CA VAL E 27 -40.79 64.49 -7.33
C VAL E 27 -41.49 64.01 -6.08
N PRO E 28 -40.82 64.10 -4.93
CA PRO E 28 -41.34 63.49 -3.70
C PRO E 28 -42.66 64.11 -3.25
N GLY E 29 -43.31 63.41 -2.33
CA GLY E 29 -44.51 63.89 -1.67
C GLY E 29 -45.79 63.74 -2.46
N LYS E 30 -45.76 63.09 -3.62
CA LYS E 30 -46.95 62.98 -4.46
C LYS E 30 -47.39 61.54 -4.72
N ILE E 31 -46.58 60.54 -4.39
CA ILE E 31 -46.87 59.16 -4.72
C ILE E 31 -46.73 58.32 -3.46
N GLN E 32 -47.71 57.44 -3.23
CA GLN E 32 -47.70 56.61 -2.03
C GLN E 32 -46.84 55.37 -2.19
N HIS E 33 -47.02 54.63 -3.28
CA HIS E 33 -46.35 53.35 -3.48
C HIS E 33 -45.60 53.34 -4.81
N ILE E 34 -44.51 52.59 -4.85
CA ILE E 34 -43.72 52.40 -6.06
C ILE E 34 -43.47 50.90 -6.22
N LEU E 35 -43.83 50.36 -7.38
CA LEU E 35 -43.54 48.98 -7.74
C LEU E 35 -42.60 49.00 -8.93
N CYS E 36 -41.37 48.54 -8.72
CA CYS E 36 -40.34 48.54 -9.75
C CYS E 36 -40.12 47.13 -10.25
N THR E 37 -40.01 46.98 -11.57
CA THR E 37 -39.78 45.66 -12.16
C THR E 37 -38.33 45.20 -12.04
N GLY E 38 -37.38 46.11 -11.76
CA GLY E 38 -36.00 45.71 -11.62
C GLY E 38 -35.05 46.40 -12.58
N ASN E 39 -33.81 45.89 -12.65
CA ASN E 39 -32.75 46.47 -13.47
C ASN E 39 -32.60 47.96 -13.20
N LEU E 40 -31.99 48.30 -12.07
CA LEU E 40 -31.82 49.70 -11.69
C LEU E 40 -30.60 50.35 -12.35
N CYS E 41 -29.40 49.77 -12.23
CA CYS E 41 -29.08 48.50 -11.57
C CYS E 41 -28.14 48.72 -10.39
N THR E 42 -28.51 49.61 -9.47
CA THR E 42 -27.59 50.03 -8.43
C THR E 42 -28.36 50.68 -7.28
N LYS E 43 -27.59 51.13 -6.28
CA LYS E 43 -28.14 51.88 -5.15
C LYS E 43 -28.42 53.33 -5.52
N GLU E 44 -27.64 53.89 -6.44
CA GLU E 44 -27.85 55.27 -6.87
C GLU E 44 -29.25 55.46 -7.43
N SER E 45 -29.78 54.46 -8.14
CA SER E 45 -31.16 54.50 -8.59
C SER E 45 -32.13 54.11 -7.48
N TYR E 46 -31.72 53.20 -6.60
CA TYR E 46 -32.58 52.79 -5.50
C TYR E 46 -32.86 53.95 -4.55
N ASP E 47 -31.79 54.62 -4.10
CA ASP E 47 -31.95 55.72 -3.15
C ASP E 47 -32.76 56.86 -3.74
N TYR E 48 -32.67 57.07 -5.06
CA TYR E 48 -33.53 58.04 -5.72
C TYR E 48 -35.00 57.61 -5.63
N LEU E 49 -35.27 56.32 -5.83
CA LEU E 49 -36.62 55.82 -5.70
C LEU E 49 -37.11 55.89 -4.25
N LYS E 50 -36.20 55.67 -3.30
CA LYS E 50 -36.59 55.70 -1.90
C LYS E 50 -37.03 57.10 -1.46
N THR E 51 -36.51 58.14 -2.12
CA THR E 51 -36.91 59.51 -1.82
C THR E 51 -38.17 59.93 -2.57
N LEU E 52 -38.72 59.06 -3.43
CA LEU E 52 -39.93 59.38 -4.16
C LEU E 52 -41.19 58.90 -3.45
N ALA E 53 -41.08 57.87 -2.61
CA ALA E 53 -42.23 57.36 -1.86
C ALA E 53 -41.72 56.56 -0.67
N GLY E 54 -42.63 56.33 0.28
CA GLY E 54 -42.29 55.57 1.46
C GLY E 54 -42.21 54.08 1.22
N ASP E 55 -43.27 53.51 0.65
CA ASP E 55 -43.33 52.09 0.35
C ASP E 55 -42.83 51.86 -1.07
N VAL E 56 -41.64 51.30 -1.20
CA VAL E 56 -41.02 51.03 -2.49
C VAL E 56 -40.70 49.54 -2.56
N HIS E 57 -41.39 48.83 -3.44
CA HIS E 57 -41.17 47.41 -3.65
C HIS E 57 -40.38 47.20 -4.95
N ILE E 58 -39.33 46.39 -4.89
CA ILE E 58 -38.50 46.08 -6.04
C ILE E 58 -38.22 44.59 -6.08
N VAL E 59 -38.37 43.99 -7.25
CA VAL E 59 -37.94 42.62 -7.48
C VAL E 59 -36.62 42.65 -8.24
N ARG E 60 -35.96 41.50 -8.30
CA ARG E 60 -34.61 41.42 -8.86
C ARG E 60 -34.69 41.23 -10.37
N GLY E 61 -34.02 42.14 -11.10
CA GLY E 61 -33.83 41.96 -12.52
C GLY E 61 -32.59 41.13 -12.82
N ASP E 62 -32.43 40.77 -14.10
CA ASP E 62 -31.33 39.89 -14.48
C ASP E 62 -29.97 40.57 -14.34
N PHE E 63 -29.91 41.91 -14.34
CA PHE E 63 -28.65 42.62 -14.20
C PHE E 63 -28.58 43.45 -12.93
N ASP E 64 -29.38 43.12 -11.92
CA ASP E 64 -29.30 43.76 -10.61
C ASP E 64 -28.25 43.05 -9.78
N GLU E 65 -27.24 43.79 -9.33
CA GLU E 65 -26.17 43.21 -8.54
C GLU E 65 -26.59 42.89 -7.11
N ASN E 66 -27.76 43.36 -6.69
CA ASN E 66 -28.26 43.13 -5.34
C ASN E 66 -29.07 41.85 -5.30
N LEU E 67 -28.60 40.87 -4.51
CA LEU E 67 -29.32 39.62 -4.36
C LEU E 67 -30.43 39.70 -3.32
N ASN E 68 -30.37 40.68 -2.42
CA ASN E 68 -31.40 40.82 -1.38
C ASN E 68 -32.77 41.10 -1.98
N TYR E 69 -32.84 41.58 -3.22
CA TYR E 69 -34.13 41.70 -3.89
C TYR E 69 -34.72 40.31 -4.11
N PRO E 70 -36.00 40.11 -3.82
CA PRO E 70 -36.62 38.81 -4.10
C PRO E 70 -36.86 38.64 -5.60
N GLU E 71 -36.98 37.37 -6.00
CA GLU E 71 -37.27 37.07 -7.40
C GLU E 71 -38.62 37.65 -7.82
N GLN E 72 -39.66 37.40 -7.03
CA GLN E 72 -40.98 37.95 -7.27
C GLN E 72 -41.51 38.55 -5.98
N LYS E 73 -42.68 39.18 -6.07
CA LYS E 73 -43.31 39.80 -4.91
C LYS E 73 -44.80 39.95 -5.18
N VAL E 74 -45.61 39.60 -4.18
CA VAL E 74 -47.06 39.80 -4.22
C VAL E 74 -47.42 40.77 -3.11
N VAL E 75 -47.95 41.93 -3.49
CA VAL E 75 -48.34 42.95 -2.53
C VAL E 75 -49.77 43.39 -2.83
N THR E 76 -50.50 43.77 -1.78
CA THR E 76 -51.88 44.18 -1.89
C THR E 76 -52.00 45.68 -1.69
N VAL E 77 -52.68 46.35 -2.61
CA VAL E 77 -52.94 47.79 -2.54
C VAL E 77 -54.44 47.97 -2.72
N GLY E 78 -55.15 48.21 -1.63
CA GLY E 78 -56.59 48.33 -1.67
C GLY E 78 -57.27 46.99 -1.83
N GLN E 79 -58.02 46.82 -2.91
CA GLN E 79 -58.71 45.57 -3.20
C GLN E 79 -57.97 44.69 -4.19
N PHE E 80 -56.87 45.16 -4.75
CA PHE E 80 -56.16 44.44 -5.82
C PHE E 80 -54.95 43.71 -5.25
N LYS E 81 -54.90 42.41 -5.49
CA LYS E 81 -53.71 41.62 -5.24
C LYS E 81 -52.81 41.72 -6.47
N ILE E 82 -51.60 42.24 -6.28
CA ILE E 82 -50.71 42.58 -7.38
C ILE E 82 -49.48 41.68 -7.32
N GLY E 83 -49.15 41.07 -8.45
CA GLY E 83 -47.95 40.26 -8.57
C GLY E 83 -46.86 41.01 -9.30
N LEU E 84 -45.67 41.02 -8.72
CA LEU E 84 -44.53 41.75 -9.23
C LEU E 84 -43.41 40.79 -9.59
N ILE E 85 -42.87 40.92 -10.81
CA ILE E 85 -41.75 40.10 -11.27
C ILE E 85 -41.16 40.81 -12.47
N HIS E 86 -39.89 40.53 -12.76
CA HIS E 86 -39.20 41.28 -13.81
C HIS E 86 -39.58 40.80 -15.20
N GLY E 87 -39.75 39.50 -15.37
CA GLY E 87 -40.20 38.92 -16.63
C GLY E 87 -39.19 38.04 -17.33
N HIS E 88 -37.91 38.13 -16.96
CA HIS E 88 -36.90 37.27 -17.60
C HIS E 88 -37.08 35.81 -17.24
N GLN E 89 -37.83 35.51 -16.17
CA GLN E 89 -38.13 34.14 -15.78
C GLN E 89 -39.29 33.56 -16.57
N VAL E 90 -40.00 34.38 -17.33
CA VAL E 90 -41.19 33.97 -18.07
C VAL E 90 -40.77 33.60 -19.48
N ILE E 91 -40.73 32.30 -19.77
CA ILE E 91 -40.26 31.78 -21.05
C ILE E 91 -41.47 31.25 -21.82
N PRO E 92 -41.66 31.64 -23.09
CA PRO E 92 -40.89 32.64 -23.83
C PRO E 92 -41.09 34.05 -23.29
N TRP E 93 -40.12 34.93 -23.54
CA TRP E 93 -40.19 36.28 -23.00
C TRP E 93 -41.39 37.04 -23.58
N GLY E 94 -42.22 37.57 -22.70
CA GLY E 94 -43.38 38.33 -23.12
C GLY E 94 -44.52 37.53 -23.70
N ASP E 95 -44.47 36.20 -23.58
CA ASP E 95 -45.53 35.37 -24.13
C ASP E 95 -46.81 35.54 -23.33
N MET E 96 -47.94 35.57 -24.04
CA MET E 96 -49.24 35.75 -23.38
C MET E 96 -49.57 34.54 -22.51
N ALA E 97 -49.48 33.34 -23.07
CA ALA E 97 -49.81 32.14 -22.31
C ALA E 97 -48.86 31.95 -21.13
N SER E 98 -47.57 32.26 -21.33
CA SER E 98 -46.60 32.14 -20.25
C SER E 98 -46.84 33.16 -19.14
N LEU E 99 -47.48 34.28 -19.45
CA LEU E 99 -47.80 35.27 -18.42
C LEU E 99 -49.07 34.90 -17.66
N ALA E 100 -50.07 34.37 -18.37
CA ALA E 100 -51.29 33.91 -17.71
C ALA E 100 -51.02 32.72 -16.80
N LEU E 101 -50.02 31.91 -17.14
CA LEU E 101 -49.62 30.81 -16.26
C LEU E 101 -49.14 31.35 -14.91
N LEU E 102 -48.30 32.38 -14.95
CA LEU E 102 -47.80 32.97 -13.71
C LEU E 102 -48.91 33.66 -12.92
N GLN E 103 -49.96 34.10 -13.60
CA GLN E 103 -51.09 34.71 -12.90
C GLN E 103 -51.80 33.69 -12.02
N ARG E 104 -51.93 32.45 -12.50
CA ARG E 104 -52.58 31.41 -11.71
C ARG E 104 -51.71 31.00 -10.54
N GLN E 105 -50.38 31.09 -10.68
CA GLN E 105 -49.48 30.72 -9.59
C GLN E 105 -49.59 31.72 -8.44
N PHE E 106 -49.42 33.01 -8.74
CA PHE E 106 -49.51 34.03 -7.70
C PHE E 106 -50.94 34.23 -7.23
N ASP E 107 -51.92 33.99 -8.10
CA ASP E 107 -53.31 34.35 -7.87
C ASP E 107 -53.43 35.84 -7.52
N VAL E 108 -53.17 36.65 -8.53
CA VAL E 108 -53.18 38.10 -8.41
C VAL E 108 -54.14 38.67 -9.43
N ASP E 109 -54.76 39.80 -9.08
CA ASP E 109 -55.68 40.46 -10.00
C ASP E 109 -54.93 41.27 -11.06
N ILE E 110 -53.72 41.73 -10.75
CA ILE E 110 -52.88 42.47 -11.69
C ILE E 110 -51.48 41.89 -11.63
N LEU E 111 -50.94 41.53 -12.79
CA LEU E 111 -49.59 41.01 -12.91
C LEU E 111 -48.70 42.04 -13.60
N ILE E 112 -47.55 42.32 -12.99
CA ILE E 112 -46.64 43.36 -13.47
C ILE E 112 -45.33 42.69 -13.88
N SER E 113 -44.99 42.79 -15.16
CA SER E 113 -43.77 42.24 -15.73
C SER E 113 -43.13 43.31 -16.61
N GLY E 114 -41.82 43.22 -16.82
CA GLY E 114 -41.14 44.31 -17.49
C GLY E 114 -39.94 44.04 -18.36
N HIS E 115 -39.58 42.77 -18.57
CA HIS E 115 -38.35 42.47 -19.32
C HIS E 115 -38.35 43.05 -20.74
N THR E 116 -39.53 43.26 -21.33
CA THR E 116 -39.61 43.52 -22.77
C THR E 116 -39.14 44.91 -23.18
N HIS E 117 -38.91 45.82 -22.23
CA HIS E 117 -38.63 47.23 -22.55
C HIS E 117 -39.73 47.85 -23.40
N LYS E 118 -40.91 47.24 -23.41
CA LYS E 118 -42.02 47.62 -24.27
C LYS E 118 -43.26 47.78 -23.43
N PHE E 119 -43.89 48.94 -23.52
CA PHE E 119 -45.09 49.19 -22.72
C PHE E 119 -46.25 48.33 -23.19
N GLU E 120 -46.92 47.68 -22.25
CA GLU E 120 -48.15 46.95 -22.53
C GLU E 120 -49.08 47.08 -21.34
N ALA E 121 -50.38 47.19 -21.64
CA ALA E 121 -51.41 47.28 -20.61
C ALA E 121 -52.70 46.78 -21.21
N PHE E 122 -53.23 45.67 -20.70
CA PHE E 122 -54.38 45.03 -21.33
C PHE E 122 -55.05 44.11 -20.32
N GLU E 123 -56.32 43.81 -20.61
CA GLU E 123 -57.09 42.84 -19.85
C GLU E 123 -57.13 41.51 -20.61
N HIS E 124 -57.01 40.42 -19.88
CA HIS E 124 -57.04 39.09 -20.48
C HIS E 124 -57.55 38.10 -19.45
N GLU E 125 -58.59 37.35 -19.81
CA GLU E 125 -59.24 36.39 -18.91
C GLU E 125 -59.71 37.07 -17.63
N ASN E 126 -60.25 38.29 -17.77
CA ASN E 126 -60.70 39.11 -16.64
C ASN E 126 -59.57 39.36 -15.64
N LYS E 127 -58.34 39.45 -16.15
CA LYS E 127 -57.18 39.76 -15.34
C LYS E 127 -56.33 40.78 -16.09
N PHE E 128 -55.70 41.68 -15.35
CA PHE E 128 -54.99 42.81 -15.94
C PHE E 128 -53.49 42.59 -15.88
N TYR E 129 -52.79 43.07 -16.91
CA TYR E 129 -51.36 42.87 -17.06
C TYR E 129 -50.70 44.19 -17.41
N ILE E 130 -49.60 44.51 -16.72
CA ILE E 130 -48.87 45.76 -16.93
C ILE E 130 -47.44 45.44 -17.35
N ASN E 131 -46.92 46.23 -18.28
CA ASN E 131 -45.50 46.26 -18.58
C ASN E 131 -45.11 47.72 -18.77
N PRO E 132 -44.40 48.32 -17.82
CA PRO E 132 -44.12 49.77 -17.91
C PRO E 132 -43.08 50.13 -18.95
N GLY E 133 -42.39 49.16 -19.53
CA GLY E 133 -41.30 49.46 -20.43
C GLY E 133 -40.11 50.04 -19.69
N SER E 134 -39.10 50.44 -20.47
CA SER E 134 -37.90 51.04 -19.91
C SER E 134 -38.16 52.53 -19.67
N ALA E 135 -38.16 52.93 -18.40
CA ALA E 135 -38.36 54.34 -18.07
C ALA E 135 -37.23 55.21 -18.59
N THR E 136 -36.06 54.63 -18.85
CA THR E 136 -34.95 55.34 -19.46
C THR E 136 -34.90 55.17 -20.98
N GLY E 137 -35.76 54.33 -21.54
CA GLY E 137 -35.67 54.02 -22.96
C GLY E 137 -34.38 53.29 -23.28
N ALA E 138 -34.05 52.30 -22.46
CA ALA E 138 -32.75 51.65 -22.54
C ALA E 138 -32.66 50.73 -23.75
N TYR E 139 -31.42 50.40 -24.10
CA TYR E 139 -31.16 49.50 -25.23
C TYR E 139 -31.72 48.11 -24.97
N ASN E 140 -32.32 47.53 -26.01
CA ASN E 140 -32.79 46.16 -25.98
C ASN E 140 -32.47 45.52 -27.33
N ALA E 141 -31.98 44.28 -27.28
CA ALA E 141 -31.47 43.64 -28.50
C ALA E 141 -32.59 43.26 -29.46
N LEU E 142 -33.79 42.99 -28.96
CA LEU E 142 -34.88 42.50 -29.81
C LEU E 142 -35.84 43.59 -30.26
N GLU E 143 -35.74 44.80 -29.71
CA GLU E 143 -36.59 45.92 -30.09
C GLU E 143 -35.71 47.14 -30.29
N THR E 144 -35.78 47.73 -31.48
CA THR E 144 -34.82 48.75 -31.90
C THR E 144 -35.29 50.17 -31.62
N ASN E 145 -36.59 50.40 -31.43
CA ASN E 145 -37.13 51.75 -31.22
C ASN E 145 -37.80 51.77 -29.85
N ILE E 146 -37.00 51.94 -28.81
CA ILE E 146 -37.50 51.94 -27.44
C ILE E 146 -38.00 53.34 -27.10
N ILE E 147 -39.18 53.41 -26.50
CA ILE E 147 -39.79 54.66 -26.06
C ILE E 147 -39.67 54.73 -24.54
N PRO E 148 -38.94 55.70 -23.98
CA PRO E 148 -38.87 55.84 -22.53
C PRO E 148 -40.27 56.03 -21.93
N SER E 149 -40.68 55.09 -21.10
CA SER E 149 -42.05 55.09 -20.60
C SER E 149 -42.12 54.54 -19.19
N PHE E 150 -43.04 55.11 -18.40
CA PHE E 150 -43.40 54.58 -17.10
C PHE E 150 -44.91 54.67 -16.95
N VAL E 151 -45.43 54.02 -15.91
CA VAL E 151 -46.87 53.88 -15.73
C VAL E 151 -47.26 54.34 -14.34
N LEU E 152 -48.31 55.16 -14.25
CA LEU E 152 -48.93 55.52 -12.99
C LEU E 152 -50.28 54.84 -12.87
N MET E 153 -50.53 54.25 -11.70
CA MET E 153 -51.80 53.61 -11.40
C MET E 153 -52.55 54.45 -10.38
N ASP E 154 -53.86 54.61 -10.59
CA ASP E 154 -54.73 55.30 -9.64
C ASP E 154 -55.77 54.27 -9.18
N ILE E 155 -55.60 53.78 -7.95
CA ILE E 155 -56.44 52.73 -7.40
C ILE E 155 -57.49 53.37 -6.50
N GLN E 156 -58.76 53.05 -6.74
CA GLN E 156 -59.86 53.53 -5.92
C GLN E 156 -60.85 52.38 -5.71
N ALA E 157 -60.92 51.88 -4.48
CA ALA E 157 -61.78 50.76 -4.13
C ALA E 157 -61.57 49.57 -5.05
N SER E 158 -62.54 49.32 -5.94
CA SER E 158 -62.49 48.21 -6.87
C SER E 158 -62.28 48.70 -8.31
N THR E 159 -61.49 49.74 -8.48
CA THR E 159 -61.24 50.32 -9.79
C THR E 159 -59.85 50.91 -9.84
N VAL E 160 -59.11 50.60 -10.90
CA VAL E 160 -57.78 51.14 -11.13
C VAL E 160 -57.78 51.90 -12.46
N VAL E 161 -57.08 53.02 -12.50
CA VAL E 161 -56.96 53.85 -13.70
C VAL E 161 -55.47 53.98 -13.98
N THR E 162 -54.96 53.20 -14.92
CA THR E 162 -53.55 53.20 -15.25
C THR E 162 -53.25 54.29 -16.28
N TYR E 163 -52.22 55.09 -16.02
CA TYR E 163 -51.75 56.11 -16.93
C TYR E 163 -50.37 55.72 -17.44
N VAL E 164 -50.17 55.87 -18.75
CA VAL E 164 -48.88 55.58 -19.38
C VAL E 164 -48.25 56.90 -19.83
N TYR E 165 -47.05 57.17 -19.33
CA TYR E 165 -46.28 58.34 -19.72
C TYR E 165 -45.19 57.90 -20.69
N GLN E 166 -45.10 58.59 -21.83
CA GLN E 166 -44.14 58.23 -22.87
C GLN E 166 -43.43 59.47 -23.37
N LEU E 167 -42.11 59.37 -23.53
CA LEU E 167 -41.31 60.44 -24.11
C LEU E 167 -41.24 60.22 -25.62
N ILE E 168 -42.08 60.95 -26.36
CA ILE E 168 -42.11 60.87 -27.81
C ILE E 168 -41.42 62.11 -28.34
N GLY E 169 -40.25 61.91 -28.96
CA GLY E 169 -39.43 63.03 -29.37
C GLY E 169 -38.91 63.83 -28.19
N ASP E 170 -39.44 65.04 -28.00
CA ASP E 170 -39.15 65.84 -26.82
C ASP E 170 -40.33 65.96 -25.87
N ASP E 171 -41.52 65.55 -26.29
CA ASP E 171 -42.74 65.76 -25.53
C ASP E 171 -43.09 64.52 -24.71
N VAL E 172 -43.65 64.75 -23.53
CA VAL E 172 -44.23 63.70 -22.70
C VAL E 172 -45.71 63.61 -23.02
N LYS E 173 -46.15 62.44 -23.47
CA LYS E 173 -47.53 62.24 -23.90
C LYS E 173 -48.15 61.10 -23.09
N VAL E 174 -49.42 61.27 -22.73
CA VAL E 174 -50.09 60.39 -21.78
C VAL E 174 -51.32 59.78 -22.43
N GLU E 175 -51.50 58.48 -22.20
CA GLU E 175 -52.74 57.79 -22.50
C GLU E 175 -53.31 57.19 -21.22
N ARG E 176 -54.59 56.84 -21.25
CA ARG E 176 -55.30 56.37 -20.07
C ARG E 176 -56.04 55.08 -20.37
N ILE E 177 -55.90 54.10 -19.48
CA ILE E 177 -56.61 52.83 -19.55
C ILE E 177 -57.23 52.56 -18.19
N GLU E 178 -58.46 52.07 -18.18
CA GLU E 178 -59.21 51.82 -16.95
C GLU E 178 -59.59 50.34 -16.88
N TYR E 179 -59.51 49.77 -15.68
CA TYR E 179 -59.83 48.38 -15.44
C TYR E 179 -60.60 48.24 -14.14
N LYS E 180 -61.69 47.48 -14.17
CA LYS E 180 -62.51 47.23 -13.00
C LYS E 180 -62.50 45.74 -12.69
N LYS E 181 -62.29 45.40 -11.44
CA LYS E 181 -62.29 43.99 -11.03
C LYS E 181 -63.70 43.44 -11.11
N PRO E 182 -63.90 42.26 -11.71
CA PRO E 182 -65.21 41.60 -11.80
C PRO E 182 -65.84 41.39 -10.42
N GLU F 12 -20.57 52.38 -3.72
CA GLU F 12 -20.36 53.63 -3.00
C GLU F 12 -19.31 54.45 -3.71
N ASP F 13 -18.04 54.07 -3.53
CA ASP F 13 -16.96 54.67 -4.30
C ASP F 13 -17.15 54.45 -5.79
N PHE F 14 -17.73 53.31 -6.16
CA PHE F 14 -17.97 52.97 -7.56
C PHE F 14 -19.30 53.50 -8.08
N ALA F 15 -20.13 54.07 -7.21
CA ALA F 15 -21.27 54.86 -7.67
C ALA F 15 -20.84 56.22 -8.23
N ASP F 16 -19.60 56.64 -7.95
CA ASP F 16 -19.06 57.84 -8.57
C ASP F 16 -18.51 57.52 -9.96
N GLU F 17 -17.73 56.45 -10.08
CA GLU F 17 -17.34 55.94 -11.39
C GLU F 17 -18.56 55.52 -12.19
N GLN F 18 -19.68 55.24 -11.52
CA GLN F 18 -20.91 54.91 -12.23
C GLN F 18 -21.49 56.13 -12.92
N SER F 19 -21.53 57.28 -12.22
CA SER F 19 -21.90 58.52 -12.88
C SER F 19 -20.92 58.84 -14.01
N LEU F 20 -19.67 58.41 -13.87
CA LEU F 20 -18.68 58.62 -14.93
C LEU F 20 -19.02 57.81 -16.18
N VAL F 21 -19.18 56.50 -16.02
CA VAL F 21 -19.33 55.63 -17.19
C VAL F 21 -20.69 55.86 -17.85
N GLY F 22 -21.73 56.09 -17.06
CA GLY F 22 -23.02 56.41 -17.63
C GLY F 22 -22.98 57.67 -18.47
N ARG F 23 -22.35 58.73 -17.94
CA ARG F 23 -22.15 59.94 -18.72
C ARG F 23 -21.29 59.68 -19.94
N PHE F 24 -20.32 58.76 -19.83
CA PHE F 24 -19.45 58.44 -20.96
C PHE F 24 -20.25 57.87 -22.13
N ILE F 25 -21.14 56.91 -21.84
CA ILE F 25 -21.91 56.27 -22.90
C ILE F 25 -22.91 57.26 -23.50
N HIS F 26 -23.54 58.08 -22.65
CA HIS F 26 -24.50 59.06 -23.15
C HIS F 26 -23.84 60.09 -24.05
N LEU F 27 -22.69 60.61 -23.64
CA LEU F 27 -21.95 61.56 -24.47
C LEU F 27 -21.35 60.90 -25.70
N LEU F 28 -21.11 59.58 -25.66
CA LEU F 28 -20.58 58.87 -26.82
C LEU F 28 -21.60 58.79 -27.95
N ARG F 29 -22.89 58.98 -27.67
CA ARG F 29 -23.89 58.95 -28.72
C ARG F 29 -23.76 60.15 -29.65
N SER F 30 -23.25 61.28 -29.14
CA SER F 30 -23.02 62.45 -29.96
C SER F 30 -21.87 62.27 -30.94
N GLU F 31 -21.22 61.11 -30.95
CA GLU F 31 -20.05 60.88 -31.77
C GLU F 31 -20.35 59.78 -32.79
N ASP F 32 -19.88 59.97 -34.01
CA ASP F 32 -20.28 59.14 -35.14
C ASP F 32 -19.67 57.73 -35.03
N PRO F 33 -20.26 56.76 -35.75
CA PRO F 33 -19.89 55.35 -35.51
C PRO F 33 -18.43 55.01 -35.75
N ASP F 34 -17.84 55.49 -36.86
CA ASP F 34 -16.48 55.10 -37.21
C ASP F 34 -15.47 55.44 -36.11
N GLN F 35 -15.80 56.36 -35.20
CA GLN F 35 -14.92 56.68 -34.09
C GLN F 35 -15.42 56.17 -32.75
N GLN F 36 -16.69 55.78 -32.64
CA GLN F 36 -17.17 55.18 -31.40
C GLN F 36 -16.36 53.94 -31.06
N TYR F 37 -15.97 53.16 -32.08
CA TYR F 37 -15.11 52.01 -31.85
C TYR F 37 -13.75 52.45 -31.29
N LEU F 38 -13.05 53.33 -32.01
CA LEU F 38 -11.70 53.69 -31.63
C LEU F 38 -11.65 54.42 -30.29
N ILE F 39 -12.76 55.02 -29.86
CA ILE F 39 -12.83 55.54 -28.50
C ILE F 39 -13.05 54.42 -27.50
N LEU F 40 -13.94 53.47 -27.83
CA LEU F 40 -14.23 52.37 -26.91
C LEU F 40 -13.00 51.52 -26.64
N ASN F 41 -12.10 51.40 -27.62
CA ASN F 41 -10.87 50.63 -27.41
C ASN F 41 -9.99 51.31 -26.37
N THR F 42 -9.78 52.62 -26.51
CA THR F 42 -9.02 53.36 -25.51
C THR F 42 -9.78 53.55 -24.22
N ALA F 43 -11.11 53.39 -24.25
CA ALA F 43 -11.89 53.47 -23.02
C ALA F 43 -11.62 52.28 -22.11
N ARG F 44 -11.71 51.06 -22.65
CA ARG F 44 -11.41 49.88 -21.87
C ARG F 44 -9.93 49.79 -21.50
N LYS F 45 -9.05 50.44 -22.28
CA LYS F 45 -7.65 50.50 -21.90
C LYS F 45 -7.46 51.29 -20.61
N HIS F 46 -8.27 52.34 -20.40
CA HIS F 46 -8.22 53.05 -19.14
C HIS F 46 -8.97 52.31 -18.04
N PHE F 47 -10.24 51.95 -18.28
CA PHE F 47 -11.03 51.28 -17.26
C PHE F 47 -10.41 49.95 -16.84
N GLY F 48 -9.59 49.34 -17.69
CA GLY F 48 -8.90 48.13 -17.30
C GLY F 48 -7.80 48.34 -16.29
N ALA F 49 -7.34 49.58 -16.12
CA ALA F 49 -6.29 49.88 -15.15
C ALA F 49 -6.82 50.03 -13.73
N GLY F 50 -8.13 50.00 -13.53
CA GLY F 50 -8.73 50.24 -12.25
C GLY F 50 -8.85 49.05 -11.33
N GLY F 51 -8.24 47.92 -11.67
CA GLY F 51 -8.30 46.74 -10.81
C GLY F 51 -9.55 45.91 -11.05
N ASN F 52 -9.64 44.83 -10.28
CA ASN F 52 -10.69 43.84 -10.52
C ASN F 52 -12.04 44.26 -9.97
N GLN F 53 -12.09 45.03 -8.89
CA GLN F 53 -13.37 45.39 -8.31
C GLN F 53 -14.03 46.59 -8.99
N ARG F 54 -13.24 47.45 -9.64
CA ARG F 54 -13.84 48.58 -10.36
C ARG F 54 -14.45 48.14 -11.68
N ILE F 55 -13.76 47.26 -12.42
CA ILE F 55 -14.23 46.84 -13.74
C ILE F 55 -15.55 46.07 -13.67
N ARG F 56 -15.98 45.66 -12.47
CA ARG F 56 -17.30 45.08 -12.32
C ARG F 56 -18.39 46.05 -12.77
N PHE F 57 -18.11 47.35 -12.71
CA PHE F 57 -19.12 48.38 -12.93
C PHE F 57 -18.83 49.29 -14.11
N THR F 58 -17.59 49.31 -14.63
CA THR F 58 -17.21 50.17 -15.73
C THR F 58 -17.20 49.45 -17.08
N LEU F 59 -16.71 48.20 -17.11
CA LEU F 59 -16.64 47.47 -18.38
C LEU F 59 -18.01 47.10 -18.94
N PRO F 60 -18.96 46.58 -18.16
CA PRO F 60 -20.22 46.07 -18.76
C PRO F 60 -20.95 47.10 -19.60
N PRO F 61 -20.96 48.39 -19.22
CA PRO F 61 -21.52 49.38 -20.16
C PRO F 61 -20.78 49.45 -21.49
N LEU F 62 -19.46 49.26 -21.48
CA LEU F 62 -18.72 49.24 -22.74
C LEU F 62 -19.12 48.05 -23.61
N VAL F 63 -19.56 46.96 -22.98
CA VAL F 63 -20.03 45.80 -23.75
C VAL F 63 -21.37 46.10 -24.40
N PHE F 64 -22.27 46.79 -23.69
CA PHE F 64 -23.56 47.15 -24.26
C PHE F 64 -23.41 48.26 -25.29
N ALA F 65 -22.47 49.18 -25.08
CA ALA F 65 -22.18 50.17 -26.12
C ALA F 65 -21.63 49.52 -27.38
N ALA F 66 -20.93 48.39 -27.21
CA ALA F 66 -20.45 47.65 -28.37
C ALA F 66 -21.60 47.04 -29.15
N TYR F 67 -22.58 46.45 -28.46
CA TYR F 67 -23.73 45.86 -29.13
C TYR F 67 -24.55 46.92 -29.85
N GLN F 68 -24.71 48.09 -29.22
CA GLN F 68 -25.41 49.19 -29.88
C GLN F 68 -24.68 49.65 -31.13
N LEU F 69 -23.36 49.78 -31.04
CA LEU F 69 -22.57 50.23 -32.18
C LEU F 69 -22.68 49.26 -33.35
N ALA F 70 -22.73 47.96 -33.07
CA ALA F 70 -22.90 46.98 -34.13
C ALA F 70 -24.24 47.14 -34.83
N PHE F 71 -25.29 47.52 -34.08
CA PHE F 71 -26.56 47.84 -34.71
C PHE F 71 -26.48 49.13 -35.51
N ARG F 72 -25.66 50.09 -35.07
CA ARG F 72 -25.56 51.36 -35.78
C ARG F 72 -24.87 51.19 -37.12
N TYR F 73 -24.02 50.17 -37.27
CA TYR F 73 -23.37 49.92 -38.55
C TYR F 73 -24.30 49.25 -39.55
N LYS F 74 -25.29 48.48 -39.06
CA LYS F 74 -26.26 47.89 -39.97
C LYS F 74 -27.21 48.94 -40.54
N GLU F 75 -27.37 50.08 -39.86
CA GLU F 75 -28.14 51.17 -40.44
C GLU F 75 -27.39 51.79 -41.62
N ASN F 76 -26.08 52.00 -41.47
CA ASN F 76 -25.23 52.48 -42.56
C ASN F 76 -24.77 51.35 -43.48
N SER F 77 -25.64 50.37 -43.72
CA SER F 77 -25.25 49.22 -44.53
C SER F 77 -25.04 49.61 -45.99
N LYS F 78 -25.92 50.43 -46.54
CA LYS F 78 -25.84 50.83 -47.94
C LYS F 78 -24.95 52.06 -48.15
N VAL F 79 -24.50 52.70 -47.08
CA VAL F 79 -23.57 53.81 -47.21
C VAL F 79 -22.13 53.34 -47.05
N ASP F 80 -21.87 52.46 -46.08
CA ASP F 80 -20.54 51.95 -45.79
C ASP F 80 -20.52 50.47 -46.11
N ASP F 81 -19.83 50.10 -47.19
CA ASP F 81 -19.76 48.70 -47.62
C ASP F 81 -18.83 47.85 -46.77
N LYS F 82 -18.08 48.45 -45.84
CA LYS F 82 -17.22 47.71 -44.93
C LYS F 82 -17.87 47.51 -43.58
N TRP F 83 -19.20 47.42 -43.54
CA TRP F 83 -19.91 47.35 -42.27
C TRP F 83 -19.90 45.97 -41.65
N GLU F 84 -19.74 44.91 -42.45
CA GLU F 84 -19.70 43.57 -41.88
C GLU F 84 -18.36 43.27 -41.23
N LYS F 85 -17.27 43.77 -41.81
CA LYS F 85 -15.97 43.63 -41.15
C LYS F 85 -15.94 44.41 -39.84
N LYS F 86 -16.59 45.57 -39.80
CA LYS F 86 -16.64 46.35 -38.57
C LYS F 86 -17.44 45.63 -37.50
N CYS F 87 -18.56 45.02 -37.86
CA CYS F 87 -19.36 44.29 -36.90
C CYS F 87 -18.59 43.11 -36.31
N GLN F 88 -17.81 42.42 -37.14
CA GLN F 88 -16.94 41.36 -36.64
C GLN F 88 -15.92 41.92 -35.65
N LYS F 89 -15.40 43.11 -35.93
CA LYS F 89 -14.39 43.71 -35.07
C LYS F 89 -14.97 44.10 -33.72
N ILE F 90 -16.24 44.49 -33.68
CA ILE F 90 -16.87 44.88 -32.41
C ILE F 90 -17.11 43.66 -31.55
N PHE F 91 -17.70 42.61 -32.12
CA PHE F 91 -17.98 41.41 -31.35
C PHE F 91 -16.71 40.71 -30.88
N SER F 92 -15.58 40.97 -31.55
CA SER F 92 -14.30 40.55 -31.00
C SER F 92 -13.88 41.43 -29.84
N PHE F 93 -14.17 42.73 -29.94
CA PHE F 93 -13.92 43.65 -28.83
C PHE F 93 -14.76 43.26 -27.61
N ALA F 94 -16.06 43.03 -27.81
CA ALA F 94 -16.91 42.60 -26.72
C ALA F 94 -16.47 41.25 -26.16
N HIS F 95 -15.94 40.38 -27.03
CA HIS F 95 -15.40 39.11 -26.56
C HIS F 95 -14.26 39.31 -25.58
N GLN F 96 -13.35 40.24 -25.88
CA GLN F 96 -12.19 40.47 -25.03
C GLN F 96 -12.56 41.23 -23.76
N THR F 97 -13.52 42.16 -23.85
CA THR F 97 -13.88 42.95 -22.68
C THR F 97 -14.61 42.09 -21.65
N ILE F 98 -15.45 41.15 -22.10
CA ILE F 98 -16.13 40.27 -21.15
C ILE F 98 -15.13 39.28 -20.55
N SER F 99 -14.12 38.87 -21.33
CA SER F 99 -13.12 37.94 -20.81
C SER F 99 -12.29 38.57 -19.70
N ALA F 100 -12.12 39.90 -19.73
CA ALA F 100 -11.42 40.57 -18.64
C ALA F 100 -12.19 40.46 -17.33
N LEU F 101 -13.52 40.33 -17.41
CA LEU F 101 -14.31 40.12 -16.20
C LEU F 101 -14.13 38.71 -15.66
N ILE F 102 -13.92 37.73 -16.54
CA ILE F 102 -13.72 36.36 -16.10
C ILE F 102 -12.40 36.21 -15.37
N LYS F 103 -11.34 36.84 -15.89
CA LYS F 103 -10.06 36.82 -15.18
C LYS F 103 -10.16 37.49 -13.82
N ALA F 104 -11.11 38.41 -13.65
CA ALA F 104 -11.41 38.99 -12.35
C ALA F 104 -12.29 38.09 -11.50
N GLU F 105 -12.42 36.82 -11.86
CA GLU F 105 -13.19 35.83 -11.10
C GLU F 105 -14.65 36.23 -10.99
N LEU F 106 -15.27 36.48 -12.14
CA LEU F 106 -16.69 36.76 -12.23
C LEU F 106 -17.35 35.71 -13.13
N ALA F 107 -18.59 35.37 -12.82
CA ALA F 107 -19.29 34.32 -13.56
C ALA F 107 -20.71 34.73 -13.92
N GLU F 108 -21.46 35.24 -12.94
CA GLU F 108 -22.87 35.58 -13.17
C GLU F 108 -23.00 36.66 -14.23
N LEU F 109 -22.22 37.74 -14.10
CA LEU F 109 -22.35 38.85 -15.05
C LEU F 109 -21.80 38.50 -16.43
N PRO F 110 -20.59 37.94 -16.57
CA PRO F 110 -20.12 37.62 -17.93
C PRO F 110 -21.00 36.62 -18.66
N LEU F 111 -21.62 35.68 -17.94
CA LEU F 111 -22.55 34.74 -18.58
C LEU F 111 -23.74 35.48 -19.17
N ARG F 112 -24.30 36.44 -18.44
CA ARG F 112 -25.43 37.21 -18.96
C ARG F 112 -25.00 38.15 -20.07
N LEU F 113 -23.76 38.64 -20.03
CA LEU F 113 -23.27 39.49 -21.12
C LEU F 113 -23.04 38.66 -22.39
N PHE F 114 -22.58 37.42 -22.24
CA PHE F 114 -22.37 36.57 -23.41
C PHE F 114 -23.71 36.20 -24.05
N LEU F 115 -24.74 35.99 -23.24
CA LEU F 115 -26.06 35.70 -23.79
C LEU F 115 -26.60 36.88 -24.60
N GLN F 116 -26.30 38.10 -24.16
CA GLN F 116 -26.76 39.28 -24.88
C GLN F 116 -26.06 39.45 -26.22
N GLY F 117 -24.78 39.08 -26.30
CA GLY F 117 -24.06 39.19 -27.56
C GLY F 117 -24.54 38.20 -28.59
N ALA F 118 -24.93 37.00 -28.15
CA ALA F 118 -25.44 36.01 -29.08
C ALA F 118 -26.76 36.46 -29.70
N LEU F 119 -27.59 37.15 -28.91
CA LEU F 119 -28.85 37.69 -29.44
C LEU F 119 -28.58 38.78 -30.48
N ALA F 120 -27.69 39.71 -30.15
CA ALA F 120 -27.39 40.80 -31.08
C ALA F 120 -26.72 40.28 -32.34
N ALA F 121 -25.87 39.26 -32.21
CA ALA F 121 -25.22 38.67 -33.38
C ALA F 121 -26.23 38.00 -34.30
N GLY F 122 -27.25 37.35 -33.72
CA GLY F 122 -28.27 36.71 -34.53
C GLY F 122 -29.28 37.66 -35.13
N GLU F 123 -29.40 38.87 -34.58
CA GLU F 123 -30.36 39.84 -35.09
C GLU F 123 -29.78 40.74 -36.17
N ILE F 124 -28.47 40.98 -36.15
CA ILE F 124 -27.86 41.90 -37.11
C ILE F 124 -27.72 41.23 -38.47
N GLY F 125 -27.00 40.11 -38.51
CA GLY F 125 -26.89 39.35 -39.74
C GLY F 125 -25.68 39.64 -40.60
N PHE F 126 -24.65 40.28 -40.05
CA PHE F 126 -23.41 40.46 -40.78
C PHE F 126 -22.80 39.10 -41.12
N GLU F 127 -21.91 39.08 -42.11
CA GLU F 127 -21.31 37.81 -42.51
C GLU F 127 -20.50 37.23 -41.35
N ASN F 128 -20.57 35.91 -41.21
CA ASN F 128 -19.94 35.19 -40.09
C ASN F 128 -20.56 35.60 -38.75
N HIS F 129 -21.89 35.67 -38.71
CA HIS F 129 -22.60 35.97 -37.48
C HIS F 129 -23.07 34.72 -36.74
N GLU F 130 -23.38 33.64 -37.47
CA GLU F 130 -23.73 32.39 -36.82
C GLU F 130 -22.55 31.84 -36.03
N THR F 131 -21.34 32.00 -36.56
CA THR F 131 -20.14 31.63 -35.82
C THR F 131 -20.01 32.45 -34.54
N VAL F 132 -20.19 33.77 -34.65
CA VAL F 132 -20.13 34.62 -33.47
C VAL F 132 -21.29 34.32 -32.53
N ALA F 133 -22.45 33.98 -33.08
CA ALA F 133 -23.60 33.67 -32.23
C ALA F 133 -23.38 32.37 -31.45
N TYR F 134 -22.81 31.35 -32.10
CA TYR F 134 -22.53 30.11 -31.39
C TYR F 134 -21.41 30.30 -30.38
N GLU F 135 -20.46 31.19 -30.67
CA GLU F 135 -19.45 31.57 -29.69
C GLU F 135 -20.08 32.08 -28.39
N PHE F 136 -20.81 33.20 -28.47
CA PHE F 136 -21.29 33.84 -27.25
C PHE F 136 -22.24 32.95 -26.47
N MET F 137 -22.83 31.94 -27.10
CA MET F 137 -23.63 30.96 -26.38
C MET F 137 -22.74 29.91 -25.73
N SER F 138 -21.79 29.36 -26.50
CA SER F 138 -20.94 28.30 -25.97
C SER F 138 -20.04 28.78 -24.83
N GLN F 139 -19.70 30.07 -24.83
CA GLN F 139 -18.96 30.62 -23.69
C GLN F 139 -19.86 30.82 -22.49
N ALA F 140 -21.15 31.07 -22.70
CA ALA F 140 -22.08 31.16 -21.59
C ALA F 140 -22.30 29.80 -20.93
N PHE F 141 -22.13 28.72 -21.68
CA PHE F 141 -22.22 27.39 -21.09
C PHE F 141 -20.96 27.02 -20.33
N SER F 142 -19.83 27.63 -20.67
CA SER F 142 -18.61 27.45 -19.89
C SER F 142 -18.79 27.97 -18.47
N LEU F 143 -19.22 29.22 -18.34
CA LEU F 143 -19.33 29.84 -17.02
C LEU F 143 -20.43 29.18 -16.18
N TYR F 144 -21.45 28.62 -16.83
CA TYR F 144 -22.48 27.90 -16.08
C TYR F 144 -21.93 26.61 -15.49
N GLU F 145 -21.25 25.79 -16.30
CA GLU F 145 -20.74 24.51 -15.83
C GLU F 145 -19.55 24.70 -14.90
N ASP F 146 -18.51 25.37 -15.39
CA ASP F 146 -17.25 25.42 -14.67
C ASP F 146 -17.28 26.33 -13.44
N GLU F 147 -18.22 27.27 -13.37
CA GLU F 147 -18.14 28.31 -12.34
C GLU F 147 -19.42 28.53 -11.54
N ILE F 148 -20.48 27.76 -11.77
CA ILE F 148 -21.76 27.92 -11.08
C ILE F 148 -22.19 26.57 -10.52
N SER F 149 -22.44 26.52 -9.21
CA SER F 149 -22.88 25.31 -8.54
C SER F 149 -23.68 25.70 -7.29
N ASP F 150 -24.80 26.38 -7.51
CA ASP F 150 -25.74 26.69 -6.44
C ASP F 150 -27.14 26.48 -7.00
N SER F 151 -27.92 25.62 -6.34
CA SER F 151 -29.12 25.05 -6.94
C SER F 151 -30.05 26.14 -7.48
N LYS F 152 -30.32 27.17 -6.69
CA LYS F 152 -31.21 28.23 -7.15
C LYS F 152 -30.49 29.22 -8.06
N ALA F 153 -29.17 29.35 -7.93
CA ALA F 153 -28.41 30.16 -8.88
C ALA F 153 -28.23 29.43 -10.21
N GLN F 154 -28.13 28.11 -10.17
CA GLN F 154 -28.08 27.33 -11.41
C GLN F 154 -29.38 27.45 -12.18
N LEU F 155 -30.51 27.35 -11.47
CA LEU F 155 -31.81 27.45 -12.13
C LEU F 155 -32.00 28.83 -12.76
N ALA F 156 -31.53 29.87 -12.08
CA ALA F 156 -31.63 31.22 -12.64
C ALA F 156 -30.70 31.40 -13.84
N ALA F 157 -29.57 30.68 -13.86
CA ALA F 157 -28.65 30.81 -14.99
C ALA F 157 -29.15 30.03 -16.19
N ILE F 158 -29.74 28.86 -15.97
CA ILE F 158 -30.17 28.03 -17.10
C ILE F 158 -31.48 28.54 -17.69
N THR F 159 -32.32 29.21 -16.91
CA THR F 159 -33.55 29.75 -17.46
C THR F 159 -33.27 30.98 -18.33
N LEU F 160 -32.14 31.65 -18.13
CA LEU F 160 -31.74 32.73 -19.01
C LEU F 160 -31.15 32.19 -20.31
N ILE F 161 -30.39 31.09 -20.22
CA ILE F 161 -29.84 30.48 -21.42
C ILE F 161 -30.94 29.89 -22.28
N ILE F 162 -31.92 29.24 -21.66
CA ILE F 162 -33.01 28.63 -22.41
C ILE F 162 -33.89 29.71 -23.04
N GLY F 163 -34.23 30.74 -22.26
CA GLY F 163 -35.05 31.82 -22.79
C GLY F 163 -34.36 32.59 -23.91
N THR F 164 -33.04 32.77 -23.79
CA THR F 164 -32.28 33.43 -24.85
C THR F 164 -32.21 32.55 -26.09
N PHE F 165 -31.83 31.28 -25.91
CA PHE F 165 -31.76 30.34 -27.03
C PHE F 165 -33.12 30.12 -27.67
N GLU F 166 -34.21 30.36 -26.94
CA GLU F 166 -35.55 30.22 -27.51
C GLU F 166 -35.82 31.29 -28.56
N ARG F 167 -35.28 32.50 -28.37
CA ARG F 167 -35.52 33.59 -29.30
C ARG F 167 -34.61 33.57 -30.51
N MET F 168 -33.51 32.81 -30.45
CA MET F 168 -32.56 32.78 -31.55
C MET F 168 -33.15 32.08 -32.77
N LYS F 169 -32.82 32.58 -33.96
CA LYS F 169 -33.27 31.98 -35.20
C LYS F 169 -32.17 31.93 -36.26
N CYS F 170 -30.92 32.19 -35.88
CA CYS F 170 -29.82 32.28 -36.83
C CYS F 170 -29.03 30.98 -36.98
N PHE F 171 -29.29 29.99 -36.12
CA PHE F 171 -28.55 28.74 -36.16
C PHE F 171 -29.18 27.76 -37.15
N SER F 172 -28.33 27.07 -37.90
CA SER F 172 -28.79 25.95 -38.71
C SER F 172 -29.02 24.75 -37.80
N GLU F 173 -29.55 23.66 -38.39
CA GLU F 173 -29.85 22.48 -37.59
C GLU F 173 -28.59 21.87 -37.00
N GLU F 174 -27.47 21.93 -37.73
CA GLU F 174 -26.23 21.35 -37.24
C GLU F 174 -25.70 22.09 -36.02
N ASN F 175 -26.05 23.37 -35.87
CA ASN F 175 -25.68 24.14 -34.69
C ASN F 175 -26.80 24.26 -33.67
N HIS F 176 -28.05 24.07 -34.09
CA HIS F 176 -29.18 24.16 -33.16
C HIS F 176 -29.30 22.91 -32.31
N GLU F 177 -29.06 21.74 -32.89
CA GLU F 177 -29.31 20.49 -32.17
C GLU F 177 -28.36 20.30 -31.00
N PRO F 178 -27.03 20.49 -31.14
CA PRO F 178 -26.16 20.34 -29.96
C PRO F 178 -26.50 21.30 -28.83
N LEU F 179 -26.86 22.55 -29.17
CA LEU F 179 -27.31 23.48 -28.15
C LEU F 179 -28.66 23.06 -27.59
N ARG F 180 -29.49 22.40 -28.40
CA ARG F 180 -30.82 21.99 -27.94
C ARG F 180 -30.72 20.84 -26.94
N THR F 181 -29.93 19.81 -27.26
CA THR F 181 -29.85 18.65 -26.39
C THR F 181 -29.02 18.92 -25.15
N GLN F 182 -28.06 19.85 -25.22
CA GLN F 182 -27.42 20.35 -24.00
C GLN F 182 -28.45 20.90 -23.02
N CYS F 183 -29.26 21.85 -23.45
CA CYS F 183 -30.20 22.51 -22.55
C CYS F 183 -31.08 21.49 -21.83
N ALA F 184 -31.52 20.46 -22.55
CA ALA F 184 -32.28 19.39 -21.90
C ALA F 184 -31.38 18.55 -21.00
N LEU F 185 -30.15 18.28 -21.44
CA LEU F 185 -29.24 17.49 -20.63
C LEU F 185 -28.80 18.25 -19.38
N ALA F 186 -28.47 19.53 -19.51
CA ALA F 186 -28.04 20.31 -18.36
C ALA F 186 -29.20 20.60 -17.41
N ALA F 187 -30.44 20.63 -17.93
CA ALA F 187 -31.60 20.87 -17.08
C ALA F 187 -31.93 19.67 -16.21
N SER F 188 -31.54 18.46 -16.63
CA SER F 188 -31.84 17.24 -15.88
C SER F 188 -30.75 16.90 -14.87
N LYS F 189 -29.73 17.74 -14.72
CA LYS F 189 -28.64 17.48 -13.79
C LYS F 189 -28.48 18.60 -12.76
N LEU F 190 -29.58 19.29 -12.45
CA LEU F 190 -29.54 20.29 -11.39
C LEU F 190 -29.40 19.61 -10.03
N LEU F 191 -28.97 20.39 -9.04
CA LEU F 191 -28.65 19.82 -7.73
C LEU F 191 -29.89 19.21 -7.08
N LYS F 192 -31.00 19.95 -7.05
CA LYS F 192 -32.20 19.50 -6.39
C LYS F 192 -33.22 18.99 -7.40
N LYS F 193 -34.02 18.01 -6.97
CA LYS F 193 -34.98 17.38 -7.88
C LYS F 193 -36.08 18.31 -8.33
N PRO F 194 -36.75 19.09 -7.44
CA PRO F 194 -37.81 19.98 -7.94
C PRO F 194 -37.32 20.99 -8.96
N ASP F 195 -36.07 21.43 -8.87
CA ASP F 195 -35.55 22.36 -9.88
C ASP F 195 -35.29 21.66 -11.20
N GLN F 196 -35.06 20.35 -11.17
CA GLN F 196 -34.89 19.60 -12.42
C GLN F 196 -36.18 19.57 -13.21
N GLY F 197 -37.28 19.18 -12.56
CA GLY F 197 -38.56 19.07 -13.25
C GLY F 197 -39.02 20.38 -13.87
N ARG F 198 -38.74 21.49 -13.19
CA ARG F 198 -39.07 22.80 -13.76
C ARG F 198 -38.23 23.09 -15.00
N ALA F 199 -36.92 22.86 -14.92
CA ALA F 199 -36.03 23.21 -16.02
C ALA F 199 -36.21 22.29 -17.21
N VAL F 200 -36.56 21.02 -16.98
CA VAL F 200 -36.79 20.11 -18.10
C VAL F 200 -38.10 20.45 -18.82
N SER F 201 -39.15 20.75 -18.05
CA SER F 201 -40.41 21.17 -18.66
C SER F 201 -40.26 22.51 -19.37
N THR F 202 -39.34 23.36 -18.88
CA THR F 202 -39.05 24.62 -19.58
C THR F 202 -38.36 24.36 -20.91
N CYS F 203 -37.58 23.29 -21.02
CA CYS F 203 -36.86 22.98 -22.24
C CYS F 203 -37.78 22.53 -23.37
N ALA F 204 -39.06 22.27 -23.08
CA ALA F 204 -39.97 21.82 -24.14
C ALA F 204 -40.20 22.90 -25.17
N HIS F 205 -40.10 24.18 -24.78
CA HIS F 205 -40.31 25.27 -25.73
C HIS F 205 -39.20 25.36 -26.77
N LEU F 206 -38.01 24.85 -26.46
CA LEU F 206 -36.93 24.83 -27.44
C LEU F 206 -37.26 23.90 -28.60
N PHE F 207 -37.98 22.81 -28.34
CA PHE F 207 -38.34 21.86 -29.37
C PHE F 207 -39.60 22.26 -30.13
N TRP F 208 -40.39 23.17 -29.58
CA TRP F 208 -41.64 23.60 -30.20
C TRP F 208 -41.46 24.90 -30.97
N SER F 209 -41.28 26.01 -30.25
CA SER F 209 -41.21 27.34 -30.85
C SER F 209 -39.80 27.73 -31.26
N GLY F 210 -38.81 26.85 -31.10
CA GLY F 210 -37.46 27.17 -31.55
C GLY F 210 -37.36 27.10 -33.06
N ARG F 211 -36.57 28.00 -33.64
CA ARG F 211 -36.42 28.11 -35.08
C ARG F 211 -34.98 27.84 -35.48
N ASN F 212 -34.81 27.11 -36.56
CA ASN F 212 -33.53 26.99 -37.27
C ASN F 212 -33.71 27.47 -38.71
N THR F 213 -32.59 27.67 -39.39
CA THR F 213 -32.60 28.24 -40.74
C THR F 213 -32.91 27.22 -41.82
N ASP F 214 -33.29 25.98 -41.45
CA ASP F 214 -33.67 24.98 -42.43
C ASP F 214 -35.16 24.92 -42.69
N LYS F 215 -35.97 25.50 -41.80
CA LYS F 215 -37.42 25.41 -41.85
C LYS F 215 -38.07 26.60 -42.53
N ASN F 216 -37.31 27.38 -43.30
CA ASN F 216 -37.78 28.64 -43.88
C ASN F 216 -38.28 29.57 -42.79
N GLY F 217 -37.52 29.65 -41.69
CA GLY F 217 -37.89 30.50 -40.57
C GLY F 217 -39.07 30.02 -39.77
N GLU F 218 -39.54 28.80 -39.99
CA GLU F 218 -40.70 28.29 -39.27
C GLU F 218 -40.28 27.58 -37.99
N GLU F 219 -41.24 27.45 -37.07
CA GLU F 219 -40.97 26.80 -35.81
C GLU F 219 -40.84 25.29 -36.00
N LEU F 220 -40.11 24.64 -35.08
CA LEU F 220 -39.85 23.21 -35.21
C LEU F 220 -41.13 22.39 -35.04
N HIS F 221 -41.88 22.67 -33.97
CA HIS F 221 -43.12 21.94 -33.67
C HIS F 221 -42.85 20.45 -33.47
N GLY F 222 -41.73 20.13 -32.81
CA GLY F 222 -41.42 18.76 -32.48
C GLY F 222 -42.25 18.26 -31.31
N GLY F 223 -43.49 17.86 -31.59
CA GLY F 223 -44.42 17.53 -30.52
C GLY F 223 -43.98 16.36 -29.66
N LYS F 224 -43.31 15.37 -30.26
CA LYS F 224 -42.88 14.21 -29.48
C LYS F 224 -41.77 14.59 -28.51
N ARG F 225 -40.78 15.37 -28.96
CA ARG F 225 -39.74 15.84 -28.05
C ARG F 225 -40.32 16.75 -26.98
N VAL F 226 -41.39 17.49 -27.30
CA VAL F 226 -42.08 18.29 -26.30
C VAL F 226 -42.65 17.39 -25.20
N MET F 227 -43.17 16.22 -25.60
CA MET F 227 -43.71 15.30 -24.62
C MET F 227 -42.60 14.62 -23.81
N GLU F 228 -41.51 14.22 -24.49
CA GLU F 228 -40.40 13.55 -23.80
C GLU F 228 -39.89 14.39 -22.65
N CYS F 229 -39.86 15.71 -22.81
CA CYS F 229 -39.44 16.58 -21.71
C CYS F 229 -40.46 16.60 -20.59
N LEU F 230 -41.75 16.52 -20.93
CA LEU F 230 -42.80 16.54 -19.92
C LEU F 230 -42.97 15.17 -19.26
N LYS F 231 -42.79 14.08 -20.00
CA LYS F 231 -42.76 12.77 -19.37
C LYS F 231 -41.57 12.65 -18.42
N LYS F 232 -40.42 13.21 -18.82
CA LYS F 232 -39.26 13.21 -17.95
C LYS F 232 -39.43 14.16 -16.77
N ALA F 233 -40.25 15.20 -16.94
CA ALA F 233 -40.52 16.12 -15.84
C ALA F 233 -41.44 15.50 -14.81
N LEU F 234 -42.41 14.70 -15.25
CA LEU F 234 -43.27 13.99 -14.31
C LEU F 234 -42.50 12.92 -13.55
N LYS F 235 -41.57 12.25 -14.24
CA LYS F 235 -40.72 11.25 -13.57
C LYS F 235 -39.92 11.88 -12.44
N ILE F 236 -39.32 13.05 -12.70
CA ILE F 236 -38.55 13.74 -11.67
C ILE F 236 -39.47 14.27 -10.58
N ALA F 237 -40.70 14.64 -10.94
CA ALA F 237 -41.64 15.15 -9.94
C ALA F 237 -42.05 14.07 -8.95
N ASN F 238 -42.04 12.80 -9.36
CA ASN F 238 -42.46 11.73 -8.47
C ASN F 238 -41.44 11.48 -7.36
N GLN F 239 -40.17 11.78 -7.61
CA GLN F 239 -39.08 11.45 -6.70
C GLN F 239 -38.71 12.61 -5.79
N CYS F 240 -39.59 13.58 -5.62
CA CYS F 240 -39.27 14.75 -4.80
C CYS F 240 -39.31 14.39 -3.32
N MET F 241 -38.61 15.20 -2.53
CA MET F 241 -38.45 14.96 -1.09
C MET F 241 -39.46 15.73 -0.25
N ASP F 242 -40.48 16.32 -0.87
CA ASP F 242 -41.47 17.10 -0.14
C ASP F 242 -42.82 16.94 -0.82
N PRO F 243 -43.85 16.44 -0.12
CA PRO F 243 -45.17 16.32 -0.75
C PRO F 243 -45.74 17.65 -1.21
N SER F 244 -45.34 18.76 -0.59
CA SER F 244 -45.78 20.07 -1.05
C SER F 244 -45.10 20.44 -2.38
N LEU F 245 -43.78 20.30 -2.43
CA LEU F 245 -43.07 20.54 -3.69
C LEU F 245 -43.46 19.51 -4.76
N GLN F 246 -43.80 18.29 -4.34
CA GLN F 246 -44.23 17.28 -5.29
C GLN F 246 -45.49 17.72 -6.03
N VAL F 247 -46.52 18.13 -5.29
CA VAL F 247 -47.77 18.53 -5.91
C VAL F 247 -47.61 19.87 -6.62
N GLN F 248 -46.82 20.79 -6.04
CA GLN F 248 -46.59 22.07 -6.68
C GLN F 248 -45.94 21.90 -8.05
N LEU F 249 -45.10 20.88 -8.21
CA LEU F 249 -44.51 20.61 -9.52
C LEU F 249 -45.49 19.86 -10.43
N PHE F 250 -46.42 19.09 -9.86
CA PHE F 250 -47.43 18.42 -10.67
C PHE F 250 -48.35 19.44 -11.34
N ILE F 251 -48.79 20.45 -10.60
CA ILE F 251 -49.67 21.46 -11.16
C ILE F 251 -48.93 22.32 -12.17
N GLU F 252 -47.64 22.58 -11.93
CA GLU F 252 -46.85 23.35 -12.89
C GLU F 252 -46.73 22.63 -14.22
N ILE F 253 -46.43 21.33 -14.19
CA ILE F 253 -46.33 20.56 -15.42
C ILE F 253 -47.69 20.42 -16.07
N LEU F 254 -48.77 20.38 -15.29
CA LEU F 254 -50.12 20.31 -15.84
C LEU F 254 -50.40 21.52 -16.73
N ASN F 255 -50.04 22.71 -16.25
CA ASN F 255 -50.24 23.91 -17.06
C ASN F 255 -49.29 23.94 -18.26
N ARG F 256 -48.15 23.25 -18.17
CA ARG F 256 -47.26 23.15 -19.32
C ARG F 256 -47.87 22.27 -20.41
N TYR F 257 -48.57 21.20 -20.02
CA TYR F 257 -49.35 20.44 -20.98
C TYR F 257 -50.43 21.30 -21.62
N ILE F 258 -51.07 22.15 -20.81
CA ILE F 258 -52.15 22.99 -21.32
C ILE F 258 -51.62 24.02 -22.31
N TYR F 259 -50.39 24.50 -22.11
CA TYR F 259 -49.78 25.42 -23.06
C TYR F 259 -49.74 24.81 -24.46
N PHE F 260 -49.12 23.63 -24.58
CA PHE F 260 -49.00 23.00 -25.89
C PHE F 260 -50.33 22.43 -26.38
N TYR F 261 -51.23 22.07 -25.46
CA TYR F 261 -52.56 21.62 -25.86
C TYR F 261 -53.30 22.71 -26.63
N GLU F 262 -53.17 23.96 -26.19
CA GLU F 262 -53.85 25.06 -26.85
C GLU F 262 -53.08 25.58 -28.06
N LYS F 263 -51.81 25.23 -28.20
CA LYS F 263 -51.01 25.58 -29.37
C LYS F 263 -51.11 24.55 -30.48
N GLU F 264 -52.09 23.66 -30.41
CA GLU F 264 -52.32 22.61 -31.41
C GLU F 264 -51.13 21.65 -31.51
N ASN F 265 -50.80 21.04 -30.36
CA ASN F 265 -49.84 19.95 -30.32
C ASN F 265 -50.62 18.64 -30.38
N ASP F 266 -50.35 17.83 -31.40
CA ASP F 266 -51.12 16.60 -31.61
C ASP F 266 -50.88 15.59 -30.49
N ALA F 267 -49.69 15.58 -29.90
CA ALA F 267 -49.33 14.57 -28.91
C ALA F 267 -49.90 14.85 -27.53
N VAL F 268 -50.61 15.96 -27.34
CA VAL F 268 -51.24 16.27 -26.06
C VAL F 268 -52.72 15.94 -26.17
N THR F 269 -53.15 14.87 -25.52
CA THR F 269 -54.52 14.40 -25.57
C THR F 269 -55.19 14.60 -24.22
N ILE F 270 -56.53 14.69 -24.26
CA ILE F 270 -57.30 14.94 -23.04
C ILE F 270 -57.15 13.80 -22.03
N GLN F 271 -56.73 12.63 -22.47
CA GLN F 271 -56.47 11.53 -21.54
C GLN F 271 -55.34 11.89 -20.59
N VAL F 272 -54.25 12.44 -21.12
CA VAL F 272 -53.08 12.78 -20.31
C VAL F 272 -53.42 13.86 -19.28
N LEU F 273 -54.32 14.78 -19.63
CA LEU F 273 -54.71 15.83 -18.69
C LEU F 273 -55.55 15.26 -17.55
N ASN F 274 -56.60 14.49 -17.89
CA ASN F 274 -57.41 13.86 -16.86
C ASN F 274 -56.58 12.94 -15.96
N GLN F 275 -55.47 12.43 -16.49
CA GLN F 275 -54.56 11.62 -15.67
C GLN F 275 -53.99 12.44 -14.52
N LEU F 276 -53.47 13.63 -14.83
CA LEU F 276 -52.74 14.40 -13.84
C LEU F 276 -53.66 15.12 -12.86
N ILE F 277 -54.84 15.54 -13.30
CA ILE F 277 -55.77 16.19 -12.37
C ILE F 277 -56.31 15.19 -11.36
N GLN F 278 -56.38 13.90 -11.73
CA GLN F 278 -56.75 12.88 -10.77
C GLN F 278 -55.61 12.57 -9.81
N LYS F 279 -54.37 12.58 -10.33
CA LYS F 279 -53.20 12.40 -9.48
C LYS F 279 -53.09 13.53 -8.47
N ILE F 280 -53.44 14.75 -8.87
CA ILE F 280 -53.42 15.88 -7.94
C ILE F 280 -54.57 15.78 -6.96
N ARG F 281 -55.75 15.37 -7.43
CA ARG F 281 -56.90 15.22 -6.54
C ARG F 281 -56.62 14.20 -5.44
N GLU F 282 -55.73 13.24 -5.69
CA GLU F 282 -55.41 12.23 -4.69
C GLU F 282 -54.43 12.74 -3.65
N ASP F 283 -53.35 13.38 -4.10
CA ASP F 283 -52.24 13.75 -3.24
C ASP F 283 -52.41 15.12 -2.58
N LEU F 284 -53.34 15.94 -3.05
CA LEU F 284 -53.49 17.29 -2.55
C LEU F 284 -54.05 17.34 -1.12
N PRO F 285 -55.08 16.55 -0.77
CA PRO F 285 -55.55 16.57 0.63
C PRO F 285 -54.53 16.07 1.63
N ASN F 286 -53.49 15.36 1.19
CA ASN F 286 -52.46 14.82 2.08
C ASN F 286 -51.33 15.80 2.33
N LEU F 287 -51.63 17.10 2.39
CA LEU F 287 -50.63 18.12 2.65
C LEU F 287 -50.92 18.81 3.98
N GLU F 288 -49.90 19.50 4.50
CA GLU F 288 -50.05 20.25 5.73
C GLU F 288 -50.88 21.50 5.49
N SER F 289 -51.80 21.79 6.43
CA SER F 289 -52.59 23.00 6.36
C SER F 289 -51.68 24.21 6.60
N SER F 290 -51.44 25.00 5.56
CA SER F 290 -50.49 26.09 5.66
C SER F 290 -50.84 27.16 4.65
N GLU F 291 -50.11 28.29 4.73
CA GLU F 291 -50.16 29.30 3.68
C GLU F 291 -49.68 28.75 2.35
N GLU F 292 -48.75 27.79 2.38
CA GLU F 292 -48.16 27.26 1.16
C GLU F 292 -49.18 26.44 0.37
N THR F 293 -49.84 25.49 1.04
CA THR F 293 -50.79 24.62 0.36
C THR F 293 -52.13 25.31 0.07
N GLU F 294 -52.40 26.45 0.70
CA GLU F 294 -53.58 27.23 0.29
C GLU F 294 -53.35 27.88 -1.07
N GLN F 295 -52.16 28.42 -1.30
CA GLN F 295 -51.81 28.95 -2.61
C GLN F 295 -51.69 27.83 -3.64
N ILE F 296 -51.35 26.62 -3.19
CA ILE F 296 -51.32 25.47 -4.10
C ILE F 296 -52.74 25.05 -4.46
N ASN F 297 -53.67 25.15 -3.51
CA ASN F 297 -55.07 24.86 -3.79
C ASN F 297 -55.64 25.85 -4.81
N LYS F 298 -55.38 27.13 -4.61
CA LYS F 298 -55.90 28.15 -5.52
C LYS F 298 -55.27 28.02 -6.91
N HIS F 299 -54.00 27.60 -6.97
CA HIS F 299 -53.34 27.41 -8.26
C HIS F 299 -53.99 26.29 -9.05
N PHE F 300 -54.37 25.19 -8.38
CA PHE F 300 -55.03 24.09 -9.06
C PHE F 300 -56.46 24.46 -9.45
N HIS F 301 -57.13 25.30 -8.66
CA HIS F 301 -58.49 25.71 -9.01
C HIS F 301 -58.49 26.64 -10.21
N ASN F 302 -57.52 27.56 -10.29
CA ASN F 302 -57.41 28.42 -11.46
C ASN F 302 -57.10 27.61 -12.71
N THR F 303 -56.34 26.51 -12.56
CA THR F 303 -56.06 25.65 -13.69
C THR F 303 -57.33 24.95 -14.18
N LEU F 304 -58.17 24.50 -13.25
CA LEU F 304 -59.41 23.83 -13.64
C LEU F 304 -60.40 24.81 -14.25
N GLU F 305 -60.49 26.03 -13.71
CA GLU F 305 -61.38 27.03 -14.26
C GLU F 305 -60.94 27.48 -15.63
N HIS F 306 -59.63 27.48 -15.89
CA HIS F 306 -59.13 27.81 -17.22
C HIS F 306 -59.51 26.73 -18.23
N LEU F 307 -59.35 25.46 -17.85
CA LEU F 307 -59.72 24.37 -18.75
C LEU F 307 -61.22 24.35 -19.01
N ARG F 308 -62.02 24.88 -18.08
CA ARG F 308 -63.46 24.91 -18.28
C ARG F 308 -63.85 25.84 -19.43
N LEU F 309 -63.11 26.91 -19.65
CA LEU F 309 -63.34 27.79 -20.78
C LEU F 309 -62.51 27.38 -21.97
N MET G 1 15.12 -1.20 32.96
CA MET G 1 16.52 -1.59 32.76
C MET G 1 16.93 -1.46 31.30
N LEU G 2 17.90 -0.58 31.04
CA LEU G 2 18.46 -0.43 29.70
C LEU G 2 19.97 -0.20 29.83
N VAL G 3 20.74 -0.88 28.99
CA VAL G 3 22.18 -0.92 29.08
C VAL G 3 22.79 -0.36 27.80
N LEU G 4 23.84 0.45 27.95
CA LEU G 4 24.62 0.95 26.83
C LEU G 4 25.80 0.02 26.60
N VAL G 5 26.02 -0.35 25.34
CA VAL G 5 27.10 -1.24 24.96
C VAL G 5 27.95 -0.52 23.92
N LEU G 6 29.22 -0.27 24.25
CA LEU G 6 30.14 0.44 23.37
C LEU G 6 31.56 0.00 23.69
N GLY G 7 32.51 0.58 22.99
CA GLY G 7 33.91 0.29 23.26
C GLY G 7 34.76 0.53 22.02
N ASP G 8 36.07 0.34 22.22
CA ASP G 8 37.06 0.54 21.17
C ASP G 8 37.03 1.96 20.63
N LEU G 9 37.09 2.93 21.56
CA LEU G 9 37.16 4.32 21.17
C LEU G 9 38.53 4.66 20.62
N HIS G 10 39.59 4.12 21.24
CA HIS G 10 40.97 4.33 20.82
C HIS G 10 41.31 5.83 20.75
N ILE G 11 40.90 6.56 21.78
CA ILE G 11 41.25 7.97 21.94
C ILE G 11 42.43 8.04 22.92
N PRO G 12 43.51 8.75 22.59
CA PRO G 12 43.72 9.55 21.37
C PRO G 12 44.53 8.84 20.29
N HIS G 13 44.68 7.52 20.40
CA HIS G 13 45.55 6.79 19.48
C HIS G 13 45.01 6.83 18.06
N ARG G 14 43.69 6.64 17.89
CA ARG G 14 43.09 6.54 16.56
C ARG G 14 41.97 7.53 16.32
N CYS G 15 41.39 8.14 17.36
CA CYS G 15 40.38 9.18 17.22
C CYS G 15 40.62 10.22 18.30
N ASN G 16 39.75 11.23 18.33
CA ASN G 16 39.84 12.27 19.36
C ASN G 16 38.58 12.41 20.19
N SER G 17 37.41 12.03 19.67
CA SER G 17 36.16 12.09 20.39
C SER G 17 35.12 11.32 19.58
N LEU G 18 33.98 11.07 20.21
CA LEU G 18 32.85 10.48 19.51
C LEU G 18 32.33 11.46 18.46
N PRO G 19 31.64 10.96 17.44
CA PRO G 19 31.02 11.86 16.46
C PRO G 19 30.04 12.83 17.13
N ALA G 20 29.74 13.91 16.41
CA ALA G 20 28.95 15.00 16.99
C ALA G 20 27.58 14.51 17.43
N LYS G 21 26.89 13.77 16.58
CA LYS G 21 25.53 13.31 16.91
C LYS G 21 25.53 12.27 18.02
N PHE G 22 26.64 11.56 18.23
CA PHE G 22 26.70 10.60 19.33
C PHE G 22 26.82 11.31 20.68
N LYS G 23 27.59 12.39 20.73
CA LYS G 23 27.71 13.17 21.97
C LYS G 23 26.38 13.81 22.36
N LYS G 24 25.54 14.12 21.36
CA LYS G 24 24.24 14.72 21.66
C LYS G 24 23.28 13.70 22.26
N LEU G 25 23.29 12.47 21.75
CA LEU G 25 22.38 11.45 22.26
C LEU G 25 22.80 10.98 23.65
N LEU G 26 24.10 10.83 23.87
CA LEU G 26 24.62 10.30 25.14
C LEU G 26 24.70 11.44 26.14
N VAL G 27 23.66 11.58 26.96
CA VAL G 27 23.61 12.58 28.01
C VAL G 27 23.15 11.91 29.30
N PRO G 28 23.51 12.45 30.46
CA PRO G 28 23.28 11.74 31.72
C PRO G 28 21.80 11.56 32.04
N GLY G 29 21.55 10.75 33.07
CA GLY G 29 20.23 10.57 33.62
C GLY G 29 19.28 9.69 32.84
N LYS G 30 19.71 9.16 31.69
CA LYS G 30 18.82 8.38 30.84
C LYS G 30 19.13 6.89 30.81
N ILE G 31 20.32 6.47 31.24
CA ILE G 31 20.75 5.09 31.13
C ILE G 31 21.22 4.62 32.51
N GLN G 32 20.85 3.39 32.86
CA GLN G 32 21.19 2.83 34.16
C GLN G 32 22.56 2.14 34.17
N HIS G 33 22.83 1.30 33.17
CA HIS G 33 24.04 0.50 33.15
C HIS G 33 24.79 0.74 31.84
N ILE G 34 26.12 0.66 31.92
CA ILE G 34 26.99 0.78 30.76
C ILE G 34 28.02 -0.35 30.81
N LEU G 35 28.08 -1.15 29.74
CA LEU G 35 29.09 -2.19 29.58
C LEU G 35 29.97 -1.82 28.39
N CYS G 36 31.26 -1.61 28.65
CA CYS G 36 32.21 -1.17 27.63
C CYS G 36 33.22 -2.28 27.36
N THR G 37 33.42 -2.60 26.08
CA THR G 37 34.32 -3.69 25.70
C THR G 37 35.78 -3.35 25.96
N GLY G 38 36.14 -2.07 25.98
CA GLY G 38 37.48 -1.64 26.34
C GLY G 38 38.08 -0.77 25.26
N ASN G 39 39.41 -0.67 25.31
CA ASN G 39 40.18 0.24 24.46
C ASN G 39 39.62 1.66 24.50
N LEU G 40 39.34 2.14 25.71
CA LEU G 40 39.16 3.58 25.92
C LEU G 40 40.48 4.30 25.70
N CYS G 41 41.53 3.81 26.35
CA CYS G 41 42.93 4.24 26.31
C CYS G 41 43.23 5.39 27.27
N THR G 42 42.22 6.06 27.83
CA THR G 42 42.53 7.12 28.77
C THR G 42 41.37 7.34 29.74
N LYS G 43 41.71 7.88 30.91
CA LYS G 43 40.72 8.23 31.93
C LYS G 43 39.69 9.23 31.41
N GLU G 44 40.14 10.21 30.61
CA GLU G 44 39.26 11.27 30.13
C GLU G 44 37.98 10.72 29.54
N SER G 45 38.06 9.57 28.87
CA SER G 45 36.87 8.88 28.38
C SER G 45 36.13 8.18 29.52
N TYR G 46 36.87 7.56 30.44
CA TYR G 46 36.27 6.94 31.61
C TYR G 46 35.44 7.93 32.41
N ASP G 47 36.02 9.08 32.75
CA ASP G 47 35.29 10.10 33.49
C ASP G 47 34.06 10.58 32.74
N TYR G 48 34.15 10.66 31.41
CA TYR G 48 32.96 10.97 30.61
C TYR G 48 31.91 9.89 30.75
N LEU G 49 32.34 8.62 30.78
CA LEU G 49 31.39 7.52 30.91
C LEU G 49 30.78 7.48 32.30
N LYS G 50 31.57 7.78 33.33
CA LYS G 50 31.06 7.74 34.70
C LYS G 50 29.97 8.76 34.94
N THR G 51 29.90 9.82 34.13
CA THR G 51 28.84 10.82 34.25
C THR G 51 27.61 10.48 33.42
N LEU G 52 27.65 9.42 32.62
CA LEU G 52 26.50 9.00 31.86
C LEU G 52 25.60 8.03 32.62
N ALA G 53 26.15 7.34 33.63
CA ALA G 53 25.38 6.41 34.44
C ALA G 53 26.14 6.14 35.72
N GLY G 54 25.44 5.60 36.70
CA GLY G 54 26.06 5.26 37.97
C GLY G 54 26.87 3.99 37.89
N ASP G 55 26.29 2.94 37.31
CA ASP G 55 26.93 1.63 37.20
C ASP G 55 27.56 1.51 35.82
N VAL G 56 28.89 1.49 35.77
CA VAL G 56 29.64 1.35 34.53
C VAL G 56 30.67 0.24 34.72
N HIS G 57 30.69 -0.72 33.81
CA HIS G 57 31.62 -1.85 33.84
C HIS G 57 32.52 -1.79 32.63
N ILE G 58 33.83 -1.95 32.86
CA ILE G 58 34.83 -1.88 31.79
C ILE G 58 35.81 -3.01 31.97
N VAL G 59 36.11 -3.72 30.87
CA VAL G 59 37.17 -4.71 30.85
C VAL G 59 38.35 -4.15 30.07
N ARG G 60 39.51 -4.76 30.28
CA ARG G 60 40.76 -4.22 29.74
C ARG G 60 40.89 -4.54 28.26
N GLY G 61 41.05 -3.50 27.45
CA GLY G 61 41.42 -3.68 26.06
C GLY G 61 42.90 -3.88 25.89
N ASP G 62 43.30 -4.23 24.66
CA ASP G 62 44.71 -4.51 24.40
C ASP G 62 45.58 -3.27 24.47
N PHE G 63 45.00 -2.07 24.33
CA PHE G 63 45.77 -0.83 24.39
C PHE G 63 45.35 0.07 25.56
N ASP G 64 44.56 -0.44 26.50
CA ASP G 64 44.26 0.32 27.70
C ASP G 64 45.47 0.34 28.61
N GLU G 65 45.76 1.52 29.17
CA GLU G 65 46.91 1.69 30.04
C GLU G 65 46.61 1.40 31.50
N ASN G 66 45.36 1.16 31.85
CA ASN G 66 44.95 0.92 33.23
C ASN G 66 44.87 -0.59 33.46
N LEU G 67 45.79 -1.12 34.26
CA LEU G 67 45.80 -2.54 34.56
C LEU G 67 44.66 -2.93 35.50
N ASN G 68 44.12 -1.98 36.26
CA ASN G 68 43.09 -2.30 37.23
C ASN G 68 41.81 -2.83 36.60
N TYR G 69 41.61 -2.60 35.30
CA TYR G 69 40.49 -3.21 34.60
C TYR G 69 40.69 -4.72 34.54
N PRO G 70 39.63 -5.51 34.74
CA PRO G 70 39.76 -6.96 34.64
C PRO G 70 39.83 -7.42 33.19
N GLU G 71 40.38 -8.62 33.00
CA GLU G 71 40.45 -9.21 31.67
C GLU G 71 39.04 -9.53 31.15
N GLN G 72 38.19 -10.08 32.00
CA GLN G 72 36.80 -10.36 31.66
C GLN G 72 35.92 -9.99 32.84
N LYS G 73 34.61 -10.09 32.63
CA LYS G 73 33.64 -9.77 33.67
C LYS G 73 32.30 -10.41 33.33
N VAL G 74 31.64 -10.97 34.33
CA VAL G 74 30.30 -11.51 34.20
C VAL G 74 29.40 -10.74 35.16
N VAL G 75 28.39 -10.07 34.62
CA VAL G 75 27.46 -9.27 35.41
C VAL G 75 26.03 -9.66 35.02
N THR G 76 25.14 -9.60 36.00
CA THR G 76 23.74 -9.94 35.81
C THR G 76 22.90 -8.67 35.81
N VAL G 77 22.08 -8.51 34.77
CA VAL G 77 21.16 -7.38 34.64
C VAL G 77 19.78 -7.99 34.42
N GLY G 78 18.98 -8.08 35.49
CA GLY G 78 17.68 -8.70 35.38
C GLY G 78 17.82 -10.21 35.41
N GLN G 79 17.21 -10.88 34.44
CA GLN G 79 17.28 -12.32 34.33
C GLN G 79 18.48 -12.81 33.52
N PHE G 80 19.23 -11.92 32.90
CA PHE G 80 20.26 -12.29 31.94
C PHE G 80 21.64 -12.22 32.58
N LYS G 81 22.34 -13.36 32.55
CA LYS G 81 23.76 -13.40 32.91
C LYS G 81 24.57 -12.99 31.69
N ILE G 82 25.27 -11.87 31.79
CA ILE G 82 25.96 -11.26 30.65
C ILE G 82 27.47 -11.34 30.88
N GLY G 83 28.19 -11.75 29.84
CA GLY G 83 29.65 -11.84 29.89
C GLY G 83 30.28 -10.70 29.09
N LEU G 84 31.37 -10.17 29.62
CA LEU G 84 32.05 -9.02 29.03
C LEU G 84 33.53 -9.33 28.85
N ILE G 85 34.04 -9.08 27.65
CA ILE G 85 35.46 -9.23 27.34
C ILE G 85 35.74 -8.43 26.09
N HIS G 86 36.98 -7.99 25.94
CA HIS G 86 37.32 -7.16 24.78
C HIS G 86 37.31 -7.99 23.49
N GLY G 87 37.97 -9.15 23.50
CA GLY G 87 38.02 -10.02 22.35
C GLY G 87 39.42 -10.30 21.82
N HIS G 88 40.44 -9.53 22.22
CA HIS G 88 41.80 -9.84 21.80
C HIS G 88 42.30 -11.17 22.34
N GLN G 89 41.69 -11.65 23.42
CA GLN G 89 42.03 -12.97 23.96
C GLN G 89 41.35 -14.09 23.19
N VAL G 90 40.35 -13.78 22.38
CA VAL G 90 39.59 -14.79 21.64
C VAL G 90 40.30 -15.04 20.31
N ILE G 91 40.96 -16.19 20.21
CA ILE G 91 41.72 -16.56 19.03
C ILE G 91 41.00 -17.72 18.34
N PRO G 92 40.73 -17.65 17.03
CA PRO G 92 40.96 -16.49 16.15
C PRO G 92 40.04 -15.30 16.47
N TRP G 93 40.43 -14.11 16.04
CA TRP G 93 39.63 -12.93 16.32
C TRP G 93 38.31 -12.99 15.57
N GLY G 94 37.22 -12.75 16.29
CA GLY G 94 35.90 -12.79 15.70
C GLY G 94 35.40 -14.17 15.34
N ASP G 95 36.11 -15.22 15.72
CA ASP G 95 35.70 -16.57 15.37
C ASP G 95 34.44 -16.96 16.11
N MET G 96 33.54 -17.66 15.43
CA MET G 96 32.26 -18.05 16.03
C MET G 96 32.47 -19.11 17.10
N ALA G 97 33.10 -20.24 16.73
CA ALA G 97 33.28 -21.33 17.68
C ALA G 97 34.14 -20.93 18.86
N SER G 98 35.11 -20.02 18.65
CA SER G 98 35.92 -19.53 19.76
C SER G 98 35.10 -18.68 20.71
N LEU G 99 34.07 -18.00 20.20
CA LEU G 99 33.22 -17.18 21.06
C LEU G 99 32.25 -18.04 21.85
N ALA G 100 31.65 -19.05 21.21
CA ALA G 100 30.79 -19.97 21.94
C ALA G 100 31.58 -20.77 22.97
N LEU G 101 32.86 -21.03 22.69
CA LEU G 101 33.72 -21.67 23.69
C LEU G 101 33.82 -20.82 24.95
N LEU G 102 33.96 -19.50 24.79
CA LEU G 102 34.00 -18.61 25.94
C LEU G 102 32.62 -18.45 26.58
N GLN G 103 31.56 -18.57 25.78
CA GLN G 103 30.21 -18.54 26.34
C GLN G 103 29.99 -19.71 27.29
N ARG G 104 30.59 -20.85 26.99
CA ARG G 104 30.47 -22.01 27.88
C ARG G 104 31.30 -21.83 29.15
N GLN G 105 32.47 -21.18 29.03
CA GLN G 105 33.33 -20.99 30.19
C GLN G 105 32.69 -20.04 31.19
N PHE G 106 32.18 -18.91 30.72
CA PHE G 106 31.53 -17.94 31.60
C PHE G 106 30.14 -18.39 32.03
N ASP G 107 29.49 -19.26 31.24
CA ASP G 107 28.07 -19.57 31.38
C ASP G 107 27.25 -18.29 31.45
N VAL G 108 27.04 -17.68 30.29
CA VAL G 108 26.30 -16.43 30.20
C VAL G 108 25.23 -16.58 29.13
N ASP G 109 24.09 -15.93 29.36
CA ASP G 109 23.05 -15.88 28.34
C ASP G 109 23.47 -15.02 27.16
N ILE G 110 24.30 -13.99 27.41
CA ILE G 110 24.77 -13.07 26.38
C ILE G 110 26.27 -12.88 26.54
N LEU G 111 26.98 -12.81 25.42
CA LEU G 111 28.42 -12.59 25.40
C LEU G 111 28.71 -11.28 24.69
N ILE G 112 29.46 -10.39 25.33
CA ILE G 112 29.80 -9.09 24.79
C ILE G 112 31.27 -9.16 24.35
N SER G 113 31.52 -9.21 23.05
CA SER G 113 32.85 -9.18 22.48
C SER G 113 33.00 -7.92 21.64
N GLY G 114 34.25 -7.56 21.32
CA GLY G 114 34.43 -6.27 20.67
C GLY G 114 35.70 -5.96 19.88
N HIS G 115 36.64 -6.88 19.75
CA HIS G 115 37.88 -6.50 19.06
C HIS G 115 37.71 -6.22 17.57
N THR G 116 36.58 -6.58 16.96
CA THR G 116 36.52 -6.56 15.50
C THR G 116 36.28 -5.18 14.91
N HIS G 117 35.91 -4.19 15.73
CA HIS G 117 35.44 -2.88 15.22
C HIS G 117 34.32 -3.07 14.20
N LYS G 118 33.56 -4.15 14.37
CA LYS G 118 32.51 -4.52 13.43
C LYS G 118 31.29 -4.94 14.24
N PHE G 119 30.17 -4.23 14.03
CA PHE G 119 28.97 -4.53 14.80
C PHE G 119 28.41 -5.89 14.44
N GLU G 120 28.09 -6.68 15.46
CA GLU G 120 27.42 -7.96 15.27
C GLU G 120 26.46 -8.19 16.43
N ALA G 121 25.28 -8.71 16.13
CA ALA G 121 24.29 -9.04 17.14
C ALA G 121 23.43 -10.17 16.58
N PHE G 122 23.51 -11.34 17.19
CA PHE G 122 22.85 -12.53 16.64
C PHE G 122 22.66 -13.56 17.74
N GLU G 123 21.81 -14.54 17.44
CA GLU G 123 21.58 -15.68 18.32
C GLU G 123 22.26 -16.91 17.75
N HIS G 124 22.87 -17.70 18.63
CA HIS G 124 23.55 -18.92 18.23
C HIS G 124 23.51 -19.92 19.38
N GLU G 125 23.03 -21.13 19.09
CA GLU G 125 22.85 -22.17 20.11
C GLU G 125 21.97 -21.68 21.25
N ASN G 126 20.91 -20.96 20.90
CA ASN G 126 20.01 -20.34 21.89
C ASN G 126 20.78 -19.45 22.86
N LYS G 127 21.79 -18.76 22.34
CA LYS G 127 22.61 -17.84 23.11
C LYS G 127 22.89 -16.62 22.27
N PHE G 128 22.87 -15.45 22.90
CA PHE G 128 22.97 -14.17 22.20
C PHE G 128 24.39 -13.62 22.30
N TYR G 129 24.84 -12.97 21.24
CA TYR G 129 26.20 -12.45 21.17
C TYR G 129 26.16 -11.02 20.65
N ILE G 130 26.89 -10.12 21.30
CA ILE G 130 26.92 -8.71 20.94
C ILE G 130 28.35 -8.29 20.61
N ASN G 131 28.49 -7.53 19.54
CA ASN G 131 29.71 -6.77 19.26
C ASN G 131 29.26 -5.38 18.87
N PRO G 132 29.48 -4.37 19.71
CA PRO G 132 29.04 -3.01 19.37
C PRO G 132 29.87 -2.34 18.30
N GLY G 133 31.03 -2.90 17.96
CA GLY G 133 31.94 -2.21 17.06
C GLY G 133 32.62 -1.05 17.75
N SER G 134 33.26 -0.21 16.94
CA SER G 134 33.92 0.98 17.43
C SER G 134 32.94 2.13 17.47
N ALA G 135 32.69 2.68 18.67
CA ALA G 135 31.78 3.80 18.81
C ALA G 135 32.35 5.08 18.20
N THR G 136 33.66 5.15 18.02
CA THR G 136 34.30 6.29 17.35
C THR G 136 34.59 6.01 15.88
N GLY G 137 34.34 4.80 15.41
CA GLY G 137 34.73 4.42 14.06
C GLY G 137 36.23 4.38 13.93
N ALA G 138 36.89 3.71 14.88
CA ALA G 138 38.34 3.75 14.97
C ALA G 138 38.99 2.93 13.87
N TYR G 139 40.26 3.22 13.63
CA TYR G 139 41.04 2.51 12.62
C TYR G 139 41.23 1.05 13.01
N ASN G 140 41.13 0.16 12.02
CA ASN G 140 41.42 -1.25 12.19
C ASN G 140 42.19 -1.73 10.96
N ALA G 141 43.23 -2.52 11.20
CA ALA G 141 44.10 -2.95 10.11
C ALA G 141 43.41 -3.93 9.17
N LEU G 142 42.43 -4.69 9.68
CA LEU G 142 41.80 -5.74 8.91
C LEU G 142 40.45 -5.36 8.33
N GLU G 143 39.95 -4.15 8.65
CA GLU G 143 38.67 -3.69 8.11
C GLU G 143 38.82 -2.22 7.76
N THR G 144 38.42 -1.86 6.53
CA THR G 144 38.73 -0.56 5.97
C THR G 144 37.53 0.40 5.89
N ASN G 145 36.33 -0.06 6.21
CA ASN G 145 35.13 0.79 6.19
C ASN G 145 34.43 0.68 7.55
N ILE G 146 35.04 1.29 8.56
CA ILE G 146 34.53 1.22 9.92
C ILE G 146 33.37 2.20 10.07
N ILE G 147 32.22 1.70 10.50
CA ILE G 147 31.04 2.51 10.76
C ILE G 147 30.98 2.79 12.26
N PRO G 148 31.09 4.04 12.70
CA PRO G 148 30.96 4.34 14.13
C PRO G 148 29.61 3.87 14.66
N SER G 149 29.66 2.94 15.61
CA SER G 149 28.44 2.29 16.08
C SER G 149 28.53 1.95 17.55
N PHE G 150 27.41 2.06 18.25
CA PHE G 150 27.23 1.56 19.60
C PHE G 150 25.89 0.82 19.67
N VAL G 151 25.59 0.25 20.83
CA VAL G 151 24.42 -0.61 20.99
C VAL G 151 23.71 -0.24 22.28
N LEU G 152 22.39 -0.07 22.20
CA LEU G 152 21.53 0.08 23.36
C LEU G 152 20.71 -1.18 23.56
N MET G 153 20.74 -1.72 24.77
CA MET G 153 19.96 -2.90 25.14
C MET G 153 18.79 -2.45 26.02
N ASP G 154 17.60 -2.96 25.73
CA ASP G 154 16.40 -2.69 26.53
C ASP G 154 15.97 -4.02 27.14
N ILE G 155 16.33 -4.23 28.40
CA ILE G 155 16.07 -5.49 29.08
C ILE G 155 14.76 -5.36 29.87
N GLN G 156 13.87 -6.34 29.69
CA GLN G 156 12.61 -6.39 30.43
C GLN G 156 12.33 -7.85 30.78
N ALA G 157 12.43 -8.17 32.07
CA ALA G 157 12.22 -9.53 32.58
C ALA G 157 13.08 -10.53 31.84
N SER G 158 12.45 -11.41 31.06
CA SER G 158 13.15 -12.45 30.30
C SER G 158 13.23 -12.11 28.81
N THR G 159 13.37 -10.83 28.48
CA THR G 159 13.44 -10.39 27.09
C THR G 159 14.39 -9.21 26.99
N VAL G 160 15.21 -9.21 25.95
CA VAL G 160 16.15 -8.12 25.68
C VAL G 160 15.89 -7.59 24.27
N VAL G 161 15.96 -6.27 24.13
CA VAL G 161 15.80 -5.60 22.85
C VAL G 161 17.03 -4.76 22.61
N THR G 162 17.82 -5.12 21.60
CA THR G 162 19.09 -4.47 21.31
C THR G 162 18.91 -3.52 20.14
N TYR G 163 19.27 -2.25 20.35
CA TYR G 163 19.21 -1.21 19.33
C TYR G 163 20.63 -0.87 18.91
N VAL G 164 20.93 -1.02 17.62
CA VAL G 164 22.22 -0.65 17.07
C VAL G 164 22.11 0.75 16.48
N TYR G 165 23.02 1.63 16.91
CA TYR G 165 23.08 3.00 16.41
C TYR G 165 24.34 3.14 15.56
N GLN G 166 24.15 3.52 14.29
CA GLN G 166 25.26 3.58 13.35
C GLN G 166 25.30 4.95 12.68
N LEU G 167 26.51 5.49 12.56
CA LEU G 167 26.73 6.77 11.87
C LEU G 167 27.06 6.46 10.42
N ILE G 168 26.06 6.53 9.55
CA ILE G 168 26.22 6.30 8.12
C ILE G 168 26.27 7.66 7.45
N GLY G 169 27.46 8.07 7.02
CA GLY G 169 27.65 9.41 6.49
C GLY G 169 27.46 10.45 7.58
N ASP G 170 26.40 11.26 7.46
CA ASP G 170 26.04 12.22 8.50
C ASP G 170 24.88 11.75 9.35
N ASP G 171 24.09 10.79 8.87
CA ASP G 171 22.87 10.38 9.55
C ASP G 171 23.14 9.28 10.57
N VAL G 172 22.51 9.39 11.73
CA VAL G 172 22.48 8.31 12.71
C VAL G 172 21.25 7.46 12.41
N LYS G 173 21.49 6.18 12.13
CA LYS G 173 20.44 5.25 11.74
C LYS G 173 20.40 4.07 12.71
N VAL G 174 19.19 3.61 13.01
CA VAL G 174 18.96 2.64 14.07
C VAL G 174 18.27 1.40 13.50
N GLU G 175 18.73 0.24 13.94
CA GLU G 175 18.06 -1.03 13.68
C GLU G 175 17.79 -1.71 15.01
N ARG G 176 16.92 -2.72 14.99
CA ARG G 176 16.46 -3.36 16.22
C ARG G 176 16.48 -4.88 16.05
N ILE G 177 17.07 -5.55 17.05
CA ILE G 177 17.10 -7.00 17.12
C ILE G 177 16.65 -7.42 18.52
N GLU G 178 15.76 -8.40 18.59
CA GLU G 178 15.16 -8.83 19.86
C GLU G 178 15.51 -10.29 20.14
N TYR G 179 15.75 -10.58 21.42
CA TYR G 179 16.10 -11.93 21.85
C TYR G 179 15.33 -12.27 23.12
N LYS G 180 14.74 -13.46 23.14
CA LYS G 180 14.01 -13.97 24.29
C LYS G 180 14.73 -15.19 24.83
N LYS G 181 14.99 -15.20 26.14
CA LYS G 181 15.67 -16.35 26.75
C LYS G 181 14.74 -17.55 26.74
N PRO G 182 15.22 -18.73 26.32
CA PRO G 182 14.44 -19.98 26.32
C PRO G 182 13.88 -20.32 27.70
N ALA H 15 45.93 14.90 31.56
CA ALA H 15 44.82 14.68 30.66
C ALA H 15 44.97 15.49 29.38
N ASP H 16 45.44 16.73 29.52
CA ASP H 16 45.55 17.62 28.37
C ASP H 16 46.59 17.10 27.38
N GLU H 17 47.72 16.59 27.88
CA GLU H 17 48.76 16.09 27.00
C GLU H 17 48.26 14.91 26.16
N GLN H 18 47.57 13.97 26.79
CA GLN H 18 46.93 12.86 26.08
C GLN H 18 46.08 13.39 24.93
N SER H 19 45.07 14.19 25.29
CA SER H 19 44.05 14.58 24.33
C SER H 19 44.57 15.55 23.28
N LEU H 20 45.57 16.38 23.64
CA LEU H 20 46.13 17.35 22.70
C LEU H 20 46.55 16.68 21.40
N VAL H 21 47.41 15.66 21.49
CA VAL H 21 47.89 14.99 20.30
C VAL H 21 46.74 14.35 19.53
N GLY H 22 45.69 13.93 20.24
CA GLY H 22 44.50 13.45 19.55
C GLY H 22 43.76 14.56 18.84
N ARG H 23 43.50 15.66 19.55
CA ARG H 23 42.83 16.81 18.92
C ARG H 23 43.69 17.47 17.86
N PHE H 24 45.02 17.36 17.93
CA PHE H 24 45.85 17.96 16.89
C PHE H 24 45.83 17.11 15.63
N ILE H 25 46.02 15.80 15.75
CA ILE H 25 46.12 14.95 14.57
C ILE H 25 44.79 14.89 13.82
N HIS H 26 43.66 15.03 14.54
CA HIS H 26 42.37 15.11 13.88
C HIS H 26 42.29 16.32 12.97
N LEU H 27 43.27 17.21 13.06
CA LEU H 27 43.44 18.31 12.12
C LEU H 27 44.51 18.01 11.07
N LEU H 28 45.32 16.98 11.29
CA LEU H 28 46.33 16.57 10.32
C LEU H 28 45.72 15.88 9.10
N ARG H 29 44.52 15.30 9.24
CA ARG H 29 43.88 14.64 8.11
C ARG H 29 43.55 15.61 6.99
N SER H 30 43.45 16.91 7.28
CA SER H 30 43.23 17.90 6.24
C SER H 30 44.43 18.00 5.31
N GLU H 31 45.61 17.58 5.75
CA GLU H 31 46.82 17.64 4.93
C GLU H 31 46.85 16.47 3.95
N ASP H 32 47.33 16.74 2.75
CA ASP H 32 47.53 15.68 1.77
C ASP H 32 48.68 14.77 2.23
N PRO H 33 48.72 13.53 1.71
CA PRO H 33 49.65 12.53 2.30
C PRO H 33 51.11 12.96 2.32
N ASP H 34 51.60 13.62 1.28
CA ASP H 34 53.02 13.97 1.22
C ASP H 34 53.39 14.96 2.31
N GLN H 35 52.50 15.90 2.62
CA GLN H 35 52.77 16.85 3.69
C GLN H 35 52.59 16.23 5.07
N GLN H 36 51.74 15.21 5.19
CA GLN H 36 51.49 14.59 6.48
C GLN H 36 52.75 13.95 7.05
N TYR H 37 53.56 13.33 6.19
CA TYR H 37 54.83 12.76 6.65
C TYR H 37 55.76 13.85 7.18
N LEU H 38 55.86 14.97 6.46
CA LEU H 38 56.72 16.05 6.90
C LEU H 38 56.30 16.59 8.27
N ILE H 39 54.98 16.63 8.52
CA ILE H 39 54.49 17.15 9.79
C ILE H 39 54.71 16.15 10.91
N LEU H 40 54.49 14.86 10.64
CA LEU H 40 54.71 13.84 11.66
C LEU H 40 56.16 13.79 12.10
N ASN H 41 57.10 14.13 11.21
CA ASN H 41 58.51 14.10 11.58
C ASN H 41 58.85 15.23 12.53
N THR H 42 58.30 16.43 12.29
CA THR H 42 58.52 17.53 13.23
C THR H 42 57.69 17.37 14.50
N ALA H 43 56.56 16.65 14.41
CA ALA H 43 55.73 16.44 15.59
C ALA H 43 56.48 15.63 16.65
N ARG H 44 57.07 14.50 16.23
CA ARG H 44 57.83 13.69 17.18
C ARG H 44 59.09 14.42 17.66
N LYS H 45 59.63 15.34 16.84
CA LYS H 45 60.73 16.16 17.30
C LYS H 45 60.27 17.13 18.38
N HIS H 46 59.03 17.63 18.26
CA HIS H 46 58.46 18.47 19.31
C HIS H 46 58.07 17.63 20.52
N PHE H 47 57.34 16.53 20.29
CA PHE H 47 56.89 15.69 21.39
C PHE H 47 58.02 14.88 22.00
N GLY H 48 59.14 14.73 21.30
CA GLY H 48 60.28 14.03 21.87
C GLY H 48 61.01 14.81 22.93
N ALA H 49 60.79 16.12 23.01
CA ALA H 49 61.42 16.94 24.04
C ALA H 49 60.68 16.90 25.37
N GLY H 50 59.50 16.27 25.42
CA GLY H 50 58.69 16.28 26.62
C GLY H 50 59.11 15.33 27.71
N GLY H 51 60.12 14.50 27.47
CA GLY H 51 60.58 13.55 28.47
C GLY H 51 59.93 12.19 28.32
N ASN H 52 60.28 11.31 29.27
CA ASN H 52 59.87 9.91 29.18
C ASN H 52 58.40 9.72 29.57
N GLN H 53 57.94 10.40 30.61
CA GLN H 53 56.58 10.18 31.07
C GLN H 53 55.53 10.81 30.16
N ARG H 54 55.92 11.82 29.37
CA ARG H 54 54.96 12.42 28.43
C ARG H 54 54.86 11.62 27.14
N ILE H 55 55.98 11.12 26.62
CA ILE H 55 55.97 10.36 25.37
C ILE H 55 55.25 9.04 25.49
N ARG H 56 54.96 8.58 26.71
CA ARG H 56 54.10 7.41 26.90
C ARG H 56 52.75 7.61 26.20
N PHE H 57 52.33 8.86 26.03
CA PHE H 57 50.98 9.17 25.58
C PHE H 57 50.93 10.02 24.32
N THR H 58 52.04 10.65 23.93
CA THR H 58 52.06 11.51 22.75
C THR H 58 52.53 10.79 21.50
N LEU H 59 53.55 9.94 21.63
CA LEU H 59 54.13 9.20 20.50
C LEU H 59 53.21 8.13 19.91
N PRO H 60 52.51 7.32 20.70
CA PRO H 60 51.70 6.23 20.10
C PRO H 60 50.68 6.73 19.09
N PRO H 61 50.01 7.87 19.31
CA PRO H 61 49.16 8.40 18.23
C PRO H 61 49.91 8.68 16.94
N LEU H 62 51.17 9.09 17.03
CA LEU H 62 51.97 9.30 15.82
C LEU H 62 52.25 7.98 15.10
N VAL H 63 52.37 6.88 15.85
CA VAL H 63 52.66 5.59 15.23
C VAL H 63 51.46 5.09 14.45
N PHE H 64 50.25 5.25 15.01
CA PHE H 64 49.05 4.82 14.32
C PHE H 64 48.77 5.70 13.10
N ALA H 65 48.98 7.01 13.23
CA ALA H 65 48.85 7.89 12.08
C ALA H 65 49.86 7.54 11.01
N ALA H 66 51.02 7.01 11.40
CA ALA H 66 51.98 6.52 10.42
C ALA H 66 51.42 5.33 9.65
N TYR H 67 50.79 4.40 10.37
CA TYR H 67 50.18 3.25 9.70
C TYR H 67 49.03 3.68 8.81
N GLN H 68 48.25 4.67 9.27
CA GLN H 68 47.19 5.22 8.44
C GLN H 68 47.75 5.86 7.17
N LEU H 69 48.87 6.56 7.28
CA LEU H 69 49.47 7.22 6.13
C LEU H 69 49.96 6.21 5.10
N ALA H 70 50.47 5.07 5.55
CA ALA H 70 50.96 4.05 4.63
C ALA H 70 49.82 3.43 3.83
N PHE H 71 48.63 3.30 4.42
CA PHE H 71 47.48 2.84 3.68
C PHE H 71 47.00 3.90 2.69
N ARG H 72 47.11 5.18 3.06
CA ARG H 72 46.69 6.25 2.17
C ARG H 72 47.55 6.31 0.92
N TYR H 73 48.85 6.00 1.05
CA TYR H 73 49.72 5.98 -0.12
C TYR H 73 49.36 4.85 -1.07
N LYS H 74 48.87 3.71 -0.54
CA LYS H 74 48.43 2.64 -1.40
C LYS H 74 47.16 2.98 -2.16
N GLU H 75 46.37 3.92 -1.64
CA GLU H 75 45.21 4.40 -2.40
C GLU H 75 45.65 5.19 -3.62
N ASN H 76 46.71 6.00 -3.48
CA ASN H 76 47.29 6.74 -4.59
C ASN H 76 48.40 5.96 -5.28
N SER H 77 48.24 4.64 -5.40
CA SER H 77 49.30 3.81 -5.98
C SER H 77 49.47 4.08 -7.47
N LYS H 78 48.36 4.17 -8.20
CA LYS H 78 48.41 4.40 -9.64
C LYS H 78 48.65 5.87 -9.99
N VAL H 79 48.49 6.78 -9.04
CA VAL H 79 48.79 8.19 -9.29
C VAL H 79 50.25 8.50 -8.97
N ASP H 80 50.77 7.96 -7.88
CA ASP H 80 52.13 8.21 -7.43
C ASP H 80 52.91 6.89 -7.50
N ASP H 81 53.89 6.84 -8.41
CA ASP H 81 54.65 5.61 -8.61
C ASP H 81 55.77 5.42 -7.60
N LYS H 82 56.07 6.44 -6.77
CA LYS H 82 57.05 6.31 -5.71
C LYS H 82 56.40 5.98 -4.36
N TRP H 83 55.25 5.30 -4.39
CA TRP H 83 54.49 5.04 -3.17
C TRP H 83 55.08 3.91 -2.33
N GLU H 84 55.84 2.99 -2.93
CA GLU H 84 56.44 1.92 -2.14
C GLU H 84 57.65 2.41 -1.35
N LYS H 85 58.47 3.28 -1.95
CA LYS H 85 59.55 3.91 -1.21
C LYS H 85 59.02 4.72 -0.04
N LYS H 86 57.88 5.40 -0.24
CA LYS H 86 57.27 6.16 0.86
C LYS H 86 56.79 5.24 1.97
N CYS H 87 56.20 4.10 1.61
CA CYS H 87 55.76 3.14 2.64
C CYS H 87 56.94 2.64 3.46
N GLN H 88 58.08 2.39 2.81
CA GLN H 88 59.28 1.98 3.54
C GLN H 88 59.75 3.08 4.49
N LYS H 89 59.56 4.34 4.10
CA LYS H 89 60.04 5.44 4.93
C LYS H 89 59.15 5.66 6.15
N ILE H 90 57.86 5.32 6.04
CA ILE H 90 56.96 5.50 7.18
C ILE H 90 57.20 4.42 8.23
N PHE H 91 57.31 3.16 7.80
CA PHE H 91 57.53 2.07 8.74
C PHE H 91 58.88 2.21 9.43
N SER H 92 59.87 2.78 8.74
CA SER H 92 61.13 3.12 9.40
C SER H 92 60.91 4.23 10.42
N PHE H 93 60.06 5.21 10.09
CA PHE H 93 59.69 6.24 11.06
C PHE H 93 58.97 5.63 12.25
N ALA H 94 58.05 4.69 12.01
CA ALA H 94 57.35 4.04 13.10
C ALA H 94 58.30 3.18 13.93
N HIS H 95 59.26 2.52 13.26
CA HIS H 95 60.25 1.72 13.99
C HIS H 95 61.09 2.60 14.92
N GLN H 96 61.34 3.85 14.52
CA GLN H 96 62.10 4.75 15.38
C GLN H 96 61.22 5.40 16.44
N THR H 97 59.94 5.65 16.13
CA THR H 97 59.04 6.23 17.12
C THR H 97 58.75 5.25 18.25
N ILE H 98 58.63 3.96 17.92
CA ILE H 98 58.39 2.95 18.95
C ILE H 98 59.67 2.65 19.73
N SER H 99 60.81 2.67 19.05
CA SER H 99 62.09 2.45 19.73
C SER H 99 62.38 3.56 20.74
N ALA H 100 61.86 4.77 20.50
CA ALA H 100 61.99 5.84 21.48
C ALA H 100 61.22 5.53 22.75
N LEU H 101 60.16 4.74 22.66
CA LEU H 101 59.41 4.31 23.84
C LEU H 101 60.12 3.21 24.62
N ILE H 102 61.02 2.47 23.96
CA ILE H 102 61.75 1.41 24.66
C ILE H 102 62.85 2.01 25.54
N LYS H 103 63.51 3.07 25.05
CA LYS H 103 64.52 3.74 25.85
C LYS H 103 63.91 4.34 27.12
N ALA H 104 62.64 4.73 27.07
CA ALA H 104 61.92 5.23 28.24
C ALA H 104 61.47 4.11 29.17
N GLU H 105 62.01 2.90 29.00
CA GLU H 105 61.74 1.76 29.87
C GLU H 105 60.26 1.36 29.82
N LEU H 106 59.81 1.03 28.61
CA LEU H 106 58.47 0.52 28.37
C LEU H 106 58.55 -0.77 27.58
N ALA H 107 57.54 -1.62 27.73
CA ALA H 107 57.55 -2.93 27.08
C ALA H 107 56.16 -3.34 26.61
N GLU H 108 55.15 -3.15 27.47
CA GLU H 108 53.81 -3.59 27.15
C GLU H 108 53.26 -2.84 25.95
N LEU H 109 53.38 -1.51 25.94
CA LEU H 109 52.85 -0.73 24.82
C LEU H 109 53.66 -0.89 23.54
N PRO H 110 55.00 -0.76 23.55
CA PRO H 110 55.74 -0.90 22.29
C PRO H 110 55.58 -2.26 21.64
N LEU H 111 55.46 -3.33 22.43
CA LEU H 111 55.23 -4.66 21.86
C LEU H 111 53.92 -4.69 21.08
N ARG H 112 52.87 -4.07 21.64
CA ARG H 112 51.58 -4.06 20.96
C ARG H 112 51.59 -3.13 19.75
N LEU H 113 52.43 -2.10 19.78
CA LEU H 113 52.59 -1.25 18.60
C LEU H 113 53.37 -1.97 17.51
N PHE H 114 54.37 -2.77 17.89
CA PHE H 114 55.11 -3.54 16.91
C PHE H 114 54.22 -4.59 16.25
N LEU H 115 53.28 -5.15 17.00
CA LEU H 115 52.35 -6.12 16.41
C LEU H 115 51.42 -5.46 15.41
N GLN H 116 50.97 -4.23 15.71
CA GLN H 116 50.10 -3.51 14.78
C GLN H 116 50.83 -3.13 13.50
N GLY H 117 52.12 -2.84 13.59
CA GLY H 117 52.89 -2.51 12.40
C GLY H 117 53.11 -3.72 11.51
N ALA H 118 53.30 -4.90 12.10
CA ALA H 118 53.44 -6.10 11.30
C ALA H 118 52.14 -6.44 10.58
N LEU H 119 51.00 -6.12 11.20
CA LEU H 119 49.72 -6.32 10.54
C LEU H 119 49.58 -5.42 9.32
N ALA H 120 49.83 -4.12 9.49
CA ALA H 120 49.67 -3.19 8.38
C ALA H 120 50.68 -3.46 7.26
N ALA H 121 51.91 -3.81 7.63
CA ALA H 121 52.93 -4.08 6.62
C ALA H 121 52.55 -5.29 5.78
N GLY H 122 51.95 -6.31 6.41
CA GLY H 122 51.51 -7.48 5.67
C GLY H 122 50.25 -7.26 4.86
N GLU H 123 49.46 -6.24 5.19
CA GLU H 123 48.22 -5.95 4.48
C GLU H 123 48.43 -5.05 3.27
N ILE H 124 49.41 -4.15 3.31
CA ILE H 124 49.60 -3.20 2.22
C ILE H 124 50.24 -3.88 1.02
N GLY H 125 51.42 -4.45 1.20
CA GLY H 125 52.07 -5.18 0.13
C GLY H 125 53.09 -4.40 -0.66
N PHE H 126 53.59 -3.29 -0.13
CA PHE H 126 54.68 -2.57 -0.78
C PHE H 126 55.92 -3.47 -0.87
N GLU H 127 56.81 -3.14 -1.80
CA GLU H 127 58.00 -3.95 -1.97
C GLU H 127 58.83 -3.94 -0.69
N ASN H 128 59.35 -5.12 -0.33
CA ASN H 128 60.08 -5.34 0.92
C ASN H 128 59.19 -5.19 2.15
N HIS H 129 57.91 -5.55 2.05
CA HIS H 129 57.02 -5.48 3.20
C HIS H 129 57.15 -6.69 4.10
N GLU H 130 57.49 -7.85 3.52
CA GLU H 130 57.69 -9.05 4.34
C GLU H 130 58.86 -8.87 5.31
N THR H 131 59.93 -8.23 4.85
CA THR H 131 61.06 -7.94 5.73
C THR H 131 60.66 -6.97 6.84
N VAL H 132 59.79 -6.01 6.52
CA VAL H 132 59.33 -5.07 7.54
C VAL H 132 58.45 -5.79 8.56
N ALA H 133 57.53 -6.64 8.09
CA ALA H 133 56.65 -7.36 9.01
C ALA H 133 57.45 -8.31 9.91
N TYR H 134 58.46 -8.96 9.35
CA TYR H 134 59.29 -9.86 10.15
C TYR H 134 60.08 -9.09 11.20
N GLU H 135 60.66 -7.96 10.82
CA GLU H 135 61.41 -7.15 11.79
C GLU H 135 60.50 -6.64 12.89
N PHE H 136 59.27 -6.25 12.54
CA PHE H 136 58.31 -5.81 13.55
C PHE H 136 57.89 -6.96 14.45
N MET H 137 57.71 -8.16 13.88
CA MET H 137 57.33 -9.31 14.69
C MET H 137 58.47 -9.73 15.61
N SER H 138 59.68 -9.87 15.06
CA SER H 138 60.81 -10.28 15.87
C SER H 138 61.13 -9.27 16.96
N GLN H 139 60.90 -7.98 16.69
CA GLN H 139 61.12 -6.97 17.72
C GLN H 139 60.12 -7.08 18.84
N ALA H 140 58.88 -7.48 18.52
CA ALA H 140 57.89 -7.72 19.57
C ALA H 140 58.29 -8.94 20.41
N PHE H 141 58.89 -9.95 19.78
CA PHE H 141 59.38 -11.10 20.53
C PHE H 141 60.50 -10.70 21.48
N SER H 142 61.35 -9.77 21.06
CA SER H 142 62.45 -9.33 21.92
C SER H 142 61.93 -8.63 23.16
N LEU H 143 60.85 -7.86 23.03
CA LEU H 143 60.26 -7.21 24.19
C LEU H 143 59.51 -8.19 25.08
N TYR H 144 58.97 -9.26 24.50
CA TYR H 144 58.32 -10.30 25.29
C TYR H 144 59.34 -11.07 26.13
N GLU H 145 60.48 -11.44 25.53
CA GLU H 145 61.45 -12.26 26.23
C GLU H 145 62.27 -11.44 27.22
N ASP H 146 62.76 -10.28 26.80
CA ASP H 146 63.73 -9.53 27.59
C ASP H 146 63.10 -8.61 28.63
N GLU H 147 61.81 -8.29 28.51
CA GLU H 147 61.23 -7.23 29.34
C GLU H 147 59.89 -7.58 29.98
N ILE H 148 59.33 -8.76 29.73
CA ILE H 148 58.06 -9.16 30.31
C ILE H 148 58.28 -10.39 31.16
N SER H 149 57.82 -10.34 32.41
CA SER H 149 58.07 -11.41 33.36
C SER H 149 57.03 -11.46 34.47
N ASP H 150 55.76 -11.65 34.09
CA ASP H 150 54.68 -11.79 35.07
C ASP H 150 53.65 -12.72 34.45
N SER H 151 53.29 -13.77 35.19
CA SER H 151 52.57 -14.91 34.61
C SER H 151 51.34 -14.48 33.82
N LYS H 152 50.47 -13.67 34.43
CA LYS H 152 49.26 -13.24 33.75
C LYS H 152 49.52 -12.11 32.77
N ALA H 153 50.63 -11.36 32.94
CA ALA H 153 51.03 -10.39 31.92
C ALA H 153 51.75 -11.07 30.77
N GLN H 154 52.49 -12.15 31.04
CA GLN H 154 53.09 -12.93 29.97
C GLN H 154 52.03 -13.60 29.11
N LEU H 155 51.05 -14.23 29.76
CA LEU H 155 49.97 -14.89 29.01
C LEU H 155 49.17 -13.88 28.20
N ALA H 156 48.99 -12.66 28.73
CA ALA H 156 48.29 -11.62 27.99
C ALA H 156 49.15 -11.04 26.87
N ALA H 157 50.48 -11.14 26.97
CA ALA H 157 51.33 -10.63 25.90
C ALA H 157 51.47 -11.62 24.76
N ILE H 158 51.61 -12.91 25.08
CA ILE H 158 51.80 -13.92 24.03
C ILE H 158 50.50 -14.27 23.33
N THR H 159 49.34 -14.07 23.97
CA THR H 159 48.08 -14.30 23.28
C THR H 159 47.82 -13.24 22.22
N LEU H 160 48.46 -12.08 22.33
CA LEU H 160 48.40 -11.07 21.28
C LEU H 160 49.37 -11.41 20.15
N ILE H 161 50.56 -11.90 20.50
CA ILE H 161 51.52 -12.32 19.48
C ILE H 161 50.95 -13.47 18.66
N ILE H 162 50.34 -14.45 19.33
CA ILE H 162 49.74 -15.57 18.62
C ILE H 162 48.53 -15.11 17.82
N GLY H 163 47.67 -14.29 18.43
CA GLY H 163 46.50 -13.80 17.73
C GLY H 163 46.83 -12.93 16.55
N THR H 164 47.92 -12.14 16.64
CA THR H 164 48.35 -11.34 15.51
C THR H 164 48.99 -12.23 14.43
N PHE H 165 49.85 -13.16 14.84
CA PHE H 165 50.52 -14.03 13.88
C PHE H 165 49.53 -14.94 13.17
N GLU H 166 48.39 -15.24 13.80
CA GLU H 166 47.39 -16.09 13.17
C GLU H 166 46.78 -15.41 11.95
N ARG H 167 46.59 -14.10 12.01
CA ARG H 167 45.98 -13.36 10.93
C ARG H 167 46.93 -13.07 9.77
N MET H 168 48.24 -13.23 9.98
CA MET H 168 49.20 -12.88 8.94
C MET H 168 49.17 -13.91 7.81
N LYS H 169 49.45 -13.43 6.60
CA LYS H 169 49.50 -14.29 5.42
C LYS H 169 50.61 -13.90 4.45
N CYS H 170 51.51 -12.99 4.84
CA CYS H 170 52.52 -12.46 3.94
C CYS H 170 53.86 -13.17 4.03
N PHE H 171 54.04 -14.08 4.99
CA PHE H 171 55.31 -14.75 5.17
C PHE H 171 55.41 -15.98 4.28
N SER H 172 56.58 -16.18 3.69
CA SER H 172 56.88 -17.45 3.05
C SER H 172 57.20 -18.51 4.12
N GLU H 173 57.32 -19.75 3.68
CA GLU H 173 57.52 -20.85 4.63
C GLU H 173 58.85 -20.72 5.36
N GLU H 174 59.87 -20.15 4.71
CA GLU H 174 61.17 -20.00 5.36
C GLU H 174 61.13 -19.00 6.50
N ASN H 175 60.17 -18.07 6.49
CA ASN H 175 59.99 -17.12 7.58
C ASN H 175 58.83 -17.49 8.49
N HIS H 176 57.83 -18.20 7.98
CA HIS H 176 56.69 -18.59 8.80
C HIS H 176 57.06 -19.68 9.79
N GLU H 177 57.97 -20.59 9.42
CA GLU H 177 58.30 -21.71 10.31
C GLU H 177 59.04 -21.26 11.56
N PRO H 178 60.07 -20.39 11.49
CA PRO H 178 60.71 -19.95 12.75
C PRO H 178 59.75 -19.25 13.69
N LEU H 179 58.88 -18.38 13.18
CA LEU H 179 57.90 -17.73 14.03
C LEU H 179 56.89 -18.72 14.58
N ARG H 180 56.53 -19.73 13.79
CA ARG H 180 55.56 -20.72 14.23
C ARG H 180 56.09 -21.53 15.41
N THR H 181 57.29 -22.08 15.27
CA THR H 181 57.88 -22.88 16.34
C THR H 181 58.35 -22.02 17.51
N GLN H 182 58.56 -20.72 17.29
CA GLN H 182 58.92 -19.83 18.40
C GLN H 182 57.71 -19.56 19.28
N CYS H 183 56.52 -19.42 18.68
CA CYS H 183 55.31 -19.22 19.47
C CYS H 183 55.01 -20.45 20.33
N ALA H 184 55.29 -21.65 19.80
CA ALA H 184 55.06 -22.86 20.57
C ALA H 184 56.08 -23.02 21.69
N LEU H 185 57.33 -22.63 21.43
CA LEU H 185 58.36 -22.75 22.45
C LEU H 185 58.11 -21.81 23.63
N ALA H 186 57.85 -20.54 23.34
CA ALA H 186 57.59 -19.58 24.41
C ALA H 186 56.29 -19.87 25.13
N ALA H 187 55.33 -20.50 24.46
CA ALA H 187 54.07 -20.83 25.11
C ALA H 187 54.24 -21.92 26.16
N SER H 188 55.02 -22.95 25.84
CA SER H 188 55.26 -24.06 26.76
C SER H 188 56.28 -23.71 27.83
N LYS H 189 56.71 -22.46 27.95
CA LYS H 189 57.70 -22.05 28.93
C LYS H 189 57.20 -20.92 29.82
N LEU H 190 55.88 -20.77 29.96
CA LEU H 190 55.33 -19.77 30.85
C LEU H 190 55.63 -20.14 32.31
N LEU H 191 55.25 -19.25 33.21
CA LEU H 191 55.53 -19.47 34.63
C LEU H 191 54.71 -20.62 35.19
N LYS H 192 53.39 -20.50 35.13
CA LYS H 192 52.49 -21.46 35.76
C LYS H 192 52.08 -22.51 34.75
N LYS H 193 51.91 -23.75 35.23
CA LYS H 193 51.43 -24.83 34.37
C LYS H 193 50.08 -24.53 33.75
N PRO H 194 49.06 -24.03 34.47
CA PRO H 194 47.77 -23.75 33.80
C PRO H 194 47.89 -22.78 32.64
N ASP H 195 48.70 -21.73 32.78
CA ASP H 195 48.85 -20.78 31.69
C ASP H 195 49.61 -21.39 30.51
N GLN H 196 50.48 -22.37 30.78
CA GLN H 196 51.15 -23.07 29.69
C GLN H 196 50.16 -23.89 28.86
N GLY H 197 49.27 -24.62 29.53
CA GLY H 197 48.30 -25.43 28.82
C GLY H 197 47.38 -24.59 27.94
N ARG H 198 47.02 -23.40 28.42
CA ARG H 198 46.21 -22.50 27.61
C ARG H 198 46.99 -21.97 26.41
N ALA H 199 48.24 -21.57 26.64
CA ALA H 199 49.02 -20.97 25.57
C ALA H 199 49.41 -21.98 24.50
N VAL H 200 49.71 -23.21 24.91
CA VAL H 200 50.04 -24.25 23.93
C VAL H 200 48.81 -24.64 23.13
N SER H 201 47.66 -24.77 23.79
CA SER H 201 46.43 -25.10 23.08
C SER H 201 45.98 -23.95 22.19
N THR H 202 46.31 -22.71 22.55
CA THR H 202 46.01 -21.58 21.69
C THR H 202 46.90 -21.58 20.45
N CYS H 203 48.10 -22.12 20.57
CA CYS H 203 49.03 -22.19 19.44
C CYS H 203 48.57 -23.16 18.35
N ALA H 204 47.56 -23.99 18.63
CA ALA H 204 47.10 -24.95 17.63
C ALA H 204 46.49 -24.27 16.42
N HIS H 205 45.93 -23.07 16.58
CA HIS H 205 45.35 -22.35 15.45
C HIS H 205 46.42 -21.85 14.48
N LEU H 206 47.68 -21.76 14.92
CA LEU H 206 48.74 -21.32 14.02
C LEU H 206 49.05 -22.38 12.98
N PHE H 207 48.98 -23.65 13.36
CA PHE H 207 49.27 -24.74 12.43
C PHE H 207 48.08 -25.08 11.53
N TRP H 208 46.88 -24.67 11.90
CA TRP H 208 45.67 -24.98 11.12
C TRP H 208 45.33 -23.82 10.18
N SER H 209 44.93 -22.69 10.75
CA SER H 209 44.41 -21.57 9.98
C SER H 209 45.48 -20.52 9.66
N GLY H 210 46.76 -20.84 9.86
CA GLY H 210 47.82 -19.92 9.45
C GLY H 210 48.13 -20.09 7.97
N ARG H 211 48.46 -18.97 7.33
CA ARG H 211 48.72 -18.95 5.90
C ARG H 211 50.14 -18.52 5.61
N ASN H 212 50.78 -19.23 4.67
CA ASN H 212 52.04 -18.82 4.08
C ASN H 212 51.85 -18.67 2.58
N THR H 213 52.84 -18.07 1.92
CA THR H 213 52.74 -17.72 0.51
C THR H 213 53.17 -18.85 -0.42
N ASP H 214 53.23 -20.09 0.07
CA ASP H 214 53.54 -21.23 -0.77
C ASP H 214 52.31 -22.07 -1.11
N LYS H 215 51.18 -21.84 -0.44
CA LYS H 215 49.99 -22.65 -0.60
C LYS H 215 48.93 -21.97 -1.47
N ASN H 216 49.33 -20.99 -2.28
CA ASN H 216 48.40 -20.18 -3.06
C ASN H 216 47.36 -19.51 -2.15
N GLY H 217 47.82 -18.99 -1.01
CA GLY H 217 46.94 -18.33 -0.08
C GLY H 217 46.04 -19.24 0.72
N GLU H 218 46.29 -20.55 0.71
CA GLU H 218 45.44 -21.50 1.42
C GLU H 218 45.98 -21.72 2.84
N GLU H 219 45.10 -22.23 3.70
CA GLU H 219 45.47 -22.52 5.08
C GLU H 219 46.32 -23.79 5.15
N LEU H 220 47.16 -23.86 6.17
CA LEU H 220 48.11 -24.96 6.29
C LEU H 220 47.41 -26.30 6.51
N HIS H 221 46.49 -26.35 7.47
CA HIS H 221 45.75 -27.56 7.81
C HIS H 221 46.68 -28.69 8.22
N GLY H 222 47.66 -28.37 9.07
CA GLY H 222 48.55 -29.37 9.60
C GLY H 222 47.91 -30.17 10.72
N GLY H 223 47.18 -31.22 10.36
CA GLY H 223 46.38 -31.93 11.35
C GLY H 223 47.19 -32.59 12.44
N LYS H 224 48.38 -33.10 12.09
CA LYS H 224 49.20 -33.79 13.09
C LYS H 224 49.75 -32.78 14.11
N ARG H 225 50.26 -31.65 13.64
CA ARG H 225 50.78 -30.64 14.56
C ARG H 225 49.69 -30.05 15.42
N VAL H 226 48.45 -29.97 14.90
CA VAL H 226 47.33 -29.50 15.71
C VAL H 226 47.13 -30.41 16.91
N MET H 227 47.32 -31.72 16.73
CA MET H 227 47.18 -32.65 17.84
C MET H 227 48.37 -32.56 18.79
N GLU H 228 49.58 -32.42 18.26
CA GLU H 228 50.77 -32.38 19.10
C GLU H 228 50.66 -31.33 20.19
N CYS H 229 50.09 -30.17 19.87
CA CYS H 229 49.88 -29.14 20.87
C CYS H 229 48.83 -29.57 21.88
N LEU H 230 47.74 -30.19 21.41
CA LEU H 230 46.66 -30.59 22.31
C LEU H 230 47.08 -31.79 23.16
N LYS H 231 47.84 -32.72 22.59
CA LYS H 231 48.43 -33.79 23.41
C LYS H 231 49.40 -33.21 24.43
N LYS H 232 50.19 -32.21 24.02
CA LYS H 232 51.09 -31.55 24.95
C LYS H 232 50.34 -30.67 25.94
N ALA H 233 49.18 -30.14 25.55
CA ALA H 233 48.38 -29.35 26.47
C ALA H 233 47.71 -30.23 27.53
N LEU H 234 47.41 -31.49 27.18
CA LEU H 234 46.84 -32.40 28.16
C LEU H 234 47.90 -32.90 29.14
N LYS H 235 49.13 -33.11 28.65
CA LYS H 235 50.24 -33.47 29.53
C LYS H 235 50.45 -32.40 30.60
N ILE H 236 50.42 -31.13 30.20
CA ILE H 236 50.60 -30.04 31.15
C ILE H 236 49.42 -29.97 32.11
N ALA H 237 48.22 -30.30 31.64
CA ALA H 237 47.04 -30.27 32.49
C ALA H 237 47.12 -31.29 33.62
N ASN H 238 47.76 -32.44 33.37
CA ASN H 238 47.82 -33.49 34.38
C ASN H 238 48.68 -33.08 35.57
N GLN H 239 49.63 -32.17 35.36
CA GLN H 239 50.62 -31.82 36.38
C GLN H 239 50.28 -30.53 37.11
N CYS H 240 49.00 -30.20 37.22
CA CYS H 240 48.59 -28.93 37.79
C CYS H 240 48.44 -29.02 39.30
N MET H 241 48.50 -27.85 39.94
CA MET H 241 48.45 -27.75 41.40
C MET H 241 47.04 -27.91 41.96
N ASP H 242 46.02 -27.51 41.20
CA ASP H 242 44.67 -27.38 41.73
C ASP H 242 43.74 -28.29 40.95
N PRO H 243 43.04 -29.22 41.61
CA PRO H 243 42.06 -30.05 40.88
C PRO H 243 40.98 -29.21 40.21
N SER H 244 40.67 -28.03 40.76
CA SER H 244 39.76 -27.12 40.07
C SER H 244 40.37 -26.64 38.76
N LEU H 245 41.59 -26.10 38.81
CA LEU H 245 42.27 -25.67 37.59
C LEU H 245 42.60 -26.84 36.69
N GLN H 246 42.78 -28.03 37.27
CA GLN H 246 43.06 -29.22 36.47
C GLN H 246 41.87 -29.57 35.59
N VAL H 247 40.69 -29.72 36.20
CA VAL H 247 39.50 -30.07 35.44
C VAL H 247 39.06 -28.92 34.56
N GLN H 248 39.18 -27.68 35.05
CA GLN H 248 38.85 -26.52 34.24
C GLN H 248 39.67 -26.49 32.96
N LEU H 249 40.93 -26.92 33.03
CA LEU H 249 41.76 -27.00 31.84
C LEU H 249 41.41 -28.21 30.99
N PHE H 250 40.91 -29.29 31.60
CA PHE H 250 40.50 -30.45 30.83
C PHE H 250 39.29 -30.13 29.94
N ILE H 251 38.32 -29.39 30.48
CA ILE H 251 37.14 -29.04 29.69
C ILE H 251 37.51 -28.02 28.62
N GLU H 252 38.49 -27.15 28.89
CA GLU H 252 38.94 -26.20 27.89
C GLU H 252 39.58 -26.91 26.70
N ILE H 253 40.44 -27.90 26.98
CA ILE H 253 41.08 -28.65 25.92
C ILE H 253 40.06 -29.49 25.16
N LEU H 254 39.06 -30.02 25.89
CA LEU H 254 37.97 -30.75 25.23
C LEU H 254 37.26 -29.88 24.21
N ASN H 255 36.97 -28.63 24.58
CA ASN H 255 36.32 -27.72 23.64
C ASN H 255 37.23 -27.36 22.48
N ARG H 256 38.55 -27.35 22.71
CA ARG H 256 39.48 -27.09 21.61
C ARG H 256 39.54 -28.25 20.63
N TYR H 257 39.40 -29.48 21.13
CA TYR H 257 39.26 -30.63 20.23
C TYR H 257 37.98 -30.51 19.40
N ILE H 258 36.90 -30.02 20.01
CA ILE H 258 35.63 -29.90 19.31
C ILE H 258 35.73 -28.87 18.19
N TYR H 259 36.51 -27.81 18.38
CA TYR H 259 36.70 -26.82 17.33
C TYR H 259 37.26 -27.46 16.07
N PHE H 260 38.38 -28.16 16.19
CA PHE H 260 38.99 -28.79 15.02
C PHE H 260 38.18 -29.98 14.52
N TYR H 261 37.46 -30.66 15.42
CA TYR H 261 36.60 -31.76 14.99
C TYR H 261 35.55 -31.27 14.01
N GLU H 262 34.93 -30.13 14.30
CA GLU H 262 33.92 -29.57 13.40
C GLU H 262 34.52 -28.92 12.17
N LYS H 263 35.79 -28.52 12.23
CA LYS H 263 36.48 -27.94 11.08
C LYS H 263 37.07 -29.00 10.15
N GLU H 264 36.63 -30.26 10.29
CA GLU H 264 37.05 -31.35 9.42
C GLU H 264 38.56 -31.62 9.54
N ASN H 265 39.02 -31.75 10.79
CA ASN H 265 40.38 -32.20 11.05
C ASN H 265 40.35 -33.72 11.16
N ASP H 266 41.11 -34.39 10.28
CA ASP H 266 41.10 -35.85 10.24
C ASP H 266 41.66 -36.45 11.52
N ALA H 267 42.65 -35.81 12.13
CA ALA H 267 43.34 -36.37 13.28
C ALA H 267 42.53 -36.31 14.57
N VAL H 268 41.34 -35.72 14.55
CA VAL H 268 40.47 -35.67 15.72
C VAL H 268 39.36 -36.69 15.52
N THR H 269 39.38 -37.76 16.30
CA THR H 269 38.39 -38.82 16.23
C THR H 269 37.55 -38.84 17.50
N ILE H 270 36.34 -39.40 17.39
CA ILE H 270 35.42 -39.46 18.52
C ILE H 270 36.00 -40.26 19.68
N GLN H 271 36.99 -41.12 19.41
CA GLN H 271 37.64 -41.84 20.49
C GLN H 271 38.41 -40.89 21.41
N VAL H 272 39.04 -39.88 20.83
CA VAL H 272 39.79 -38.90 21.64
C VAL H 272 38.83 -38.10 22.50
N LEU H 273 37.64 -37.78 21.97
CA LEU H 273 36.67 -37.01 22.75
C LEU H 273 36.13 -37.83 23.92
N ASN H 274 35.71 -39.07 23.66
CA ASN H 274 35.11 -39.89 24.70
C ASN H 274 36.10 -40.19 25.83
N GLN H 275 37.40 -40.22 25.51
CA GLN H 275 38.41 -40.43 26.55
C GLN H 275 38.41 -39.28 27.55
N LEU H 276 38.26 -38.05 27.06
CA LEU H 276 38.41 -36.88 27.93
C LEU H 276 37.13 -36.61 28.71
N ILE H 277 35.97 -36.85 28.12
CA ILE H 277 34.72 -36.62 28.85
C ILE H 277 34.57 -37.63 29.99
N GLN H 278 35.14 -38.83 29.84
CA GLN H 278 35.15 -39.77 30.96
C GLN H 278 36.17 -39.35 32.01
N LYS H 279 37.35 -38.91 31.57
CA LYS H 279 38.35 -38.40 32.50
C LYS H 279 37.81 -37.21 33.30
N ILE H 280 36.95 -36.40 32.70
CA ILE H 280 36.31 -35.31 33.43
C ILE H 280 35.19 -35.85 34.30
N ARG H 281 34.46 -36.87 33.84
CA ARG H 281 33.41 -37.47 34.66
C ARG H 281 33.97 -38.06 35.94
N GLU H 282 35.25 -38.47 35.92
CA GLU H 282 35.85 -39.09 37.11
C GLU H 282 36.28 -38.05 38.12
N ASP H 283 37.03 -37.04 37.67
CA ASP H 283 37.67 -36.10 38.59
C ASP H 283 36.74 -34.96 39.02
N LEU H 284 35.62 -34.76 38.31
CA LEU H 284 34.74 -33.62 38.58
C LEU H 284 34.04 -33.73 39.94
N PRO H 285 33.53 -34.90 40.35
CA PRO H 285 32.95 -34.98 41.71
C PRO H 285 33.96 -34.76 42.82
N ASN H 286 35.26 -34.88 42.54
CA ASN H 286 36.30 -34.70 43.54
C ASN H 286 36.75 -33.25 43.65
N LEU H 287 35.81 -32.30 43.67
CA LEU H 287 36.11 -30.88 43.80
C LEU H 287 35.36 -30.30 44.98
N GLU H 288 35.83 -29.13 45.42
CA GLU H 288 35.15 -28.41 46.49
C GLU H 288 33.86 -27.80 45.97
N SER H 289 32.78 -27.94 46.75
CA SER H 289 31.52 -27.29 46.40
C SER H 289 31.68 -25.79 46.50
N SER H 290 31.70 -25.11 45.36
CA SER H 290 32.00 -23.68 45.34
C SER H 290 31.34 -23.03 44.13
N GLU H 291 31.39 -21.69 44.12
CA GLU H 291 31.00 -20.94 42.92
C GLU H 291 31.87 -21.31 41.73
N GLU H 292 33.15 -21.62 41.98
CA GLU H 292 34.06 -21.95 40.88
C GLU H 292 33.65 -23.25 40.20
N THR H 293 33.45 -24.31 40.99
CA THR H 293 33.10 -25.61 40.42
C THR H 293 31.66 -25.68 39.95
N GLU H 294 30.79 -24.79 40.44
CA GLU H 294 29.45 -24.69 39.86
C GLU H 294 29.52 -24.19 38.42
N GLN H 295 30.36 -23.19 38.17
CA GLN H 295 30.58 -22.73 36.80
C GLN H 295 31.36 -23.77 35.98
N ILE H 296 32.24 -24.53 36.64
CA ILE H 296 32.96 -25.60 35.95
C ILE H 296 31.99 -26.71 35.56
N ASN H 297 31.04 -27.03 36.44
CA ASN H 297 30.05 -28.05 36.13
C ASN H 297 29.19 -27.64 34.95
N LYS H 298 28.63 -26.43 35.00
CA LYS H 298 27.81 -25.93 33.89
C LYS H 298 28.62 -25.81 32.62
N HIS H 299 29.91 -25.51 32.72
CA HIS H 299 30.78 -25.49 31.55
C HIS H 299 30.86 -26.86 30.90
N PHE H 300 30.87 -27.92 31.70
CA PHE H 300 30.91 -29.27 31.16
C PHE H 300 29.55 -29.69 30.60
N HIS H 301 28.46 -29.16 31.15
CA HIS H 301 27.14 -29.47 30.62
C HIS H 301 26.93 -28.84 29.25
N ASN H 302 27.32 -27.57 29.10
CA ASN H 302 27.18 -26.91 27.81
C ASN H 302 28.05 -27.56 26.76
N THR H 303 29.20 -28.12 27.15
CA THR H 303 30.05 -28.84 26.21
C THR H 303 29.39 -30.12 25.75
N LEU H 304 28.77 -30.86 26.67
CA LEU H 304 28.09 -32.10 26.29
C LEU H 304 26.84 -31.80 25.46
N GLU H 305 26.10 -30.74 25.80
CA GLU H 305 24.93 -30.37 25.03
C GLU H 305 25.31 -29.90 23.63
N HIS H 306 26.46 -29.23 23.49
CA HIS H 306 26.93 -28.84 22.16
C HIS H 306 27.31 -30.07 21.32
N LEU H 307 28.02 -31.02 21.93
CA LEU H 307 28.36 -32.25 21.23
C LEU H 307 27.13 -33.06 20.88
N ARG H 308 26.02 -32.84 21.58
CA ARG H 308 24.81 -33.63 21.32
C ARG H 308 24.11 -33.15 20.06
N LEU H 309 24.11 -31.85 19.80
CA LEU H 309 23.65 -31.32 18.53
C LEU H 309 24.79 -31.33 17.52
N ASP I 1 23.54 -4.69 -15.09
CA ASP I 1 23.62 -4.37 -13.67
C ASP I 1 22.73 -3.18 -13.32
N ASP I 2 21.48 -3.46 -12.97
CA ASP I 2 20.55 -2.41 -12.62
C ASP I 2 20.94 -1.80 -11.27
N PRO I 3 20.56 -0.55 -11.01
CA PRO I 3 21.02 0.11 -9.77
C PRO I 3 20.44 -0.48 -8.50
N LEU I 4 19.30 -1.18 -8.59
CA LEU I 4 18.70 -1.83 -7.43
C LEU I 4 19.30 -3.22 -7.24
N ASN I 5 18.71 -4.22 -7.90
CA ASN I 5 19.28 -5.56 -7.99
C ASN I 5 19.51 -6.17 -6.60
N ALA I 6 18.42 -6.27 -5.84
CA ALA I 6 18.48 -6.86 -4.52
C ALA I 6 18.17 -8.35 -4.57
N ASP J 1 -57.34 64.56 -18.01
CA ASP J 1 -56.03 65.02 -17.57
C ASP J 1 -55.24 63.89 -16.91
N ASP J 2 -54.19 64.27 -16.17
CA ASP J 2 -53.35 63.33 -15.46
C ASP J 2 -53.02 63.90 -14.10
N PRO J 3 -52.77 63.05 -13.10
CA PRO J 3 -52.52 63.57 -11.74
C PRO J 3 -51.29 64.46 -11.64
N LEU J 4 -50.26 64.22 -12.44
CA LEU J 4 -49.04 65.02 -12.39
C LEU J 4 -49.06 66.18 -13.37
N ASN J 5 -50.12 66.33 -14.17
CA ASN J 5 -50.30 67.48 -15.05
C ASN J 5 -49.15 67.63 -16.03
N ALA J 6 -49.16 66.83 -17.09
CA ALA J 6 -48.10 66.91 -18.10
C ALA J 6 -48.30 68.11 -19.01
N ASP K 1 10.26 3.33 17.05
CA ASP K 1 11.12 4.42 17.46
C ASP K 1 12.29 3.92 18.28
N ASP K 2 12.96 4.84 18.97
CA ASP K 2 14.09 4.52 19.83
C ASP K 2 13.98 5.33 21.11
N PRO K 3 14.51 4.81 22.23
CA PRO K 3 14.35 5.53 23.51
C PRO K 3 14.97 6.91 23.51
N LEU K 4 16.06 7.13 22.78
CA LEU K 4 16.73 8.42 22.75
C LEU K 4 16.23 9.34 21.64
N ASN K 5 15.30 8.85 20.80
CA ASN K 5 14.65 9.67 19.78
C ASN K 5 15.67 10.28 18.81
N ALA K 6 16.16 9.48 17.87
CA ALA K 6 17.11 9.97 16.89
C ALA K 6 16.40 10.66 15.73
N ASP L 1 27.11 -32.23 0.43
CA ASP L 1 27.40 -33.58 0.90
C ASP L 1 26.11 -34.36 1.17
N ASP L 2 24.99 -33.65 1.15
CA ASP L 2 23.70 -34.28 1.34
C ASP L 2 23.33 -35.13 0.13
N PRO L 3 22.59 -36.24 0.34
CA PRO L 3 22.22 -37.11 -0.79
C PRO L 3 21.54 -36.36 -1.93
N LEU L 4 20.33 -35.88 -1.67
CA LEU L 4 19.69 -34.92 -2.57
C LEU L 4 20.34 -33.56 -2.33
N ASN L 5 21.38 -33.27 -3.12
CA ASN L 5 22.23 -32.12 -2.87
C ASN L 5 21.42 -30.85 -2.83
N ALA L 6 21.47 -30.14 -1.70
CA ALA L 6 20.72 -28.89 -1.59
C ALA L 6 21.18 -27.88 -2.62
N PHE L 7 22.47 -27.88 -2.95
CA PHE L 7 23.05 -26.89 -3.85
C PHE L 7 23.73 -27.52 -5.06
#